data_1QG2
# 
_entry.id   1QG2 
# 
_audit_conform.dict_name       mmcif_pdbx.dic 
_audit_conform.dict_version    5.389 
_audit_conform.dict_location   http://mmcif.pdb.org/dictionaries/ascii/mmcif_pdbx.dic 
# 
loop_
_database_2.database_id 
_database_2.database_code 
_database_2.pdbx_database_accession 
_database_2.pdbx_DOI 
PDB   1QG2         pdb_00001qg2 10.2210/pdb1qg2/pdb 
RCSB  RCSB000887   ?            ?                   
WWPDB D_1000000887 ?            ?                   
# 
loop_
_pdbx_audit_revision_history.ordinal 
_pdbx_audit_revision_history.data_content_type 
_pdbx_audit_revision_history.major_revision 
_pdbx_audit_revision_history.minor_revision 
_pdbx_audit_revision_history.revision_date 
1 'Structure model' 1 0 1999-06-11 
2 'Structure model' 1 1 2008-04-26 
3 'Structure model' 1 2 2011-07-13 
4 'Structure model' 1 3 2021-11-03 
5 'Structure model' 1 4 2023-12-27 
6 'Structure model' 1 5 2024-04-03 
# 
_pdbx_audit_revision_details.ordinal             1 
_pdbx_audit_revision_details.revision_ordinal    1 
_pdbx_audit_revision_details.data_content_type   'Structure model' 
_pdbx_audit_revision_details.provider            repository 
_pdbx_audit_revision_details.type                'Initial release' 
_pdbx_audit_revision_details.description         ? 
_pdbx_audit_revision_details.details             ? 
# 
loop_
_pdbx_audit_revision_group.ordinal 
_pdbx_audit_revision_group.revision_ordinal 
_pdbx_audit_revision_group.data_content_type 
_pdbx_audit_revision_group.group 
1 2 'Structure model' 'Version format compliance' 
2 3 'Structure model' 'Version format compliance' 
3 4 'Structure model' 'Database references'       
4 4 'Structure model' 'Derived calculations'      
5 5 'Structure model' 'Data collection'           
6 6 'Structure model' 'Refinement description'    
# 
loop_
_pdbx_audit_revision_category.ordinal 
_pdbx_audit_revision_category.revision_ordinal 
_pdbx_audit_revision_category.data_content_type 
_pdbx_audit_revision_category.category 
1 4 'Structure model' database_2                    
2 4 'Structure model' pdbx_struct_conn_angle        
3 4 'Structure model' struct_conn                   
4 4 'Structure model' struct_ref_seq_dif            
5 4 'Structure model' struct_site                   
6 5 'Structure model' chem_comp_atom                
7 5 'Structure model' chem_comp_bond                
8 6 'Structure model' pdbx_initial_refinement_model 
# 
loop_
_pdbx_audit_revision_item.ordinal 
_pdbx_audit_revision_item.revision_ordinal 
_pdbx_audit_revision_item.data_content_type 
_pdbx_audit_revision_item.item 
1  4 'Structure model' '_database_2.pdbx_DOI'                        
2  4 'Structure model' '_database_2.pdbx_database_accession'         
3  4 'Structure model' '_pdbx_struct_conn_angle.ptnr1_auth_comp_id'  
4  4 'Structure model' '_pdbx_struct_conn_angle.ptnr1_auth_seq_id'   
5  4 'Structure model' '_pdbx_struct_conn_angle.ptnr1_label_asym_id' 
6  4 'Structure model' '_pdbx_struct_conn_angle.ptnr1_label_atom_id' 
7  4 'Structure model' '_pdbx_struct_conn_angle.ptnr1_label_comp_id' 
8  4 'Structure model' '_pdbx_struct_conn_angle.ptnr1_label_seq_id'  
9  4 'Structure model' '_pdbx_struct_conn_angle.ptnr3_auth_comp_id'  
10 4 'Structure model' '_pdbx_struct_conn_angle.ptnr3_auth_seq_id'   
11 4 'Structure model' '_pdbx_struct_conn_angle.ptnr3_label_asym_id' 
12 4 'Structure model' '_pdbx_struct_conn_angle.ptnr3_label_atom_id' 
13 4 'Structure model' '_pdbx_struct_conn_angle.ptnr3_label_comp_id' 
14 4 'Structure model' '_pdbx_struct_conn_angle.ptnr3_label_seq_id'  
15 4 'Structure model' '_pdbx_struct_conn_angle.value'               
16 4 'Structure model' '_struct_conn.pdbx_dist_value'                
17 4 'Structure model' '_struct_conn.ptnr1_auth_comp_id'             
18 4 'Structure model' '_struct_conn.ptnr1_auth_seq_id'              
19 4 'Structure model' '_struct_conn.ptnr1_label_asym_id'            
20 4 'Structure model' '_struct_conn.ptnr1_label_atom_id'            
21 4 'Structure model' '_struct_conn.ptnr1_label_comp_id'            
22 4 'Structure model' '_struct_conn.ptnr1_label_seq_id'             
23 4 'Structure model' '_struct_conn.ptnr2_auth_comp_id'             
24 4 'Structure model' '_struct_conn.ptnr2_auth_seq_id'              
25 4 'Structure model' '_struct_conn.ptnr2_label_asym_id'            
26 4 'Structure model' '_struct_conn.ptnr2_label_atom_id'            
27 4 'Structure model' '_struct_conn.ptnr2_label_comp_id'            
28 4 'Structure model' '_struct_conn.ptnr2_label_seq_id'             
29 4 'Structure model' '_struct_ref_seq_dif.details'                 
30 4 'Structure model' '_struct_site.pdbx_auth_asym_id'              
31 4 'Structure model' '_struct_site.pdbx_auth_comp_id'              
32 4 'Structure model' '_struct_site.pdbx_auth_seq_id'               
# 
_pdbx_database_status.status_code                     REL 
_pdbx_database_status.entry_id                        1QG2 
_pdbx_database_status.recvd_initial_deposition_date   1999-04-20 
_pdbx_database_status.deposit_site                    PDBE 
_pdbx_database_status.process_site                    RCSB 
_pdbx_database_status.SG_entry                        . 
_pdbx_database_status.pdb_format_compatible           Y 
_pdbx_database_status.status_code_mr                  ? 
_pdbx_database_status.status_code_sf                  ? 
_pdbx_database_status.status_code_cs                  ? 
_pdbx_database_status.status_code_nmr_data            ? 
_pdbx_database_status.methods_development_category    ? 
# 
loop_
_audit_author.name 
_audit_author.pdbx_ordinal 
'Kent, H.M.'    1 
'Moore, M.S.'   2 
'Quimby, B.B.'  3 
'Baker, A.M.E.' 4 
'McCoy, A.J.'   5 
'Murphy, G.A.'  6 
'Corbett, A.H.' 7 
'Stewart, M.'   8 
# 
_citation.id                        primary 
_citation.title                     
;Engineered mutants in the switch II loop of Ran define the contribution made by key residues to the interaction with nuclear transport factor 2 (NTF2) and the role of this interaction in nuclear protein import.
;
_citation.journal_abbrev            J.Mol.Biol. 
_citation.journal_volume            289 
_citation.page_first                565 
_citation.page_last                 577 
_citation.year                      1999 
_citation.journal_id_ASTM           JMOBAK 
_citation.country                   UK 
_citation.journal_id_ISSN           0022-2836 
_citation.journal_id_CSD            0070 
_citation.book_publisher            ? 
_citation.pdbx_database_id_PubMed   10356329 
_citation.pdbx_database_id_DOI      10.1006/jmbi.1999.2775 
# 
loop_
_citation_author.citation_id 
_citation_author.name 
_citation_author.ordinal 
_citation_author.identifier_ORCID 
primary 'Kent, H.M.'    1 ? 
primary 'Moore, M.S.'   2 ? 
primary 'Quimby, B.B.'  3 ? 
primary 'Baker, A.M.'   4 ? 
primary 'McCoy, A.J.'   5 ? 
primary 'Murphy, G.A.'  6 ? 
primary 'Corbett, A.H.' 7 ? 
primary 'Stewart, M.'   8 ? 
# 
loop_
_entity.id 
_entity.type 
_entity.src_method 
_entity.pdbx_description 
_entity.formula_weight 
_entity.pdbx_number_of_molecules 
_entity.pdbx_ec 
_entity.pdbx_mutation 
_entity.pdbx_fragment 
_entity.details 
1 polymer     man 'PROTEIN (RAN)'            24428.023 1  ? R76E ALL ? 
2 non-polymer syn 'MAGNESIUM ION'            24.305    1  ? ?    ?   ? 
3 non-polymer syn "GUANOSINE-5'-DIPHOSPHATE" 443.201   1  ? ?    ?   ? 
4 water       nat water                      18.015    62 ? ?    ?   ? 
# 
_entity_name_com.entity_id   1 
_entity_name_com.name        TC4 
# 
_entity_poly.entity_id                      1 
_entity_poly.type                           'polypeptide(L)' 
_entity_poly.nstd_linkage                   no 
_entity_poly.nstd_monomer                   no 
_entity_poly.pdbx_seq_one_letter_code       
;MAAQGEPQVQFKLVLVGDGGTGKTTFVKRHLTGEFEKKYVATLGVEVHPLVFHTNRGPIKFNVWDTAGQEKFGGLEDGYY
IQAQCAIIMFDVTSRVTYKNVPNWHRDLVRVCENIPIVLCGNKVDIKDRKVKAKSIVFHRKKNLQYYDISAKSNYNFEKP
FLWLARKLIGDPNLEFVAMPALAPPEVVMDPALAAQYEHDLEVAQTTALPDEDDDL
;
_entity_poly.pdbx_seq_one_letter_code_can   
;MAAQGEPQVQFKLVLVGDGGTGKTTFVKRHLTGEFEKKYVATLGVEVHPLVFHTNRGPIKFNVWDTAGQEKFGGLEDGYY
IQAQCAIIMFDVTSRVTYKNVPNWHRDLVRVCENIPIVLCGNKVDIKDRKVKAKSIVFHRKKNLQYYDISAKSNYNFEKP
FLWLARKLIGDPNLEFVAMPALAPPEVVMDPALAAQYEHDLEVAQTTALPDEDDDL
;
_entity_poly.pdbx_strand_id                 A 
_entity_poly.pdbx_target_identifier         ? 
# 
loop_
_pdbx_entity_nonpoly.entity_id 
_pdbx_entity_nonpoly.name 
_pdbx_entity_nonpoly.comp_id 
2 'MAGNESIUM ION'            MG  
3 "GUANOSINE-5'-DIPHOSPHATE" GDP 
4 water                      HOH 
# 
loop_
_entity_poly_seq.entity_id 
_entity_poly_seq.num 
_entity_poly_seq.mon_id 
_entity_poly_seq.hetero 
1 1   MET n 
1 2   ALA n 
1 3   ALA n 
1 4   GLN n 
1 5   GLY n 
1 6   GLU n 
1 7   PRO n 
1 8   GLN n 
1 9   VAL n 
1 10  GLN n 
1 11  PHE n 
1 12  LYS n 
1 13  LEU n 
1 14  VAL n 
1 15  LEU n 
1 16  VAL n 
1 17  GLY n 
1 18  ASP n 
1 19  GLY n 
1 20  GLY n 
1 21  THR n 
1 22  GLY n 
1 23  LYS n 
1 24  THR n 
1 25  THR n 
1 26  PHE n 
1 27  VAL n 
1 28  LYS n 
1 29  ARG n 
1 30  HIS n 
1 31  LEU n 
1 32  THR n 
1 33  GLY n 
1 34  GLU n 
1 35  PHE n 
1 36  GLU n 
1 37  LYS n 
1 38  LYS n 
1 39  TYR n 
1 40  VAL n 
1 41  ALA n 
1 42  THR n 
1 43  LEU n 
1 44  GLY n 
1 45  VAL n 
1 46  GLU n 
1 47  VAL n 
1 48  HIS n 
1 49  PRO n 
1 50  LEU n 
1 51  VAL n 
1 52  PHE n 
1 53  HIS n 
1 54  THR n 
1 55  ASN n 
1 56  ARG n 
1 57  GLY n 
1 58  PRO n 
1 59  ILE n 
1 60  LYS n 
1 61  PHE n 
1 62  ASN n 
1 63  VAL n 
1 64  TRP n 
1 65  ASP n 
1 66  THR n 
1 67  ALA n 
1 68  GLY n 
1 69  GLN n 
1 70  GLU n 
1 71  LYS n 
1 72  PHE n 
1 73  GLY n 
1 74  GLY n 
1 75  LEU n 
1 76  GLU n 
1 77  ASP n 
1 78  GLY n 
1 79  TYR n 
1 80  TYR n 
1 81  ILE n 
1 82  GLN n 
1 83  ALA n 
1 84  GLN n 
1 85  CYS n 
1 86  ALA n 
1 87  ILE n 
1 88  ILE n 
1 89  MET n 
1 90  PHE n 
1 91  ASP n 
1 92  VAL n 
1 93  THR n 
1 94  SER n 
1 95  ARG n 
1 96  VAL n 
1 97  THR n 
1 98  TYR n 
1 99  LYS n 
1 100 ASN n 
1 101 VAL n 
1 102 PRO n 
1 103 ASN n 
1 104 TRP n 
1 105 HIS n 
1 106 ARG n 
1 107 ASP n 
1 108 LEU n 
1 109 VAL n 
1 110 ARG n 
1 111 VAL n 
1 112 CYS n 
1 113 GLU n 
1 114 ASN n 
1 115 ILE n 
1 116 PRO n 
1 117 ILE n 
1 118 VAL n 
1 119 LEU n 
1 120 CYS n 
1 121 GLY n 
1 122 ASN n 
1 123 LYS n 
1 124 VAL n 
1 125 ASP n 
1 126 ILE n 
1 127 LYS n 
1 128 ASP n 
1 129 ARG n 
1 130 LYS n 
1 131 VAL n 
1 132 LYS n 
1 133 ALA n 
1 134 LYS n 
1 135 SER n 
1 136 ILE n 
1 137 VAL n 
1 138 PHE n 
1 139 HIS n 
1 140 ARG n 
1 141 LYS n 
1 142 LYS n 
1 143 ASN n 
1 144 LEU n 
1 145 GLN n 
1 146 TYR n 
1 147 TYR n 
1 148 ASP n 
1 149 ILE n 
1 150 SER n 
1 151 ALA n 
1 152 LYS n 
1 153 SER n 
1 154 ASN n 
1 155 TYR n 
1 156 ASN n 
1 157 PHE n 
1 158 GLU n 
1 159 LYS n 
1 160 PRO n 
1 161 PHE n 
1 162 LEU n 
1 163 TRP n 
1 164 LEU n 
1 165 ALA n 
1 166 ARG n 
1 167 LYS n 
1 168 LEU n 
1 169 ILE n 
1 170 GLY n 
1 171 ASP n 
1 172 PRO n 
1 173 ASN n 
1 174 LEU n 
1 175 GLU n 
1 176 PHE n 
1 177 VAL n 
1 178 ALA n 
1 179 MET n 
1 180 PRO n 
1 181 ALA n 
1 182 LEU n 
1 183 ALA n 
1 184 PRO n 
1 185 PRO n 
1 186 GLU n 
1 187 VAL n 
1 188 VAL n 
1 189 MET n 
1 190 ASP n 
1 191 PRO n 
1 192 ALA n 
1 193 LEU n 
1 194 ALA n 
1 195 ALA n 
1 196 GLN n 
1 197 TYR n 
1 198 GLU n 
1 199 HIS n 
1 200 ASP n 
1 201 LEU n 
1 202 GLU n 
1 203 VAL n 
1 204 ALA n 
1 205 GLN n 
1 206 THR n 
1 207 THR n 
1 208 ALA n 
1 209 LEU n 
1 210 PRO n 
1 211 ASP n 
1 212 GLU n 
1 213 ASP n 
1 214 ASP n 
1 215 ASP n 
1 216 LEU n 
# 
_entity_src_gen.entity_id                          1 
_entity_src_gen.pdbx_src_id                        1 
_entity_src_gen.pdbx_alt_source_flag               sample 
_entity_src_gen.pdbx_seq_type                      ? 
_entity_src_gen.pdbx_beg_seq_num                   ? 
_entity_src_gen.pdbx_end_seq_num                   ? 
_entity_src_gen.gene_src_common_name               dog 
_entity_src_gen.gene_src_genus                     Canis 
_entity_src_gen.pdbx_gene_src_gene                 ? 
_entity_src_gen.gene_src_species                   'Canis lupus' 
_entity_src_gen.gene_src_strain                    familiaris 
_entity_src_gen.gene_src_tissue                    ? 
_entity_src_gen.gene_src_tissue_fraction           ? 
_entity_src_gen.gene_src_details                   ? 
_entity_src_gen.pdbx_gene_src_fragment             ? 
_entity_src_gen.pdbx_gene_src_scientific_name      'Canis lupus familiaris' 
_entity_src_gen.pdbx_gene_src_ncbi_taxonomy_id     9615 
_entity_src_gen.pdbx_gene_src_variant              ? 
_entity_src_gen.pdbx_gene_src_cell_line            ? 
_entity_src_gen.pdbx_gene_src_atcc                 ? 
_entity_src_gen.pdbx_gene_src_organ                ? 
_entity_src_gen.pdbx_gene_src_organelle            ? 
_entity_src_gen.pdbx_gene_src_cell                 ? 
_entity_src_gen.pdbx_gene_src_cellular_location    ? 
_entity_src_gen.host_org_common_name               ? 
_entity_src_gen.pdbx_host_org_scientific_name      'Escherichia coli BL21(DE3)' 
_entity_src_gen.pdbx_host_org_ncbi_taxonomy_id     469008 
_entity_src_gen.host_org_genus                     Escherichia 
_entity_src_gen.pdbx_host_org_gene                 ? 
_entity_src_gen.pdbx_host_org_organ                ? 
_entity_src_gen.host_org_species                   'Escherichia coli' 
_entity_src_gen.pdbx_host_org_tissue               ? 
_entity_src_gen.pdbx_host_org_tissue_fraction      ? 
_entity_src_gen.pdbx_host_org_strain               'BL21 (DE3)' 
_entity_src_gen.pdbx_host_org_variant              ? 
_entity_src_gen.pdbx_host_org_cell_line            ? 
_entity_src_gen.pdbx_host_org_atcc                 ? 
_entity_src_gen.pdbx_host_org_culture_collection   ? 
_entity_src_gen.pdbx_host_org_cell                 ? 
_entity_src_gen.pdbx_host_org_organelle            ? 
_entity_src_gen.pdbx_host_org_cellular_location    ? 
_entity_src_gen.pdbx_host_org_vector_type          PLASMID 
_entity_src_gen.pdbx_host_org_vector               PET 
_entity_src_gen.host_org_details                   ? 
_entity_src_gen.expression_system_id               ? 
_entity_src_gen.plasmid_name                       ? 
_entity_src_gen.plasmid_details                    ? 
_entity_src_gen.pdbx_description                   
'CDNA OBTAINED BY SITE-SPECIFIC MUTAGENESIS OF WILD-TYPE CANINE RAN CDNA AS DESCRIBED IN PUBLIC' 
# 
loop_
_chem_comp.id 
_chem_comp.type 
_chem_comp.mon_nstd_flag 
_chem_comp.name 
_chem_comp.pdbx_synonyms 
_chem_comp.formula 
_chem_comp.formula_weight 
ALA 'L-peptide linking' y ALANINE                    ? 'C3 H7 N O2'        89.093  
ARG 'L-peptide linking' y ARGININE                   ? 'C6 H15 N4 O2 1'    175.209 
ASN 'L-peptide linking' y ASPARAGINE                 ? 'C4 H8 N2 O3'       132.118 
ASP 'L-peptide linking' y 'ASPARTIC ACID'            ? 'C4 H7 N O4'        133.103 
CYS 'L-peptide linking' y CYSTEINE                   ? 'C3 H7 N O2 S'      121.158 
GDP 'RNA linking'       n "GUANOSINE-5'-DIPHOSPHATE" ? 'C10 H15 N5 O11 P2' 443.201 
GLN 'L-peptide linking' y GLUTAMINE                  ? 'C5 H10 N2 O3'      146.144 
GLU 'L-peptide linking' y 'GLUTAMIC ACID'            ? 'C5 H9 N O4'        147.129 
GLY 'peptide linking'   y GLYCINE                    ? 'C2 H5 N O2'        75.067  
HIS 'L-peptide linking' y HISTIDINE                  ? 'C6 H10 N3 O2 1'    156.162 
HOH non-polymer         . WATER                      ? 'H2 O'              18.015  
ILE 'L-peptide linking' y ISOLEUCINE                 ? 'C6 H13 N O2'       131.173 
LEU 'L-peptide linking' y LEUCINE                    ? 'C6 H13 N O2'       131.173 
LYS 'L-peptide linking' y LYSINE                     ? 'C6 H15 N2 O2 1'    147.195 
MET 'L-peptide linking' y METHIONINE                 ? 'C5 H11 N O2 S'     149.211 
MG  non-polymer         . 'MAGNESIUM ION'            ? 'Mg 2'              24.305  
PHE 'L-peptide linking' y PHENYLALANINE              ? 'C9 H11 N O2'       165.189 
PRO 'L-peptide linking' y PROLINE                    ? 'C5 H9 N O2'        115.130 
SER 'L-peptide linking' y SERINE                     ? 'C3 H7 N O3'        105.093 
THR 'L-peptide linking' y THREONINE                  ? 'C4 H9 N O3'        119.119 
TRP 'L-peptide linking' y TRYPTOPHAN                 ? 'C11 H12 N2 O2'     204.225 
TYR 'L-peptide linking' y TYROSINE                   ? 'C9 H11 N O3'       181.189 
VAL 'L-peptide linking' y VALINE                     ? 'C5 H11 N O2'       117.146 
# 
loop_
_pdbx_poly_seq_scheme.asym_id 
_pdbx_poly_seq_scheme.entity_id 
_pdbx_poly_seq_scheme.seq_id 
_pdbx_poly_seq_scheme.mon_id 
_pdbx_poly_seq_scheme.ndb_seq_num 
_pdbx_poly_seq_scheme.pdb_seq_num 
_pdbx_poly_seq_scheme.auth_seq_num 
_pdbx_poly_seq_scheme.pdb_mon_id 
_pdbx_poly_seq_scheme.auth_mon_id 
_pdbx_poly_seq_scheme.pdb_strand_id 
_pdbx_poly_seq_scheme.pdb_ins_code 
_pdbx_poly_seq_scheme.hetero 
A 1 1   MET 1   1   ?   ?   ?   A . n 
A 1 2   ALA 2   2   ?   ?   ?   A . n 
A 1 3   ALA 3   3   ?   ?   ?   A . n 
A 1 4   GLN 4   4   ?   ?   ?   A . n 
A 1 5   GLY 5   5   ?   ?   ?   A . n 
A 1 6   GLU 6   6   ?   ?   ?   A . n 
A 1 7   PRO 7   7   ?   ?   ?   A . n 
A 1 8   GLN 8   8   8   GLN GLN A . n 
A 1 9   VAL 9   9   9   VAL VAL A . n 
A 1 10  GLN 10  10  10  GLN GLN A . n 
A 1 11  PHE 11  11  11  PHE PHE A . n 
A 1 12  LYS 12  12  12  LYS LYS A . n 
A 1 13  LEU 13  13  13  LEU LEU A . n 
A 1 14  VAL 14  14  14  VAL VAL A . n 
A 1 15  LEU 15  15  15  LEU LEU A . n 
A 1 16  VAL 16  16  16  VAL VAL A . n 
A 1 17  GLY 17  17  17  GLY GLY A . n 
A 1 18  ASP 18  18  18  ASP ASP A . n 
A 1 19  GLY 19  19  19  GLY GLY A . n 
A 1 20  GLY 20  20  20  GLY GLY A . n 
A 1 21  THR 21  21  21  THR THR A . n 
A 1 22  GLY 22  22  22  GLY GLY A . n 
A 1 23  LYS 23  23  23  LYS LYS A . n 
A 1 24  THR 24  24  24  THR THR A . n 
A 1 25  THR 25  25  25  THR THR A . n 
A 1 26  PHE 26  26  26  PHE PHE A . n 
A 1 27  VAL 27  27  27  VAL VAL A . n 
A 1 28  LYS 28  28  28  LYS LYS A . n 
A 1 29  ARG 29  29  29  ARG ARG A . n 
A 1 30  HIS 30  30  30  HIS HIS A . n 
A 1 31  LEU 31  31  31  LEU LEU A . n 
A 1 32  THR 32  32  32  THR THR A . n 
A 1 33  GLY 33  33  33  GLY GLY A . n 
A 1 34  GLU 34  34  34  GLU GLU A . n 
A 1 35  PHE 35  35  35  PHE PHE A . n 
A 1 36  GLU 36  36  36  GLU GLU A . n 
A 1 37  LYS 37  37  37  LYS LYS A . n 
A 1 38  LYS 38  38  38  LYS LYS A . n 
A 1 39  TYR 39  39  39  TYR TYR A . n 
A 1 40  VAL 40  40  40  VAL VAL A . n 
A 1 41  ALA 41  41  41  ALA ALA A . n 
A 1 42  THR 42  42  42  THR THR A . n 
A 1 43  LEU 43  43  43  LEU LEU A . n 
A 1 44  GLY 44  44  44  GLY GLY A . n 
A 1 45  VAL 45  45  45  VAL VAL A . n 
A 1 46  GLU 46  46  46  GLU GLU A . n 
A 1 47  VAL 47  47  47  VAL VAL A . n 
A 1 48  HIS 48  48  48  HIS HIS A . n 
A 1 49  PRO 49  49  49  PRO PRO A . n 
A 1 50  LEU 50  50  50  LEU LEU A . n 
A 1 51  VAL 51  51  51  VAL VAL A . n 
A 1 52  PHE 52  52  52  PHE PHE A . n 
A 1 53  HIS 53  53  53  HIS HIS A . n 
A 1 54  THR 54  54  54  THR THR A . n 
A 1 55  ASN 55  55  55  ASN ASN A . n 
A 1 56  ARG 56  56  56  ARG ARG A . n 
A 1 57  GLY 57  57  57  GLY GLY A . n 
A 1 58  PRO 58  58  58  PRO PRO A . n 
A 1 59  ILE 59  59  59  ILE ILE A . n 
A 1 60  LYS 60  60  60  LYS LYS A . n 
A 1 61  PHE 61  61  61  PHE PHE A . n 
A 1 62  ASN 62  62  62  ASN ASN A . n 
A 1 63  VAL 63  63  63  VAL VAL A . n 
A 1 64  TRP 64  64  64  TRP TRP A . n 
A 1 65  ASP 65  65  65  ASP ASP A . n 
A 1 66  THR 66  66  66  THR THR A . n 
A 1 67  ALA 67  67  67  ALA ALA A . n 
A 1 68  GLY 68  68  68  GLY GLY A . n 
A 1 69  GLN 69  69  69  GLN GLN A . n 
A 1 70  GLU 70  70  70  GLU GLU A . n 
A 1 71  LYS 71  71  71  LYS LYS A . n 
A 1 72  PHE 72  72  72  PHE PHE A . n 
A 1 73  GLY 73  73  73  GLY GLY A . n 
A 1 74  GLY 74  74  74  GLY GLY A . n 
A 1 75  LEU 75  75  75  LEU LEU A . n 
A 1 76  GLU 76  76  76  GLU GLU A . n 
A 1 77  ASP 77  77  77  ASP ASP A . n 
A 1 78  GLY 78  78  78  GLY GLY A . n 
A 1 79  TYR 79  79  79  TYR TYR A . n 
A 1 80  TYR 80  80  80  TYR TYR A . n 
A 1 81  ILE 81  81  81  ILE ILE A . n 
A 1 82  GLN 82  82  82  GLN GLN A . n 
A 1 83  ALA 83  83  83  ALA ALA A . n 
A 1 84  GLN 84  84  84  GLN GLN A . n 
A 1 85  CYS 85  85  85  CYS CYS A . n 
A 1 86  ALA 86  86  86  ALA ALA A . n 
A 1 87  ILE 87  87  87  ILE ILE A . n 
A 1 88  ILE 88  88  88  ILE ILE A . n 
A 1 89  MET 89  89  89  MET MET A . n 
A 1 90  PHE 90  90  90  PHE PHE A . n 
A 1 91  ASP 91  91  91  ASP ASP A . n 
A 1 92  VAL 92  92  92  VAL VAL A . n 
A 1 93  THR 93  93  93  THR THR A . n 
A 1 94  SER 94  94  94  SER SER A . n 
A 1 95  ARG 95  95  95  ARG ARG A . n 
A 1 96  VAL 96  96  96  VAL VAL A . n 
A 1 97  THR 97  97  97  THR THR A . n 
A 1 98  TYR 98  98  98  TYR TYR A . n 
A 1 99  LYS 99  99  99  LYS LYS A . n 
A 1 100 ASN 100 100 100 ASN ASN A . n 
A 1 101 VAL 101 101 101 VAL VAL A . n 
A 1 102 PRO 102 102 102 PRO PRO A . n 
A 1 103 ASN 103 103 103 ASN ASN A . n 
A 1 104 TRP 104 104 104 TRP TRP A . n 
A 1 105 HIS 105 105 105 HIS HIS A . n 
A 1 106 ARG 106 106 106 ARG ARG A . n 
A 1 107 ASP 107 107 107 ASP ASP A . n 
A 1 108 LEU 108 108 108 LEU LEU A . n 
A 1 109 VAL 109 109 109 VAL VAL A . n 
A 1 110 ARG 110 110 110 ARG ARG A . n 
A 1 111 VAL 111 111 111 VAL VAL A . n 
A 1 112 CYS 112 112 112 CYS CYS A . n 
A 1 113 GLU 113 113 113 GLU GLU A . n 
A 1 114 ASN 114 114 114 ASN ASN A . n 
A 1 115 ILE 115 115 115 ILE ILE A . n 
A 1 116 PRO 116 116 116 PRO PRO A . n 
A 1 117 ILE 117 117 117 ILE ILE A . n 
A 1 118 VAL 118 118 118 VAL VAL A . n 
A 1 119 LEU 119 119 119 LEU LEU A . n 
A 1 120 CYS 120 120 120 CYS CYS A . n 
A 1 121 GLY 121 121 121 GLY GLY A . n 
A 1 122 ASN 122 122 122 ASN ASN A . n 
A 1 123 LYS 123 123 123 LYS LYS A . n 
A 1 124 VAL 124 124 124 VAL VAL A . n 
A 1 125 ASP 125 125 125 ASP ASP A . n 
A 1 126 ILE 126 126 126 ILE ILE A . n 
A 1 127 LYS 127 127 127 LYS LYS A . n 
A 1 128 ASP 128 128 128 ASP ASP A . n 
A 1 129 ARG 129 129 129 ARG ARG A . n 
A 1 130 LYS 130 130 130 LYS LYS A . n 
A 1 131 VAL 131 131 131 VAL VAL A . n 
A 1 132 LYS 132 132 132 LYS LYS A . n 
A 1 133 ALA 133 133 133 ALA ALA A . n 
A 1 134 LYS 134 134 134 LYS LYS A . n 
A 1 135 SER 135 135 135 SER SER A . n 
A 1 136 ILE 136 136 136 ILE ILE A . n 
A 1 137 VAL 137 137 137 VAL VAL A . n 
A 1 138 PHE 138 138 138 PHE PHE A . n 
A 1 139 HIS 139 139 139 HIS HIS A . n 
A 1 140 ARG 140 140 140 ARG ARG A . n 
A 1 141 LYS 141 141 141 LYS LYS A . n 
A 1 142 LYS 142 142 142 LYS LYS A . n 
A 1 143 ASN 143 143 143 ASN ASN A . n 
A 1 144 LEU 144 144 144 LEU LEU A . n 
A 1 145 GLN 145 145 145 GLN GLN A . n 
A 1 146 TYR 146 146 146 TYR TYR A . n 
A 1 147 TYR 147 147 147 TYR TYR A . n 
A 1 148 ASP 148 148 148 ASP ASP A . n 
A 1 149 ILE 149 149 149 ILE ILE A . n 
A 1 150 SER 150 150 150 SER SER A . n 
A 1 151 ALA 151 151 151 ALA ALA A . n 
A 1 152 LYS 152 152 152 LYS LYS A . n 
A 1 153 SER 153 153 153 SER SER A . n 
A 1 154 ASN 154 154 154 ASN ASN A . n 
A 1 155 TYR 155 155 155 TYR TYR A . n 
A 1 156 ASN 156 156 156 ASN ASN A . n 
A 1 157 PHE 157 157 157 PHE PHE A . n 
A 1 158 GLU 158 158 158 GLU GLU A . n 
A 1 159 LYS 159 159 159 LYS LYS A . n 
A 1 160 PRO 160 160 160 PRO PRO A . n 
A 1 161 PHE 161 161 161 PHE PHE A . n 
A 1 162 LEU 162 162 162 LEU LEU A . n 
A 1 163 TRP 163 163 163 TRP TRP A . n 
A 1 164 LEU 164 164 164 LEU LEU A . n 
A 1 165 ALA 165 165 165 ALA ALA A . n 
A 1 166 ARG 166 166 166 ARG ARG A . n 
A 1 167 LYS 167 167 167 LYS LYS A . n 
A 1 168 LEU 168 168 168 LEU LEU A . n 
A 1 169 ILE 169 169 169 ILE ILE A . n 
A 1 170 GLY 170 170 170 GLY GLY A . n 
A 1 171 ASP 171 171 171 ASP ASP A . n 
A 1 172 PRO 172 172 172 PRO PRO A . n 
A 1 173 ASN 173 173 173 ASN ASN A . n 
A 1 174 LEU 174 174 174 LEU LEU A . n 
A 1 175 GLU 175 175 175 GLU GLU A . n 
A 1 176 PHE 176 176 176 PHE PHE A . n 
A 1 177 VAL 177 177 177 VAL VAL A . n 
A 1 178 ALA 178 178 178 ALA ALA A . n 
A 1 179 MET 179 179 179 MET MET A . n 
A 1 180 PRO 180 180 180 PRO PRO A . n 
A 1 181 ALA 181 181 181 ALA ALA A . n 
A 1 182 LEU 182 182 182 LEU LEU A . n 
A 1 183 ALA 183 183 183 ALA ALA A . n 
A 1 184 PRO 184 184 184 PRO PRO A . n 
A 1 185 PRO 185 185 185 PRO PRO A . n 
A 1 186 GLU 186 186 186 GLU GLU A . n 
A 1 187 VAL 187 187 187 VAL VAL A . n 
A 1 188 VAL 188 188 188 VAL VAL A . n 
A 1 189 MET 189 189 189 MET MET A . n 
A 1 190 ASP 190 190 190 ASP ASP A . n 
A 1 191 PRO 191 191 191 PRO PRO A . n 
A 1 192 ALA 192 192 192 ALA ALA A . n 
A 1 193 LEU 193 193 193 LEU LEU A . n 
A 1 194 ALA 194 194 194 ALA ALA A . n 
A 1 195 ALA 195 195 195 ALA ALA A . n 
A 1 196 GLN 196 196 196 GLN GLN A . n 
A 1 197 TYR 197 197 197 TYR TYR A . n 
A 1 198 GLU 198 198 198 GLU GLU A . n 
A 1 199 HIS 199 199 199 HIS HIS A . n 
A 1 200 ASP 200 200 200 ASP ASP A . n 
A 1 201 LEU 201 201 201 LEU LEU A . n 
A 1 202 GLU 202 202 202 GLU GLU A . n 
A 1 203 VAL 203 203 203 VAL VAL A . n 
A 1 204 ALA 204 204 204 ALA ALA A . n 
A 1 205 GLN 205 205 205 GLN GLN A . n 
A 1 206 THR 206 206 206 THR THR A . n 
A 1 207 THR 207 207 207 THR THR A . n 
A 1 208 ALA 208 208 208 ALA ALA A . n 
A 1 209 LEU 209 209 ?   ?   ?   A . n 
A 1 210 PRO 210 210 ?   ?   ?   A . n 
A 1 211 ASP 211 211 ?   ?   ?   A . n 
A 1 212 GLU 212 212 ?   ?   ?   A . n 
A 1 213 ASP 213 213 ?   ?   ?   A . n 
A 1 214 ASP 214 214 ?   ?   ?   A . n 
A 1 215 ASP 215 215 ?   ?   ?   A . n 
A 1 216 LEU 216 216 ?   ?   ?   A . n 
# 
loop_
_pdbx_nonpoly_scheme.asym_id 
_pdbx_nonpoly_scheme.entity_id 
_pdbx_nonpoly_scheme.mon_id 
_pdbx_nonpoly_scheme.ndb_seq_num 
_pdbx_nonpoly_scheme.pdb_seq_num 
_pdbx_nonpoly_scheme.auth_seq_num 
_pdbx_nonpoly_scheme.pdb_mon_id 
_pdbx_nonpoly_scheme.auth_mon_id 
_pdbx_nonpoly_scheme.pdb_strand_id 
_pdbx_nonpoly_scheme.pdb_ins_code 
B 2 MG  1  221 221 MG  MO4 A . 
C 3 GDP 1  220 220 GDP GDP A . 
D 4 HOH 1  222 1   HOH HOH A . 
D 4 HOH 2  223 2   HOH HOH A . 
D 4 HOH 3  224 3   HOH HOH A . 
D 4 HOH 4  225 4   HOH HOH A . 
D 4 HOH 5  226 5   HOH HOH A . 
D 4 HOH 6  227 6   HOH HOH A . 
D 4 HOH 7  228 7   HOH HOH A . 
D 4 HOH 8  229 8   HOH HOH A . 
D 4 HOH 9  230 9   HOH HOH A . 
D 4 HOH 10 231 10  HOH HOH A . 
D 4 HOH 11 232 11  HOH HOH A . 
D 4 HOH 12 233 12  HOH HOH A . 
D 4 HOH 13 234 13  HOH HOH A . 
D 4 HOH 14 235 14  HOH HOH A . 
D 4 HOH 15 236 15  HOH HOH A . 
D 4 HOH 16 237 16  HOH HOH A . 
D 4 HOH 17 238 17  HOH HOH A . 
D 4 HOH 18 239 18  HOH HOH A . 
D 4 HOH 19 240 19  HOH HOH A . 
D 4 HOH 20 241 20  HOH HOH A . 
D 4 HOH 21 242 21  HOH HOH A . 
D 4 HOH 22 243 22  HOH HOH A . 
D 4 HOH 23 244 23  HOH HOH A . 
D 4 HOH 24 245 24  HOH HOH A . 
D 4 HOH 25 246 25  HOH HOH A . 
D 4 HOH 26 247 26  HOH HOH A . 
D 4 HOH 27 248 27  HOH HOH A . 
D 4 HOH 28 249 28  HOH HOH A . 
D 4 HOH 29 250 29  HOH HOH A . 
D 4 HOH 30 251 30  HOH HOH A . 
D 4 HOH 31 252 31  HOH HOH A . 
D 4 HOH 32 253 32  HOH HOH A . 
D 4 HOH 33 254 33  HOH HOH A . 
D 4 HOH 34 255 34  HOH HOH A . 
D 4 HOH 35 256 35  HOH HOH A . 
D 4 HOH 36 257 36  HOH HOH A . 
D 4 HOH 37 258 37  HOH HOH A . 
D 4 HOH 38 259 38  HOH HOH A . 
D 4 HOH 39 260 39  HOH HOH A . 
D 4 HOH 40 261 40  HOH HOH A . 
D 4 HOH 41 262 41  HOH HOH A . 
D 4 HOH 42 263 42  HOH HOH A . 
D 4 HOH 43 264 43  HOH HOH A . 
D 4 HOH 44 265 44  HOH HOH A . 
D 4 HOH 45 266 45  HOH HOH A . 
D 4 HOH 46 267 46  HOH HOH A . 
D 4 HOH 47 268 47  HOH HOH A . 
D 4 HOH 48 269 48  HOH HOH A . 
D 4 HOH 49 270 49  HOH HOH A . 
D 4 HOH 50 271 50  HOH HOH A . 
D 4 HOH 51 272 51  HOH HOH A . 
D 4 HOH 52 273 52  HOH HOH A . 
D 4 HOH 53 274 53  HOH HOH A . 
D 4 HOH 54 275 54  HOH HOH A . 
D 4 HOH 55 276 55  HOH HOH A . 
D 4 HOH 56 277 56  HOH HOH A . 
D 4 HOH 57 278 57  HOH HOH A . 
D 4 HOH 58 279 58  HOH HOH A . 
D 4 HOH 59 280 221 HOH MO4 A . 
D 4 HOH 60 281 221 HOH MO4 A . 
D 4 HOH 61 282 221 HOH MO4 A . 
D 4 HOH 62 283 221 HOH MO4 A . 
# 
loop_
_pdbx_unobs_or_zero_occ_atoms.id 
_pdbx_unobs_or_zero_occ_atoms.PDB_model_num 
_pdbx_unobs_or_zero_occ_atoms.polymer_flag 
_pdbx_unobs_or_zero_occ_atoms.occupancy_flag 
_pdbx_unobs_or_zero_occ_atoms.auth_asym_id 
_pdbx_unobs_or_zero_occ_atoms.auth_comp_id 
_pdbx_unobs_or_zero_occ_atoms.auth_seq_id 
_pdbx_unobs_or_zero_occ_atoms.PDB_ins_code 
_pdbx_unobs_or_zero_occ_atoms.auth_atom_id 
_pdbx_unobs_or_zero_occ_atoms.label_alt_id 
_pdbx_unobs_or_zero_occ_atoms.label_asym_id 
_pdbx_unobs_or_zero_occ_atoms.label_comp_id 
_pdbx_unobs_or_zero_occ_atoms.label_seq_id 
_pdbx_unobs_or_zero_occ_atoms.label_atom_id 
1  1 Y 1 A LYS 38  ? CD  ? A LYS 38  CD  
2  1 Y 1 A LYS 38  ? CE  ? A LYS 38  CE  
3  1 Y 1 A LYS 38  ? NZ  ? A LYS 38  NZ  
4  1 Y 1 A LEU 43  ? CG  ? A LEU 43  CG  
5  1 Y 1 A LEU 43  ? CD1 ? A LEU 43  CD1 
6  1 Y 1 A LEU 43  ? CD2 ? A LEU 43  CD2 
7  1 Y 1 A ARG 56  ? NE  ? A ARG 56  NE  
8  1 Y 1 A ARG 56  ? CZ  ? A ARG 56  CZ  
9  1 Y 1 A ARG 56  ? NH1 ? A ARG 56  NH1 
10 1 Y 1 A ARG 56  ? NH2 ? A ARG 56  NH2 
11 1 Y 1 A LYS 71  ? CE  ? A LYS 71  CE  
12 1 Y 1 A LYS 71  ? NZ  ? A LYS 71  NZ  
13 1 Y 1 A GLN 82  ? OE1 ? A GLN 82  OE1 
14 1 Y 1 A ARG 106 ? NE  ? A ARG 106 NE  
15 1 Y 1 A ARG 106 ? CZ  ? A ARG 106 CZ  
16 1 Y 1 A ARG 106 ? NH1 ? A ARG 106 NH1 
17 1 Y 1 A ARG 106 ? NH2 ? A ARG 106 NH2 
18 1 Y 1 A ARG 110 ? NE  ? A ARG 110 NE  
19 1 Y 1 A ARG 110 ? CZ  ? A ARG 110 CZ  
20 1 Y 1 A ARG 110 ? NH1 ? A ARG 110 NH1 
21 1 Y 1 A ARG 110 ? NH2 ? A ARG 110 NH2 
22 1 Y 1 A LYS 127 ? CD  ? A LYS 127 CD  
23 1 Y 1 A LYS 127 ? CE  ? A LYS 127 CE  
24 1 Y 1 A LYS 127 ? NZ  ? A LYS 127 NZ  
25 1 Y 1 A LYS 134 ? CG  ? A LYS 134 CG  
26 1 Y 1 A LYS 134 ? CD  ? A LYS 134 CD  
27 1 Y 1 A LYS 134 ? CE  ? A LYS 134 CE  
28 1 Y 1 A LYS 134 ? NZ  ? A LYS 134 NZ  
29 1 Y 1 A LYS 141 ? CG  ? A LYS 141 CG  
30 1 Y 1 A LYS 141 ? CD  ? A LYS 141 CD  
31 1 Y 1 A LYS 141 ? CE  ? A LYS 141 CE  
32 1 Y 1 A LYS 141 ? NZ  ? A LYS 141 NZ  
# 
loop_
_software.name 
_software.classification 
_software.version 
_software.citation_id 
_software.pdbx_ordinal 
AMoRE  phasing          .         ? 1 
REFMAC refinement       .         ? 2 
MOSFLM 'data reduction' .         ? 3 
CCP4   'data scaling'   '(SCALA)' ? 4 
# 
_cell.entry_id           1QG2 
_cell.length_a           102.320 
_cell.length_b           102.320 
_cell.length_c           42.080 
_cell.angle_alpha        90.00 
_cell.angle_beta         90.00 
_cell.angle_gamma        90.00 
_cell.Z_PDB              8 
_cell.pdbx_unique_axis   ? 
# 
_symmetry.entry_id                         1QG2 
_symmetry.space_group_name_H-M             'P 41 21 2' 
_symmetry.pdbx_full_space_group_name_H-M   ? 
_symmetry.cell_setting                     ? 
_symmetry.Int_Tables_number                92 
# 
_exptl.entry_id          1QG2 
_exptl.method            'X-RAY DIFFRACTION' 
_exptl.crystals_number   1 
# 
_exptl_crystal.id                    1 
_exptl_crystal.density_meas          ? 
_exptl_crystal.density_Matthews      2.25 
_exptl_crystal.density_percent_sol   35.8000 
_exptl_crystal.description           ? 
# 
_exptl_crystal_grow.crystal_id      1 
_exptl_crystal_grow.method          ? 
_exptl_crystal_grow.temp            ? 
_exptl_crystal_grow.temp_details    ? 
_exptl_crystal_grow.pH              7.20 
_exptl_crystal_grow.pdbx_details    'SEE PUBLICATION, pH 7.20' 
_exptl_crystal_grow.pdbx_pH_range   . 
# 
_diffrn.id                     1 
_diffrn.ambient_temp           100.00 
_diffrn.ambient_temp_details   ? 
_diffrn.crystal_id             1 
# 
_diffrn_detector.diffrn_id              1 
_diffrn_detector.detector               'IMAGE PLATE' 
_diffrn_detector.type                   'MAR scanner 345 mm plate' 
_diffrn_detector.pdbx_collection_date   1998-06-21 
_diffrn_detector.details                MIRRORS 
# 
_diffrn_radiation.diffrn_id                        1 
_diffrn_radiation.wavelength_id                    1 
_diffrn_radiation.pdbx_monochromatic_or_laue_m_l   M 
_diffrn_radiation.monochromator                    CRYSTAL 
_diffrn_radiation.pdbx_diffrn_protocol             'SINGLE WAVELENGTH' 
_diffrn_radiation.pdbx_scattering_type             x-ray 
# 
_diffrn_radiation_wavelength.id           1 
_diffrn_radiation_wavelength.wavelength   1.033 
_diffrn_radiation_wavelength.wt           1.0 
# 
_diffrn_source.diffrn_id                   1 
_diffrn_source.source                      SYNCHROTRON 
_diffrn_source.type                        'ESRF BEAMLINE BM14' 
_diffrn_source.pdbx_synchrotron_site       ESRF 
_diffrn_source.pdbx_synchrotron_beamline   BM14 
_diffrn_source.pdbx_wavelength             1.033 
_diffrn_source.pdbx_wavelength_list        ? 
# 
_reflns.entry_id                     1QG2 
_reflns.observed_criterion_sigma_I   ? 
_reflns.observed_criterion_sigma_F   ? 
_reflns.d_resolution_low             24.112 
_reflns.d_resolution_high            2.300 
_reflns.number_obs                   9871 
_reflns.number_all                   ? 
_reflns.percent_possible_obs         95.500 
_reflns.pdbx_Rmerge_I_obs            0.066 
_reflns.pdbx_Rsym_value              0.066 
_reflns.pdbx_netI_over_sigmaI        9.4000 
_reflns.B_iso_Wilson_estimate        ? 
_reflns.pdbx_redundancy              8.400 
_reflns.R_free_details               ? 
_reflns.pdbx_diffrn_id               1 
_reflns.pdbx_ordinal                 1 
# 
_reflns_shell.d_res_high             2.300 
_reflns_shell.d_res_low              2.420 
_reflns_shell.percent_possible_all   91.90 
_reflns_shell.Rmerge_I_obs           0.343 
_reflns_shell.pdbx_Rsym_value        0.343 
_reflns_shell.meanI_over_sigI_obs    2.100 
_reflns_shell.pdbx_redundancy        7.100 
_reflns_shell.percent_possible_obs   ? 
_reflns_shell.number_unique_all      ? 
_reflns_shell.pdbx_diffrn_id         ? 
_reflns_shell.pdbx_ordinal           1 
# 
_refine.entry_id                                 1QG2 
_refine.ls_number_reflns_obs                     22660 
_refine.ls_number_reflns_all                     ? 
_refine.pdbx_ls_sigma_I                          ? 
_refine.pdbx_ls_sigma_F                          0.000 
_refine.pdbx_data_cutoff_high_absF               ? 
_refine.pdbx_data_cutoff_low_absF                ? 
_refine.pdbx_data_cutoff_high_rms_absF           ? 
_refine.ls_d_res_low                             6.000 
_refine.ls_d_res_high                            2.500 
_refine.ls_percent_reflns_obs                    94.700 
_refine.ls_R_factor_obs                          ? 
_refine.ls_R_factor_all                          ? 
_refine.ls_R_factor_R_work                       0.1740000 
_refine.ls_R_factor_R_free                       0.2370000 
_refine.ls_R_factor_R_free_error                 ? 
_refine.ls_R_factor_R_free_error_details         ? 
_refine.ls_percent_reflns_R_free                 5.000 
_refine.ls_number_reflns_R_free                  ? 
_refine.ls_number_parameters                     ? 
_refine.ls_number_restraints                     ? 
_refine.occupancy_min                            ? 
_refine.occupancy_max                            ? 
_refine.B_iso_mean                               ? 
_refine.aniso_B[1][1]                            ? 
_refine.aniso_B[2][2]                            ? 
_refine.aniso_B[3][3]                            ? 
_refine.aniso_B[1][2]                            ? 
_refine.aniso_B[1][3]                            ? 
_refine.aniso_B[2][3]                            ? 
_refine.solvent_model_details                    ? 
_refine.solvent_model_param_ksol                 ? 
_refine.solvent_model_param_bsol                 ? 
_refine.pdbx_ls_cross_valid_method               ? 
_refine.details                                  ? 
_refine.pdbx_starting_model                      EBI-1279 
_refine.pdbx_method_to_determine_struct          'MOLECULAR REPLACEMENT' 
_refine.pdbx_isotropic_thermal_model             ? 
_refine.pdbx_stereochemistry_target_values       ? 
_refine.pdbx_stereochem_target_val_spec_case     ? 
_refine.pdbx_R_Free_selection_details            RANDOM 
_refine.pdbx_overall_ESU_R                       ? 
_refine.pdbx_overall_ESU_R_Free                  ? 
_refine.overall_SU_ML                            ? 
_refine.overall_SU_B                             ? 
_refine.ls_redundancy_reflns_obs                 ? 
_refine.pdbx_refine_id                           'X-RAY DIFFRACTION' 
_refine.pdbx_diffrn_id                           1 
_refine.pdbx_TLS_residual_ADP_flag               ? 
_refine.correlation_coeff_Fo_to_Fc               ? 
_refine.correlation_coeff_Fo_to_Fc_free          ? 
_refine.pdbx_solvent_vdw_probe_radii             ? 
_refine.pdbx_solvent_ion_probe_radii             ? 
_refine.pdbx_solvent_shrinkage_radii             ? 
_refine.pdbx_overall_phase_error                 ? 
_refine.overall_SU_R_Cruickshank_DPI             ? 
_refine.pdbx_overall_SU_R_free_Cruickshank_DPI   ? 
_refine.pdbx_overall_SU_R_Blow_DPI               ? 
_refine.pdbx_overall_SU_R_free_Blow_DPI          ? 
# 
_refine_hist.pdbx_refine_id                   'X-RAY DIFFRACTION' 
_refine_hist.cycle_id                         LAST 
_refine_hist.pdbx_number_atoms_protein        1578 
_refine_hist.pdbx_number_atoms_nucleic_acid   0 
_refine_hist.pdbx_number_atoms_ligand         33 
_refine_hist.number_atoms_solvent             58 
_refine_hist.number_atoms_total               1669 
_refine_hist.d_res_high                       2.500 
_refine_hist.d_res_low                        6.000 
# 
_struct.entry_id                  1QG2 
_struct.title                     'CANINE GDP-RAN R76E MUTANT' 
_struct.pdbx_model_details        ? 
_struct.pdbx_CASP_flag            ? 
_struct.pdbx_model_type_details   ? 
# 
_struct_keywords.entry_id        1QG2 
_struct_keywords.pdbx_keywords   GTPASE 
_struct_keywords.text            'GTPASE, NUCLEAR TRANSPORT' 
# 
loop_
_struct_asym.id 
_struct_asym.pdbx_blank_PDB_chainid_flag 
_struct_asym.pdbx_modified 
_struct_asym.entity_id 
_struct_asym.details 
A N N 1 ? 
B N N 2 ? 
C N N 3 ? 
D N N 4 ? 
# 
_struct_ref.id                         1 
_struct_ref.db_name                    UNP 
_struct_ref.db_code                    RAN_CANFA 
_struct_ref.entity_id                  1 
_struct_ref.pdbx_db_accession          P62825 
_struct_ref.pdbx_db_isoform            ? 
_struct_ref.pdbx_seq_one_letter_code   ? 
_struct_ref.pdbx_align_begin           ? 
# 
_struct_ref_seq.align_id                      1 
_struct_ref_seq.ref_id                        1 
_struct_ref_seq.pdbx_PDB_id_code              1QG2 
_struct_ref_seq.pdbx_strand_id                A 
_struct_ref_seq.seq_align_beg                 1 
_struct_ref_seq.pdbx_seq_align_beg_ins_code   ? 
_struct_ref_seq.seq_align_end                 216 
_struct_ref_seq.pdbx_seq_align_end_ins_code   ? 
_struct_ref_seq.pdbx_db_accession             P62825 
_struct_ref_seq.db_align_beg                  1 
_struct_ref_seq.pdbx_db_align_beg_ins_code    ? 
_struct_ref_seq.db_align_end                  216 
_struct_ref_seq.pdbx_db_align_end_ins_code    ? 
_struct_ref_seq.pdbx_auth_seq_align_beg       1 
_struct_ref_seq.pdbx_auth_seq_align_end       216 
# 
_struct_ref_seq_dif.align_id                     1 
_struct_ref_seq_dif.pdbx_pdb_id_code             1QG2 
_struct_ref_seq_dif.mon_id                       GLU 
_struct_ref_seq_dif.pdbx_pdb_strand_id           A 
_struct_ref_seq_dif.seq_num                      76 
_struct_ref_seq_dif.pdbx_pdb_ins_code            ? 
_struct_ref_seq_dif.pdbx_seq_db_name             UNP 
_struct_ref_seq_dif.pdbx_seq_db_accession_code   P62825 
_struct_ref_seq_dif.db_mon_id                    ARG 
_struct_ref_seq_dif.pdbx_seq_db_seq_num          76 
_struct_ref_seq_dif.details                      'engineered mutation' 
_struct_ref_seq_dif.pdbx_auth_seq_num            76 
_struct_ref_seq_dif.pdbx_ordinal                 1 
# 
_pdbx_struct_assembly.id                   1 
_pdbx_struct_assembly.details              author_defined_assembly 
_pdbx_struct_assembly.method_details       ? 
_pdbx_struct_assembly.oligomeric_details   monomeric 
_pdbx_struct_assembly.oligomeric_count     1 
# 
_pdbx_struct_assembly_gen.assembly_id       1 
_pdbx_struct_assembly_gen.oper_expression   1 
_pdbx_struct_assembly_gen.asym_id_list      A,B,C,D 
# 
_pdbx_struct_oper_list.id                   1 
_pdbx_struct_oper_list.type                 'identity operation' 
_pdbx_struct_oper_list.name                 1_555 
_pdbx_struct_oper_list.symmetry_operation   x,y,z 
_pdbx_struct_oper_list.matrix[1][1]         1.0000000000 
_pdbx_struct_oper_list.matrix[1][2]         0.0000000000 
_pdbx_struct_oper_list.matrix[1][3]         0.0000000000 
_pdbx_struct_oper_list.vector[1]            0.0000000000 
_pdbx_struct_oper_list.matrix[2][1]         0.0000000000 
_pdbx_struct_oper_list.matrix[2][2]         1.0000000000 
_pdbx_struct_oper_list.matrix[2][3]         0.0000000000 
_pdbx_struct_oper_list.vector[2]            0.0000000000 
_pdbx_struct_oper_list.matrix[3][1]         0.0000000000 
_pdbx_struct_oper_list.matrix[3][2]         0.0000000000 
_pdbx_struct_oper_list.matrix[3][3]         1.0000000000 
_pdbx_struct_oper_list.vector[3]            0.0000000000 
# 
_struct_biol.id   1 
# 
loop_
_struct_conf.conf_type_id 
_struct_conf.id 
_struct_conf.pdbx_PDB_helix_id 
_struct_conf.beg_label_comp_id 
_struct_conf.beg_label_asym_id 
_struct_conf.beg_label_seq_id 
_struct_conf.pdbx_beg_PDB_ins_code 
_struct_conf.end_label_comp_id 
_struct_conf.end_label_asym_id 
_struct_conf.end_label_seq_id 
_struct_conf.pdbx_end_PDB_ins_code 
_struct_conf.beg_auth_comp_id 
_struct_conf.beg_auth_asym_id 
_struct_conf.beg_auth_seq_id 
_struct_conf.end_auth_comp_id 
_struct_conf.end_auth_asym_id 
_struct_conf.end_auth_seq_id 
_struct_conf.pdbx_PDB_helix_class 
_struct_conf.details 
_struct_conf.pdbx_PDB_helix_length 
HELX_P HELX_P1  1  LYS A 23  ? ARG A 29  ? LYS A 23  ARG A 29  1 ? 7  
HELX_P HELX_P2  2  LEU A 31  ? PHE A 35  ? LEU A 31  PHE A 35  1 ? 5  
HELX_P HELX_P3  3  GLN A 69  ? PHE A 72  ? GLN A 69  PHE A 72  5 ? 4  
HELX_P HELX_P4  4  ASP A 77  ? TYR A 80  ? ASP A 77  TYR A 80  1 ? 4  
HELX_P HELX_P5  5  ARG A 95  ? LYS A 99  ? ARG A 95  LYS A 99  1 ? 5  
HELX_P HELX_P6  6  VAL A 101 ? VAL A 111 ? VAL A 101 VAL A 111 1 ? 11 
HELX_P HELX_P7  7  ALA A 133 ? SER A 135 ? ALA A 133 SER A 135 5 ? 3  
HELX_P HELX_P8  8  PHE A 138 ? LYS A 142 ? PHE A 138 LYS A 142 1 ? 5  
HELX_P HELX_P9  9  ALA A 151 ? SER A 153 ? ALA A 151 SER A 153 5 ? 3  
HELX_P HELX_P10 10 PHE A 157 ? ILE A 169 ? PHE A 157 ILE A 169 1 ? 13 
HELX_P HELX_P11 11 PRO A 191 ? THR A 206 ? PRO A 191 THR A 206 1 ? 16 
# 
_struct_conf_type.id          HELX_P 
_struct_conf_type.criteria    ? 
_struct_conf_type.reference   ? 
# 
loop_
_struct_conn.id 
_struct_conn.conn_type_id 
_struct_conn.pdbx_leaving_atom_flag 
_struct_conn.pdbx_PDB_id 
_struct_conn.ptnr1_label_asym_id 
_struct_conn.ptnr1_label_comp_id 
_struct_conn.ptnr1_label_seq_id 
_struct_conn.ptnr1_label_atom_id 
_struct_conn.pdbx_ptnr1_label_alt_id 
_struct_conn.pdbx_ptnr1_PDB_ins_code 
_struct_conn.pdbx_ptnr1_standard_comp_id 
_struct_conn.ptnr1_symmetry 
_struct_conn.ptnr2_label_asym_id 
_struct_conn.ptnr2_label_comp_id 
_struct_conn.ptnr2_label_seq_id 
_struct_conn.ptnr2_label_atom_id 
_struct_conn.pdbx_ptnr2_label_alt_id 
_struct_conn.pdbx_ptnr2_PDB_ins_code 
_struct_conn.ptnr1_auth_asym_id 
_struct_conn.ptnr1_auth_comp_id 
_struct_conn.ptnr1_auth_seq_id 
_struct_conn.ptnr2_auth_asym_id 
_struct_conn.ptnr2_auth_comp_id 
_struct_conn.ptnr2_auth_seq_id 
_struct_conn.ptnr2_symmetry 
_struct_conn.pdbx_ptnr3_label_atom_id 
_struct_conn.pdbx_ptnr3_label_seq_id 
_struct_conn.pdbx_ptnr3_label_comp_id 
_struct_conn.pdbx_ptnr3_label_asym_id 
_struct_conn.pdbx_ptnr3_label_alt_id 
_struct_conn.pdbx_ptnr3_PDB_ins_code 
_struct_conn.details 
_struct_conn.pdbx_dist_value 
_struct_conn.pdbx_value_order 
_struct_conn.pdbx_role 
metalc1 metalc ? ? A THR 24 OG1 ? ? ? 1_555 B MG  . MG ? ? A THR 24  A MG  221 1_555 ? ? ? ? ? ? ? 2.089 ? ? 
metalc2 metalc ? ? C GDP .  O1B ? ? ? 1_555 B MG  . MG ? ? A GDP 220 A MG  221 1_555 ? ? ? ? ? ? ? 2.062 ? ? 
metalc3 metalc ? ? B MG  .  MG  ? ? ? 1_555 D HOH . O  ? ? A MG  221 A HOH 280 1_555 ? ? ? ? ? ? ? 2.100 ? ? 
metalc4 metalc ? ? B MG  .  MG  ? ? ? 1_555 D HOH . O  ? ? A MG  221 A HOH 281 1_555 ? ? ? ? ? ? ? 2.313 ? ? 
metalc5 metalc ? ? B MG  .  MG  ? ? ? 1_555 D HOH . O  ? ? A MG  221 A HOH 282 1_555 ? ? ? ? ? ? ? 1.921 ? ? 
metalc6 metalc ? ? B MG  .  MG  ? ? ? 1_555 D HOH . O  ? ? A MG  221 A HOH 283 1_555 ? ? ? ? ? ? ? 1.952 ? ? 
# 
_struct_conn_type.id          metalc 
_struct_conn_type.criteria    ? 
_struct_conn_type.reference   ? 
# 
loop_
_pdbx_struct_conn_angle.id 
_pdbx_struct_conn_angle.ptnr1_label_atom_id 
_pdbx_struct_conn_angle.ptnr1_label_alt_id 
_pdbx_struct_conn_angle.ptnr1_label_asym_id 
_pdbx_struct_conn_angle.ptnr1_label_comp_id 
_pdbx_struct_conn_angle.ptnr1_label_seq_id 
_pdbx_struct_conn_angle.ptnr1_auth_atom_id 
_pdbx_struct_conn_angle.ptnr1_auth_asym_id 
_pdbx_struct_conn_angle.ptnr1_auth_comp_id 
_pdbx_struct_conn_angle.ptnr1_auth_seq_id 
_pdbx_struct_conn_angle.ptnr1_PDB_ins_code 
_pdbx_struct_conn_angle.ptnr1_symmetry 
_pdbx_struct_conn_angle.ptnr2_label_atom_id 
_pdbx_struct_conn_angle.ptnr2_label_alt_id 
_pdbx_struct_conn_angle.ptnr2_label_asym_id 
_pdbx_struct_conn_angle.ptnr2_label_comp_id 
_pdbx_struct_conn_angle.ptnr2_label_seq_id 
_pdbx_struct_conn_angle.ptnr2_auth_atom_id 
_pdbx_struct_conn_angle.ptnr2_auth_asym_id 
_pdbx_struct_conn_angle.ptnr2_auth_comp_id 
_pdbx_struct_conn_angle.ptnr2_auth_seq_id 
_pdbx_struct_conn_angle.ptnr2_PDB_ins_code 
_pdbx_struct_conn_angle.ptnr2_symmetry 
_pdbx_struct_conn_angle.ptnr3_label_atom_id 
_pdbx_struct_conn_angle.ptnr3_label_alt_id 
_pdbx_struct_conn_angle.ptnr3_label_asym_id 
_pdbx_struct_conn_angle.ptnr3_label_comp_id 
_pdbx_struct_conn_angle.ptnr3_label_seq_id 
_pdbx_struct_conn_angle.ptnr3_auth_atom_id 
_pdbx_struct_conn_angle.ptnr3_auth_asym_id 
_pdbx_struct_conn_angle.ptnr3_auth_comp_id 
_pdbx_struct_conn_angle.ptnr3_auth_seq_id 
_pdbx_struct_conn_angle.ptnr3_PDB_ins_code 
_pdbx_struct_conn_angle.ptnr3_symmetry 
_pdbx_struct_conn_angle.value 
_pdbx_struct_conn_angle.value_esd 
1  OG1 ? A THR 24 ? A THR 24  ? 1_555 MG ? B MG . ? A MG 221 ? 1_555 O1B ? C GDP . ? A GDP 220 ? 1_555 95.2  ? 
2  OG1 ? A THR 24 ? A THR 24  ? 1_555 MG ? B MG . ? A MG 221 ? 1_555 O   ? D HOH . ? A HOH 280 ? 1_555 178.6 ? 
3  O1B ? C GDP .  ? A GDP 220 ? 1_555 MG ? B MG . ? A MG 221 ? 1_555 O   ? D HOH . ? A HOH 280 ? 1_555 83.4  ? 
4  OG1 ? A THR 24 ? A THR 24  ? 1_555 MG ? B MG . ? A MG 221 ? 1_555 O   ? D HOH . ? A HOH 281 ? 1_555 94.1  ? 
5  O1B ? C GDP .  ? A GDP 220 ? 1_555 MG ? B MG . ? A MG 221 ? 1_555 O   ? D HOH . ? A HOH 281 ? 1_555 87.3  ? 
6  O   ? D HOH .  ? A HOH 280 ? 1_555 MG ? B MG . ? A MG 221 ? 1_555 O   ? D HOH . ? A HOH 281 ? 1_555 86.2  ? 
7  OG1 ? A THR 24 ? A THR 24  ? 1_555 MG ? B MG . ? A MG 221 ? 1_555 O   ? D HOH . ? A HOH 282 ? 1_555 86.7  ? 
8  O1B ? C GDP .  ? A GDP 220 ? 1_555 MG ? B MG . ? A MG 221 ? 1_555 O   ? D HOH . ? A HOH 282 ? 1_555 176.5 ? 
9  O   ? D HOH .  ? A HOH 280 ? 1_555 MG ? B MG . ? A MG 221 ? 1_555 O   ? D HOH . ? A HOH 282 ? 1_555 94.6  ? 
10 O   ? D HOH .  ? A HOH 281 ? 1_555 MG ? B MG . ? A MG 221 ? 1_555 O   ? D HOH . ? A HOH 282 ? 1_555 95.5  ? 
11 OG1 ? A THR 24 ? A THR 24  ? 1_555 MG ? B MG . ? A MG 221 ? 1_555 O   ? D HOH . ? A HOH 283 ? 1_555 87.4  ? 
12 O1B ? C GDP .  ? A GDP 220 ? 1_555 MG ? B MG . ? A MG 221 ? 1_555 O   ? D HOH . ? A HOH 283 ? 1_555 87.5  ? 
13 O   ? D HOH .  ? A HOH 280 ? 1_555 MG ? B MG . ? A MG 221 ? 1_555 O   ? D HOH . ? A HOH 283 ? 1_555 92.2  ? 
14 O   ? D HOH .  ? A HOH 281 ? 1_555 MG ? B MG . ? A MG 221 ? 1_555 O   ? D HOH . ? A HOH 283 ? 1_555 174.8 ? 
15 O   ? D HOH .  ? A HOH 282 ? 1_555 MG ? B MG . ? A MG 221 ? 1_555 O   ? D HOH . ? A HOH 283 ? 1_555 89.6  ? 
# 
_struct_sheet.id               A 
_struct_sheet.type             ? 
_struct_sheet.number_strands   7 
_struct_sheet.details          ? 
# 
loop_
_struct_sheet_order.sheet_id 
_struct_sheet_order.range_id_1 
_struct_sheet_order.range_id_2 
_struct_sheet_order.offset 
_struct_sheet_order.sense 
A 1 2 ? parallel      
A 2 3 ? parallel      
A 3 4 ? parallel      
A 4 5 ? parallel      
A 5 6 ? anti-parallel 
A 6 7 ? anti-parallel 
# 
loop_
_struct_sheet_range.sheet_id 
_struct_sheet_range.id 
_struct_sheet_range.beg_label_comp_id 
_struct_sheet_range.beg_label_asym_id 
_struct_sheet_range.beg_label_seq_id 
_struct_sheet_range.pdbx_beg_PDB_ins_code 
_struct_sheet_range.end_label_comp_id 
_struct_sheet_range.end_label_asym_id 
_struct_sheet_range.end_label_seq_id 
_struct_sheet_range.pdbx_end_PDB_ins_code 
_struct_sheet_range.beg_auth_comp_id 
_struct_sheet_range.beg_auth_asym_id 
_struct_sheet_range.beg_auth_seq_id 
_struct_sheet_range.end_auth_comp_id 
_struct_sheet_range.end_auth_asym_id 
_struct_sheet_range.end_auth_seq_id 
A 1 GLN A 145 ? ASP A 148 ? GLN A 145 ASP A 148 
A 2 PRO A 116 ? ASN A 122 ? PRO A 116 ASN A 122 
A 3 CYS A 85  ? ASP A 91  ? CYS A 85  ASP A 91  
A 4 GLN A 10  ? GLY A 17  ? GLN A 10  GLY A 17  
A 5 GLY A 57  ? THR A 66  ? GLY A 57  THR A 66  
A 6 VAL A 45  ? THR A 54  ? VAL A 45  THR A 54  
A 7 LYS A 38  ? VAL A 40  ? LYS A 38  VAL A 40  
# 
loop_
_pdbx_struct_sheet_hbond.sheet_id 
_pdbx_struct_sheet_hbond.range_id_1 
_pdbx_struct_sheet_hbond.range_id_2 
_pdbx_struct_sheet_hbond.range_1_label_atom_id 
_pdbx_struct_sheet_hbond.range_1_label_comp_id 
_pdbx_struct_sheet_hbond.range_1_label_asym_id 
_pdbx_struct_sheet_hbond.range_1_label_seq_id 
_pdbx_struct_sheet_hbond.range_1_PDB_ins_code 
_pdbx_struct_sheet_hbond.range_1_auth_atom_id 
_pdbx_struct_sheet_hbond.range_1_auth_comp_id 
_pdbx_struct_sheet_hbond.range_1_auth_asym_id 
_pdbx_struct_sheet_hbond.range_1_auth_seq_id 
_pdbx_struct_sheet_hbond.range_2_label_atom_id 
_pdbx_struct_sheet_hbond.range_2_label_comp_id 
_pdbx_struct_sheet_hbond.range_2_label_asym_id 
_pdbx_struct_sheet_hbond.range_2_label_seq_id 
_pdbx_struct_sheet_hbond.range_2_PDB_ins_code 
_pdbx_struct_sheet_hbond.range_2_auth_atom_id 
_pdbx_struct_sheet_hbond.range_2_auth_comp_id 
_pdbx_struct_sheet_hbond.range_2_auth_asym_id 
_pdbx_struct_sheet_hbond.range_2_auth_seq_id 
A 1 2 O GLN A 145 ? O GLN A 145 N LEU A 119 ? N LEU A 119 
A 2 3 O PRO A 116 ? O PRO A 116 N ALA A 86  ? N ALA A 86  
A 3 4 O CYS A 85  ? O CYS A 85  N VAL A 14  ? N VAL A 14  
A 4 5 O PHE A 11  ? O PHE A 11  N LYS A 60  ? N LYS A 60  
A 5 6 O GLY A 57  ? O GLY A 57  N THR A 54  ? N THR A 54  
A 6 7 O VAL A 45  ? O VAL A 45  N VAL A 40  ? N VAL A 40  
# 
loop_
_struct_site.id 
_struct_site.pdbx_evidence_code 
_struct_site.pdbx_auth_asym_id 
_struct_site.pdbx_auth_comp_id 
_struct_site.pdbx_auth_seq_id 
_struct_site.pdbx_auth_ins_code 
_struct_site.pdbx_num_residues 
_struct_site.details 
AC1 Software A MG  221 ? 6  'BINDING SITE FOR RESIDUE MG A 221'  
AC2 Software A GDP 220 ? 18 'BINDING SITE FOR RESIDUE GDP A 220' 
# 
loop_
_struct_site_gen.id 
_struct_site_gen.site_id 
_struct_site_gen.pdbx_num_res 
_struct_site_gen.label_comp_id 
_struct_site_gen.label_asym_id 
_struct_site_gen.label_seq_id 
_struct_site_gen.pdbx_auth_ins_code 
_struct_site_gen.auth_comp_id 
_struct_site_gen.auth_asym_id 
_struct_site_gen.auth_seq_id 
_struct_site_gen.label_atom_id 
_struct_site_gen.label_alt_id 
_struct_site_gen.symmetry 
_struct_site_gen.details 
1  AC1 6  THR A 24  ? THR A 24  . ? 1_555 ? 
2  AC1 6  GDP C .   ? GDP A 220 . ? 1_555 ? 
3  AC1 6  HOH D .   ? HOH A 280 . ? 1_555 ? 
4  AC1 6  HOH D .   ? HOH A 281 . ? 1_555 ? 
5  AC1 6  HOH D .   ? HOH A 282 . ? 1_555 ? 
6  AC1 6  HOH D .   ? HOH A 283 . ? 1_555 ? 
7  AC2 18 ASP A 18  ? ASP A 18  . ? 1_555 ? 
8  AC2 18 GLY A 20  ? GLY A 20  . ? 1_555 ? 
9  AC2 18 THR A 21  ? THR A 21  . ? 1_555 ? 
10 AC2 18 GLY A 22  ? GLY A 22  . ? 1_555 ? 
11 AC2 18 LYS A 23  ? LYS A 23  . ? 1_555 ? 
12 AC2 18 THR A 24  ? THR A 24  . ? 1_555 ? 
13 AC2 18 THR A 25  ? THR A 25  . ? 1_555 ? 
14 AC2 18 ASN A 122 ? ASN A 122 . ? 1_555 ? 
15 AC2 18 LYS A 123 ? LYS A 123 . ? 1_555 ? 
16 AC2 18 ASP A 125 ? ASP A 125 . ? 1_555 ? 
17 AC2 18 SER A 150 ? SER A 150 . ? 1_555 ? 
18 AC2 18 ALA A 151 ? ALA A 151 . ? 1_555 ? 
19 AC2 18 LYS A 152 ? LYS A 152 . ? 1_555 ? 
20 AC2 18 MG  B .   ? MG  A 221 . ? 1_555 ? 
21 AC2 18 HOH D .   ? HOH A 277 . ? 1_555 ? 
22 AC2 18 HOH D .   ? HOH A 280 . ? 1_555 ? 
23 AC2 18 HOH D .   ? HOH A 281 . ? 1_555 ? 
24 AC2 18 HOH D .   ? HOH A 283 . ? 1_555 ? 
# 
_pdbx_validate_symm_contact.id                1 
_pdbx_validate_symm_contact.PDB_model_num     1 
_pdbx_validate_symm_contact.auth_atom_id_1    O 
_pdbx_validate_symm_contact.auth_asym_id_1    A 
_pdbx_validate_symm_contact.auth_comp_id_1    HOH 
_pdbx_validate_symm_contact.auth_seq_id_1     222 
_pdbx_validate_symm_contact.PDB_ins_code_1    ? 
_pdbx_validate_symm_contact.label_alt_id_1    ? 
_pdbx_validate_symm_contact.site_symmetry_1   1_555 
_pdbx_validate_symm_contact.auth_atom_id_2    O 
_pdbx_validate_symm_contact.auth_asym_id_2    A 
_pdbx_validate_symm_contact.auth_comp_id_2    HOH 
_pdbx_validate_symm_contact.auth_seq_id_2     222 
_pdbx_validate_symm_contact.PDB_ins_code_2    ? 
_pdbx_validate_symm_contact.label_alt_id_2    ? 
_pdbx_validate_symm_contact.site_symmetry_2   8_666 
_pdbx_validate_symm_contact.dist              2.01 
# 
loop_
_pdbx_validate_rmsd_angle.id 
_pdbx_validate_rmsd_angle.PDB_model_num 
_pdbx_validate_rmsd_angle.auth_atom_id_1 
_pdbx_validate_rmsd_angle.auth_asym_id_1 
_pdbx_validate_rmsd_angle.auth_comp_id_1 
_pdbx_validate_rmsd_angle.auth_seq_id_1 
_pdbx_validate_rmsd_angle.PDB_ins_code_1 
_pdbx_validate_rmsd_angle.label_alt_id_1 
_pdbx_validate_rmsd_angle.auth_atom_id_2 
_pdbx_validate_rmsd_angle.auth_asym_id_2 
_pdbx_validate_rmsd_angle.auth_comp_id_2 
_pdbx_validate_rmsd_angle.auth_seq_id_2 
_pdbx_validate_rmsd_angle.PDB_ins_code_2 
_pdbx_validate_rmsd_angle.label_alt_id_2 
_pdbx_validate_rmsd_angle.auth_atom_id_3 
_pdbx_validate_rmsd_angle.auth_asym_id_3 
_pdbx_validate_rmsd_angle.auth_comp_id_3 
_pdbx_validate_rmsd_angle.auth_seq_id_3 
_pdbx_validate_rmsd_angle.PDB_ins_code_3 
_pdbx_validate_rmsd_angle.label_alt_id_3 
_pdbx_validate_rmsd_angle.angle_value 
_pdbx_validate_rmsd_angle.angle_target_value 
_pdbx_validate_rmsd_angle.angle_deviation 
_pdbx_validate_rmsd_angle.angle_standard_deviation 
_pdbx_validate_rmsd_angle.linker_flag 
1 1 OE1 A GLU 70  ? ? CD A GLU 70  ? ? OE2 A GLU 70  ? ? 116.06 123.30 -7.24 1.20 N 
2 1 CB  A TYR 155 ? ? CG A TYR 155 ? ? CD1 A TYR 155 ? ? 126.19 121.00 5.19  0.60 N 
3 1 CB  A ASP 190 ? ? CG A ASP 190 ? ? OD1 A ASP 190 ? ? 125.50 118.30 7.20  0.90 N 
4 1 CB  A TYR 197 ? ? CG A TYR 197 ? ? CD2 A TYR 197 ? ? 116.64 121.00 -4.36 0.60 N 
5 1 CB  A TYR 197 ? ? CG A TYR 197 ? ? CD1 A TYR 197 ? ? 125.43 121.00 4.43  0.60 N 
# 
loop_
_pdbx_validate_torsion.id 
_pdbx_validate_torsion.PDB_model_num 
_pdbx_validate_torsion.auth_comp_id 
_pdbx_validate_torsion.auth_asym_id 
_pdbx_validate_torsion.auth_seq_id 
_pdbx_validate_torsion.PDB_ins_code 
_pdbx_validate_torsion.label_alt_id 
_pdbx_validate_torsion.phi 
_pdbx_validate_torsion.psi 
1 1 LYS A 123 ? ? 72.87   32.09 
2 1 ASN A 154 ? ? 63.16   -0.25 
3 1 THR A 207 ? ? -112.39 66.18 
# 
loop_
_pdbx_unobs_or_zero_occ_residues.id 
_pdbx_unobs_or_zero_occ_residues.PDB_model_num 
_pdbx_unobs_or_zero_occ_residues.polymer_flag 
_pdbx_unobs_or_zero_occ_residues.occupancy_flag 
_pdbx_unobs_or_zero_occ_residues.auth_asym_id 
_pdbx_unobs_or_zero_occ_residues.auth_comp_id 
_pdbx_unobs_or_zero_occ_residues.auth_seq_id 
_pdbx_unobs_or_zero_occ_residues.PDB_ins_code 
_pdbx_unobs_or_zero_occ_residues.label_asym_id 
_pdbx_unobs_or_zero_occ_residues.label_comp_id 
_pdbx_unobs_or_zero_occ_residues.label_seq_id 
1  1 Y 1 A MET 1   ? A MET 1   
2  1 Y 1 A ALA 2   ? A ALA 2   
3  1 Y 1 A ALA 3   ? A ALA 3   
4  1 Y 1 A GLN 4   ? A GLN 4   
5  1 Y 1 A GLY 5   ? A GLY 5   
6  1 Y 1 A GLU 6   ? A GLU 6   
7  1 Y 1 A PRO 7   ? A PRO 7   
8  1 Y 1 A LEU 209 ? A LEU 209 
9  1 Y 1 A PRO 210 ? A PRO 210 
10 1 Y 1 A ASP 211 ? A ASP 211 
11 1 Y 1 A GLU 212 ? A GLU 212 
12 1 Y 1 A ASP 213 ? A ASP 213 
13 1 Y 1 A ASP 214 ? A ASP 214 
14 1 Y 1 A ASP 215 ? A ASP 215 
15 1 Y 1 A LEU 216 ? A LEU 216 
# 
loop_
_chem_comp_atom.comp_id 
_chem_comp_atom.atom_id 
_chem_comp_atom.type_symbol 
_chem_comp_atom.pdbx_aromatic_flag 
_chem_comp_atom.pdbx_stereo_config 
_chem_comp_atom.pdbx_ordinal 
ALA N      N  N N 1   
ALA CA     C  N S 2   
ALA C      C  N N 3   
ALA O      O  N N 4   
ALA CB     C  N N 5   
ALA OXT    O  N N 6   
ALA H      H  N N 7   
ALA H2     H  N N 8   
ALA HA     H  N N 9   
ALA HB1    H  N N 10  
ALA HB2    H  N N 11  
ALA HB3    H  N N 12  
ALA HXT    H  N N 13  
ARG N      N  N N 14  
ARG CA     C  N S 15  
ARG C      C  N N 16  
ARG O      O  N N 17  
ARG CB     C  N N 18  
ARG CG     C  N N 19  
ARG CD     C  N N 20  
ARG NE     N  N N 21  
ARG CZ     C  N N 22  
ARG NH1    N  N N 23  
ARG NH2    N  N N 24  
ARG OXT    O  N N 25  
ARG H      H  N N 26  
ARG H2     H  N N 27  
ARG HA     H  N N 28  
ARG HB2    H  N N 29  
ARG HB3    H  N N 30  
ARG HG2    H  N N 31  
ARG HG3    H  N N 32  
ARG HD2    H  N N 33  
ARG HD3    H  N N 34  
ARG HE     H  N N 35  
ARG HH11   H  N N 36  
ARG HH12   H  N N 37  
ARG HH21   H  N N 38  
ARG HH22   H  N N 39  
ARG HXT    H  N N 40  
ASN N      N  N N 41  
ASN CA     C  N S 42  
ASN C      C  N N 43  
ASN O      O  N N 44  
ASN CB     C  N N 45  
ASN CG     C  N N 46  
ASN OD1    O  N N 47  
ASN ND2    N  N N 48  
ASN OXT    O  N N 49  
ASN H      H  N N 50  
ASN H2     H  N N 51  
ASN HA     H  N N 52  
ASN HB2    H  N N 53  
ASN HB3    H  N N 54  
ASN HD21   H  N N 55  
ASN HD22   H  N N 56  
ASN HXT    H  N N 57  
ASP N      N  N N 58  
ASP CA     C  N S 59  
ASP C      C  N N 60  
ASP O      O  N N 61  
ASP CB     C  N N 62  
ASP CG     C  N N 63  
ASP OD1    O  N N 64  
ASP OD2    O  N N 65  
ASP OXT    O  N N 66  
ASP H      H  N N 67  
ASP H2     H  N N 68  
ASP HA     H  N N 69  
ASP HB2    H  N N 70  
ASP HB3    H  N N 71  
ASP HD2    H  N N 72  
ASP HXT    H  N N 73  
CYS N      N  N N 74  
CYS CA     C  N R 75  
CYS C      C  N N 76  
CYS O      O  N N 77  
CYS CB     C  N N 78  
CYS SG     S  N N 79  
CYS OXT    O  N N 80  
CYS H      H  N N 81  
CYS H2     H  N N 82  
CYS HA     H  N N 83  
CYS HB2    H  N N 84  
CYS HB3    H  N N 85  
CYS HG     H  N N 86  
CYS HXT    H  N N 87  
GDP PB     P  N N 88  
GDP O1B    O  N N 89  
GDP O2B    O  N N 90  
GDP O3B    O  N N 91  
GDP O3A    O  N N 92  
GDP PA     P  N N 93  
GDP O1A    O  N N 94  
GDP O2A    O  N N 95  
GDP "O5'"  O  N N 96  
GDP "C5'"  C  N N 97  
GDP "C4'"  C  N R 98  
GDP "O4'"  O  N N 99  
GDP "C3'"  C  N S 100 
GDP "O3'"  O  N N 101 
GDP "C2'"  C  N R 102 
GDP "O2'"  O  N N 103 
GDP "C1'"  C  N R 104 
GDP N9     N  Y N 105 
GDP C8     C  Y N 106 
GDP N7     N  Y N 107 
GDP C5     C  Y N 108 
GDP C6     C  N N 109 
GDP O6     O  N N 110 
GDP N1     N  N N 111 
GDP C2     C  N N 112 
GDP N2     N  N N 113 
GDP N3     N  N N 114 
GDP C4     C  Y N 115 
GDP HOB2   H  N N 116 
GDP HOB3   H  N N 117 
GDP HOA2   H  N N 118 
GDP "H5'"  H  N N 119 
GDP "H5''" H  N N 120 
GDP "H4'"  H  N N 121 
GDP "H3'"  H  N N 122 
GDP "HO3'" H  N N 123 
GDP "H2'"  H  N N 124 
GDP "HO2'" H  N N 125 
GDP "H1'"  H  N N 126 
GDP H8     H  N N 127 
GDP HN1    H  N N 128 
GDP HN21   H  N N 129 
GDP HN22   H  N N 130 
GLN N      N  N N 131 
GLN CA     C  N S 132 
GLN C      C  N N 133 
GLN O      O  N N 134 
GLN CB     C  N N 135 
GLN CG     C  N N 136 
GLN CD     C  N N 137 
GLN OE1    O  N N 138 
GLN NE2    N  N N 139 
GLN OXT    O  N N 140 
GLN H      H  N N 141 
GLN H2     H  N N 142 
GLN HA     H  N N 143 
GLN HB2    H  N N 144 
GLN HB3    H  N N 145 
GLN HG2    H  N N 146 
GLN HG3    H  N N 147 
GLN HE21   H  N N 148 
GLN HE22   H  N N 149 
GLN HXT    H  N N 150 
GLU N      N  N N 151 
GLU CA     C  N S 152 
GLU C      C  N N 153 
GLU O      O  N N 154 
GLU CB     C  N N 155 
GLU CG     C  N N 156 
GLU CD     C  N N 157 
GLU OE1    O  N N 158 
GLU OE2    O  N N 159 
GLU OXT    O  N N 160 
GLU H      H  N N 161 
GLU H2     H  N N 162 
GLU HA     H  N N 163 
GLU HB2    H  N N 164 
GLU HB3    H  N N 165 
GLU HG2    H  N N 166 
GLU HG3    H  N N 167 
GLU HE2    H  N N 168 
GLU HXT    H  N N 169 
GLY N      N  N N 170 
GLY CA     C  N N 171 
GLY C      C  N N 172 
GLY O      O  N N 173 
GLY OXT    O  N N 174 
GLY H      H  N N 175 
GLY H2     H  N N 176 
GLY HA2    H  N N 177 
GLY HA3    H  N N 178 
GLY HXT    H  N N 179 
HIS N      N  N N 180 
HIS CA     C  N S 181 
HIS C      C  N N 182 
HIS O      O  N N 183 
HIS CB     C  N N 184 
HIS CG     C  Y N 185 
HIS ND1    N  Y N 186 
HIS CD2    C  Y N 187 
HIS CE1    C  Y N 188 
HIS NE2    N  Y N 189 
HIS OXT    O  N N 190 
HIS H      H  N N 191 
HIS H2     H  N N 192 
HIS HA     H  N N 193 
HIS HB2    H  N N 194 
HIS HB3    H  N N 195 
HIS HD1    H  N N 196 
HIS HD2    H  N N 197 
HIS HE1    H  N N 198 
HIS HE2    H  N N 199 
HIS HXT    H  N N 200 
HOH O      O  N N 201 
HOH H1     H  N N 202 
HOH H2     H  N N 203 
ILE N      N  N N 204 
ILE CA     C  N S 205 
ILE C      C  N N 206 
ILE O      O  N N 207 
ILE CB     C  N S 208 
ILE CG1    C  N N 209 
ILE CG2    C  N N 210 
ILE CD1    C  N N 211 
ILE OXT    O  N N 212 
ILE H      H  N N 213 
ILE H2     H  N N 214 
ILE HA     H  N N 215 
ILE HB     H  N N 216 
ILE HG12   H  N N 217 
ILE HG13   H  N N 218 
ILE HG21   H  N N 219 
ILE HG22   H  N N 220 
ILE HG23   H  N N 221 
ILE HD11   H  N N 222 
ILE HD12   H  N N 223 
ILE HD13   H  N N 224 
ILE HXT    H  N N 225 
LEU N      N  N N 226 
LEU CA     C  N S 227 
LEU C      C  N N 228 
LEU O      O  N N 229 
LEU CB     C  N N 230 
LEU CG     C  N N 231 
LEU CD1    C  N N 232 
LEU CD2    C  N N 233 
LEU OXT    O  N N 234 
LEU H      H  N N 235 
LEU H2     H  N N 236 
LEU HA     H  N N 237 
LEU HB2    H  N N 238 
LEU HB3    H  N N 239 
LEU HG     H  N N 240 
LEU HD11   H  N N 241 
LEU HD12   H  N N 242 
LEU HD13   H  N N 243 
LEU HD21   H  N N 244 
LEU HD22   H  N N 245 
LEU HD23   H  N N 246 
LEU HXT    H  N N 247 
LYS N      N  N N 248 
LYS CA     C  N S 249 
LYS C      C  N N 250 
LYS O      O  N N 251 
LYS CB     C  N N 252 
LYS CG     C  N N 253 
LYS CD     C  N N 254 
LYS CE     C  N N 255 
LYS NZ     N  N N 256 
LYS OXT    O  N N 257 
LYS H      H  N N 258 
LYS H2     H  N N 259 
LYS HA     H  N N 260 
LYS HB2    H  N N 261 
LYS HB3    H  N N 262 
LYS HG2    H  N N 263 
LYS HG3    H  N N 264 
LYS HD2    H  N N 265 
LYS HD3    H  N N 266 
LYS HE2    H  N N 267 
LYS HE3    H  N N 268 
LYS HZ1    H  N N 269 
LYS HZ2    H  N N 270 
LYS HZ3    H  N N 271 
LYS HXT    H  N N 272 
MET N      N  N N 273 
MET CA     C  N S 274 
MET C      C  N N 275 
MET O      O  N N 276 
MET CB     C  N N 277 
MET CG     C  N N 278 
MET SD     S  N N 279 
MET CE     C  N N 280 
MET OXT    O  N N 281 
MET H      H  N N 282 
MET H2     H  N N 283 
MET HA     H  N N 284 
MET HB2    H  N N 285 
MET HB3    H  N N 286 
MET HG2    H  N N 287 
MET HG3    H  N N 288 
MET HE1    H  N N 289 
MET HE2    H  N N 290 
MET HE3    H  N N 291 
MET HXT    H  N N 292 
MG  MG     MG N N 293 
PHE N      N  N N 294 
PHE CA     C  N S 295 
PHE C      C  N N 296 
PHE O      O  N N 297 
PHE CB     C  N N 298 
PHE CG     C  Y N 299 
PHE CD1    C  Y N 300 
PHE CD2    C  Y N 301 
PHE CE1    C  Y N 302 
PHE CE2    C  Y N 303 
PHE CZ     C  Y N 304 
PHE OXT    O  N N 305 
PHE H      H  N N 306 
PHE H2     H  N N 307 
PHE HA     H  N N 308 
PHE HB2    H  N N 309 
PHE HB3    H  N N 310 
PHE HD1    H  N N 311 
PHE HD2    H  N N 312 
PHE HE1    H  N N 313 
PHE HE2    H  N N 314 
PHE HZ     H  N N 315 
PHE HXT    H  N N 316 
PRO N      N  N N 317 
PRO CA     C  N S 318 
PRO C      C  N N 319 
PRO O      O  N N 320 
PRO CB     C  N N 321 
PRO CG     C  N N 322 
PRO CD     C  N N 323 
PRO OXT    O  N N 324 
PRO H      H  N N 325 
PRO HA     H  N N 326 
PRO HB2    H  N N 327 
PRO HB3    H  N N 328 
PRO HG2    H  N N 329 
PRO HG3    H  N N 330 
PRO HD2    H  N N 331 
PRO HD3    H  N N 332 
PRO HXT    H  N N 333 
SER N      N  N N 334 
SER CA     C  N S 335 
SER C      C  N N 336 
SER O      O  N N 337 
SER CB     C  N N 338 
SER OG     O  N N 339 
SER OXT    O  N N 340 
SER H      H  N N 341 
SER H2     H  N N 342 
SER HA     H  N N 343 
SER HB2    H  N N 344 
SER HB3    H  N N 345 
SER HG     H  N N 346 
SER HXT    H  N N 347 
THR N      N  N N 348 
THR CA     C  N S 349 
THR C      C  N N 350 
THR O      O  N N 351 
THR CB     C  N R 352 
THR OG1    O  N N 353 
THR CG2    C  N N 354 
THR OXT    O  N N 355 
THR H      H  N N 356 
THR H2     H  N N 357 
THR HA     H  N N 358 
THR HB     H  N N 359 
THR HG1    H  N N 360 
THR HG21   H  N N 361 
THR HG22   H  N N 362 
THR HG23   H  N N 363 
THR HXT    H  N N 364 
TRP N      N  N N 365 
TRP CA     C  N S 366 
TRP C      C  N N 367 
TRP O      O  N N 368 
TRP CB     C  N N 369 
TRP CG     C  Y N 370 
TRP CD1    C  Y N 371 
TRP CD2    C  Y N 372 
TRP NE1    N  Y N 373 
TRP CE2    C  Y N 374 
TRP CE3    C  Y N 375 
TRP CZ2    C  Y N 376 
TRP CZ3    C  Y N 377 
TRP CH2    C  Y N 378 
TRP OXT    O  N N 379 
TRP H      H  N N 380 
TRP H2     H  N N 381 
TRP HA     H  N N 382 
TRP HB2    H  N N 383 
TRP HB3    H  N N 384 
TRP HD1    H  N N 385 
TRP HE1    H  N N 386 
TRP HE3    H  N N 387 
TRP HZ2    H  N N 388 
TRP HZ3    H  N N 389 
TRP HH2    H  N N 390 
TRP HXT    H  N N 391 
TYR N      N  N N 392 
TYR CA     C  N S 393 
TYR C      C  N N 394 
TYR O      O  N N 395 
TYR CB     C  N N 396 
TYR CG     C  Y N 397 
TYR CD1    C  Y N 398 
TYR CD2    C  Y N 399 
TYR CE1    C  Y N 400 
TYR CE2    C  Y N 401 
TYR CZ     C  Y N 402 
TYR OH     O  N N 403 
TYR OXT    O  N N 404 
TYR H      H  N N 405 
TYR H2     H  N N 406 
TYR HA     H  N N 407 
TYR HB2    H  N N 408 
TYR HB3    H  N N 409 
TYR HD1    H  N N 410 
TYR HD2    H  N N 411 
TYR HE1    H  N N 412 
TYR HE2    H  N N 413 
TYR HH     H  N N 414 
TYR HXT    H  N N 415 
VAL N      N  N N 416 
VAL CA     C  N S 417 
VAL C      C  N N 418 
VAL O      O  N N 419 
VAL CB     C  N N 420 
VAL CG1    C  N N 421 
VAL CG2    C  N N 422 
VAL OXT    O  N N 423 
VAL H      H  N N 424 
VAL H2     H  N N 425 
VAL HA     H  N N 426 
VAL HB     H  N N 427 
VAL HG11   H  N N 428 
VAL HG12   H  N N 429 
VAL HG13   H  N N 430 
VAL HG21   H  N N 431 
VAL HG22   H  N N 432 
VAL HG23   H  N N 433 
VAL HXT    H  N N 434 
# 
loop_
_chem_comp_bond.comp_id 
_chem_comp_bond.atom_id_1 
_chem_comp_bond.atom_id_2 
_chem_comp_bond.value_order 
_chem_comp_bond.pdbx_aromatic_flag 
_chem_comp_bond.pdbx_stereo_config 
_chem_comp_bond.pdbx_ordinal 
ALA N     CA     sing N N 1   
ALA N     H      sing N N 2   
ALA N     H2     sing N N 3   
ALA CA    C      sing N N 4   
ALA CA    CB     sing N N 5   
ALA CA    HA     sing N N 6   
ALA C     O      doub N N 7   
ALA C     OXT    sing N N 8   
ALA CB    HB1    sing N N 9   
ALA CB    HB2    sing N N 10  
ALA CB    HB3    sing N N 11  
ALA OXT   HXT    sing N N 12  
ARG N     CA     sing N N 13  
ARG N     H      sing N N 14  
ARG N     H2     sing N N 15  
ARG CA    C      sing N N 16  
ARG CA    CB     sing N N 17  
ARG CA    HA     sing N N 18  
ARG C     O      doub N N 19  
ARG C     OXT    sing N N 20  
ARG CB    CG     sing N N 21  
ARG CB    HB2    sing N N 22  
ARG CB    HB3    sing N N 23  
ARG CG    CD     sing N N 24  
ARG CG    HG2    sing N N 25  
ARG CG    HG3    sing N N 26  
ARG CD    NE     sing N N 27  
ARG CD    HD2    sing N N 28  
ARG CD    HD3    sing N N 29  
ARG NE    CZ     sing N N 30  
ARG NE    HE     sing N N 31  
ARG CZ    NH1    sing N N 32  
ARG CZ    NH2    doub N N 33  
ARG NH1   HH11   sing N N 34  
ARG NH1   HH12   sing N N 35  
ARG NH2   HH21   sing N N 36  
ARG NH2   HH22   sing N N 37  
ARG OXT   HXT    sing N N 38  
ASN N     CA     sing N N 39  
ASN N     H      sing N N 40  
ASN N     H2     sing N N 41  
ASN CA    C      sing N N 42  
ASN CA    CB     sing N N 43  
ASN CA    HA     sing N N 44  
ASN C     O      doub N N 45  
ASN C     OXT    sing N N 46  
ASN CB    CG     sing N N 47  
ASN CB    HB2    sing N N 48  
ASN CB    HB3    sing N N 49  
ASN CG    OD1    doub N N 50  
ASN CG    ND2    sing N N 51  
ASN ND2   HD21   sing N N 52  
ASN ND2   HD22   sing N N 53  
ASN OXT   HXT    sing N N 54  
ASP N     CA     sing N N 55  
ASP N     H      sing N N 56  
ASP N     H2     sing N N 57  
ASP CA    C      sing N N 58  
ASP CA    CB     sing N N 59  
ASP CA    HA     sing N N 60  
ASP C     O      doub N N 61  
ASP C     OXT    sing N N 62  
ASP CB    CG     sing N N 63  
ASP CB    HB2    sing N N 64  
ASP CB    HB3    sing N N 65  
ASP CG    OD1    doub N N 66  
ASP CG    OD2    sing N N 67  
ASP OD2   HD2    sing N N 68  
ASP OXT   HXT    sing N N 69  
CYS N     CA     sing N N 70  
CYS N     H      sing N N 71  
CYS N     H2     sing N N 72  
CYS CA    C      sing N N 73  
CYS CA    CB     sing N N 74  
CYS CA    HA     sing N N 75  
CYS C     O      doub N N 76  
CYS C     OXT    sing N N 77  
CYS CB    SG     sing N N 78  
CYS CB    HB2    sing N N 79  
CYS CB    HB3    sing N N 80  
CYS SG    HG     sing N N 81  
CYS OXT   HXT    sing N N 82  
GDP PB    O1B    doub N N 83  
GDP PB    O2B    sing N N 84  
GDP PB    O3B    sing N N 85  
GDP PB    O3A    sing N N 86  
GDP O2B   HOB2   sing N N 87  
GDP O3B   HOB3   sing N N 88  
GDP O3A   PA     sing N N 89  
GDP PA    O1A    doub N N 90  
GDP PA    O2A    sing N N 91  
GDP PA    "O5'"  sing N N 92  
GDP O2A   HOA2   sing N N 93  
GDP "O5'" "C5'"  sing N N 94  
GDP "C5'" "C4'"  sing N N 95  
GDP "C5'" "H5'"  sing N N 96  
GDP "C5'" "H5''" sing N N 97  
GDP "C4'" "O4'"  sing N N 98  
GDP "C4'" "C3'"  sing N N 99  
GDP "C4'" "H4'"  sing N N 100 
GDP "O4'" "C1'"  sing N N 101 
GDP "C3'" "O3'"  sing N N 102 
GDP "C3'" "C2'"  sing N N 103 
GDP "C3'" "H3'"  sing N N 104 
GDP "O3'" "HO3'" sing N N 105 
GDP "C2'" "O2'"  sing N N 106 
GDP "C2'" "C1'"  sing N N 107 
GDP "C2'" "H2'"  sing N N 108 
GDP "O2'" "HO2'" sing N N 109 
GDP "C1'" N9     sing N N 110 
GDP "C1'" "H1'"  sing N N 111 
GDP N9    C8     sing Y N 112 
GDP N9    C4     sing Y N 113 
GDP C8    N7     doub Y N 114 
GDP C8    H8     sing N N 115 
GDP N7    C5     sing Y N 116 
GDP C5    C6     sing N N 117 
GDP C5    C4     doub Y N 118 
GDP C6    O6     doub N N 119 
GDP C6    N1     sing N N 120 
GDP N1    C2     sing N N 121 
GDP N1    HN1    sing N N 122 
GDP C2    N2     sing N N 123 
GDP C2    N3     doub N N 124 
GDP N2    HN21   sing N N 125 
GDP N2    HN22   sing N N 126 
GDP N3    C4     sing N N 127 
GLN N     CA     sing N N 128 
GLN N     H      sing N N 129 
GLN N     H2     sing N N 130 
GLN CA    C      sing N N 131 
GLN CA    CB     sing N N 132 
GLN CA    HA     sing N N 133 
GLN C     O      doub N N 134 
GLN C     OXT    sing N N 135 
GLN CB    CG     sing N N 136 
GLN CB    HB2    sing N N 137 
GLN CB    HB3    sing N N 138 
GLN CG    CD     sing N N 139 
GLN CG    HG2    sing N N 140 
GLN CG    HG3    sing N N 141 
GLN CD    OE1    doub N N 142 
GLN CD    NE2    sing N N 143 
GLN NE2   HE21   sing N N 144 
GLN NE2   HE22   sing N N 145 
GLN OXT   HXT    sing N N 146 
GLU N     CA     sing N N 147 
GLU N     H      sing N N 148 
GLU N     H2     sing N N 149 
GLU CA    C      sing N N 150 
GLU CA    CB     sing N N 151 
GLU CA    HA     sing N N 152 
GLU C     O      doub N N 153 
GLU C     OXT    sing N N 154 
GLU CB    CG     sing N N 155 
GLU CB    HB2    sing N N 156 
GLU CB    HB3    sing N N 157 
GLU CG    CD     sing N N 158 
GLU CG    HG2    sing N N 159 
GLU CG    HG3    sing N N 160 
GLU CD    OE1    doub N N 161 
GLU CD    OE2    sing N N 162 
GLU OE2   HE2    sing N N 163 
GLU OXT   HXT    sing N N 164 
GLY N     CA     sing N N 165 
GLY N     H      sing N N 166 
GLY N     H2     sing N N 167 
GLY CA    C      sing N N 168 
GLY CA    HA2    sing N N 169 
GLY CA    HA3    sing N N 170 
GLY C     O      doub N N 171 
GLY C     OXT    sing N N 172 
GLY OXT   HXT    sing N N 173 
HIS N     CA     sing N N 174 
HIS N     H      sing N N 175 
HIS N     H2     sing N N 176 
HIS CA    C      sing N N 177 
HIS CA    CB     sing N N 178 
HIS CA    HA     sing N N 179 
HIS C     O      doub N N 180 
HIS C     OXT    sing N N 181 
HIS CB    CG     sing N N 182 
HIS CB    HB2    sing N N 183 
HIS CB    HB3    sing N N 184 
HIS CG    ND1    sing Y N 185 
HIS CG    CD2    doub Y N 186 
HIS ND1   CE1    doub Y N 187 
HIS ND1   HD1    sing N N 188 
HIS CD2   NE2    sing Y N 189 
HIS CD2   HD2    sing N N 190 
HIS CE1   NE2    sing Y N 191 
HIS CE1   HE1    sing N N 192 
HIS NE2   HE2    sing N N 193 
HIS OXT   HXT    sing N N 194 
HOH O     H1     sing N N 195 
HOH O     H2     sing N N 196 
ILE N     CA     sing N N 197 
ILE N     H      sing N N 198 
ILE N     H2     sing N N 199 
ILE CA    C      sing N N 200 
ILE CA    CB     sing N N 201 
ILE CA    HA     sing N N 202 
ILE C     O      doub N N 203 
ILE C     OXT    sing N N 204 
ILE CB    CG1    sing N N 205 
ILE CB    CG2    sing N N 206 
ILE CB    HB     sing N N 207 
ILE CG1   CD1    sing N N 208 
ILE CG1   HG12   sing N N 209 
ILE CG1   HG13   sing N N 210 
ILE CG2   HG21   sing N N 211 
ILE CG2   HG22   sing N N 212 
ILE CG2   HG23   sing N N 213 
ILE CD1   HD11   sing N N 214 
ILE CD1   HD12   sing N N 215 
ILE CD1   HD13   sing N N 216 
ILE OXT   HXT    sing N N 217 
LEU N     CA     sing N N 218 
LEU N     H      sing N N 219 
LEU N     H2     sing N N 220 
LEU CA    C      sing N N 221 
LEU CA    CB     sing N N 222 
LEU CA    HA     sing N N 223 
LEU C     O      doub N N 224 
LEU C     OXT    sing N N 225 
LEU CB    CG     sing N N 226 
LEU CB    HB2    sing N N 227 
LEU CB    HB3    sing N N 228 
LEU CG    CD1    sing N N 229 
LEU CG    CD2    sing N N 230 
LEU CG    HG     sing N N 231 
LEU CD1   HD11   sing N N 232 
LEU CD1   HD12   sing N N 233 
LEU CD1   HD13   sing N N 234 
LEU CD2   HD21   sing N N 235 
LEU CD2   HD22   sing N N 236 
LEU CD2   HD23   sing N N 237 
LEU OXT   HXT    sing N N 238 
LYS N     CA     sing N N 239 
LYS N     H      sing N N 240 
LYS N     H2     sing N N 241 
LYS CA    C      sing N N 242 
LYS CA    CB     sing N N 243 
LYS CA    HA     sing N N 244 
LYS C     O      doub N N 245 
LYS C     OXT    sing N N 246 
LYS CB    CG     sing N N 247 
LYS CB    HB2    sing N N 248 
LYS CB    HB3    sing N N 249 
LYS CG    CD     sing N N 250 
LYS CG    HG2    sing N N 251 
LYS CG    HG3    sing N N 252 
LYS CD    CE     sing N N 253 
LYS CD    HD2    sing N N 254 
LYS CD    HD3    sing N N 255 
LYS CE    NZ     sing N N 256 
LYS CE    HE2    sing N N 257 
LYS CE    HE3    sing N N 258 
LYS NZ    HZ1    sing N N 259 
LYS NZ    HZ2    sing N N 260 
LYS NZ    HZ3    sing N N 261 
LYS OXT   HXT    sing N N 262 
MET N     CA     sing N N 263 
MET N     H      sing N N 264 
MET N     H2     sing N N 265 
MET CA    C      sing N N 266 
MET CA    CB     sing N N 267 
MET CA    HA     sing N N 268 
MET C     O      doub N N 269 
MET C     OXT    sing N N 270 
MET CB    CG     sing N N 271 
MET CB    HB2    sing N N 272 
MET CB    HB3    sing N N 273 
MET CG    SD     sing N N 274 
MET CG    HG2    sing N N 275 
MET CG    HG3    sing N N 276 
MET SD    CE     sing N N 277 
MET CE    HE1    sing N N 278 
MET CE    HE2    sing N N 279 
MET CE    HE3    sing N N 280 
MET OXT   HXT    sing N N 281 
PHE N     CA     sing N N 282 
PHE N     H      sing N N 283 
PHE N     H2     sing N N 284 
PHE CA    C      sing N N 285 
PHE CA    CB     sing N N 286 
PHE CA    HA     sing N N 287 
PHE C     O      doub N N 288 
PHE C     OXT    sing N N 289 
PHE CB    CG     sing N N 290 
PHE CB    HB2    sing N N 291 
PHE CB    HB3    sing N N 292 
PHE CG    CD1    doub Y N 293 
PHE CG    CD2    sing Y N 294 
PHE CD1   CE1    sing Y N 295 
PHE CD1   HD1    sing N N 296 
PHE CD2   CE2    doub Y N 297 
PHE CD2   HD2    sing N N 298 
PHE CE1   CZ     doub Y N 299 
PHE CE1   HE1    sing N N 300 
PHE CE2   CZ     sing Y N 301 
PHE CE2   HE2    sing N N 302 
PHE CZ    HZ     sing N N 303 
PHE OXT   HXT    sing N N 304 
PRO N     CA     sing N N 305 
PRO N     CD     sing N N 306 
PRO N     H      sing N N 307 
PRO CA    C      sing N N 308 
PRO CA    CB     sing N N 309 
PRO CA    HA     sing N N 310 
PRO C     O      doub N N 311 
PRO C     OXT    sing N N 312 
PRO CB    CG     sing N N 313 
PRO CB    HB2    sing N N 314 
PRO CB    HB3    sing N N 315 
PRO CG    CD     sing N N 316 
PRO CG    HG2    sing N N 317 
PRO CG    HG3    sing N N 318 
PRO CD    HD2    sing N N 319 
PRO CD    HD3    sing N N 320 
PRO OXT   HXT    sing N N 321 
SER N     CA     sing N N 322 
SER N     H      sing N N 323 
SER N     H2     sing N N 324 
SER CA    C      sing N N 325 
SER CA    CB     sing N N 326 
SER CA    HA     sing N N 327 
SER C     O      doub N N 328 
SER C     OXT    sing N N 329 
SER CB    OG     sing N N 330 
SER CB    HB2    sing N N 331 
SER CB    HB3    sing N N 332 
SER OG    HG     sing N N 333 
SER OXT   HXT    sing N N 334 
THR N     CA     sing N N 335 
THR N     H      sing N N 336 
THR N     H2     sing N N 337 
THR CA    C      sing N N 338 
THR CA    CB     sing N N 339 
THR CA    HA     sing N N 340 
THR C     O      doub N N 341 
THR C     OXT    sing N N 342 
THR CB    OG1    sing N N 343 
THR CB    CG2    sing N N 344 
THR CB    HB     sing N N 345 
THR OG1   HG1    sing N N 346 
THR CG2   HG21   sing N N 347 
THR CG2   HG22   sing N N 348 
THR CG2   HG23   sing N N 349 
THR OXT   HXT    sing N N 350 
TRP N     CA     sing N N 351 
TRP N     H      sing N N 352 
TRP N     H2     sing N N 353 
TRP CA    C      sing N N 354 
TRP CA    CB     sing N N 355 
TRP CA    HA     sing N N 356 
TRP C     O      doub N N 357 
TRP C     OXT    sing N N 358 
TRP CB    CG     sing N N 359 
TRP CB    HB2    sing N N 360 
TRP CB    HB3    sing N N 361 
TRP CG    CD1    doub Y N 362 
TRP CG    CD2    sing Y N 363 
TRP CD1   NE1    sing Y N 364 
TRP CD1   HD1    sing N N 365 
TRP CD2   CE2    doub Y N 366 
TRP CD2   CE3    sing Y N 367 
TRP NE1   CE2    sing Y N 368 
TRP NE1   HE1    sing N N 369 
TRP CE2   CZ2    sing Y N 370 
TRP CE3   CZ3    doub Y N 371 
TRP CE3   HE3    sing N N 372 
TRP CZ2   CH2    doub Y N 373 
TRP CZ2   HZ2    sing N N 374 
TRP CZ3   CH2    sing Y N 375 
TRP CZ3   HZ3    sing N N 376 
TRP CH2   HH2    sing N N 377 
TRP OXT   HXT    sing N N 378 
TYR N     CA     sing N N 379 
TYR N     H      sing N N 380 
TYR N     H2     sing N N 381 
TYR CA    C      sing N N 382 
TYR CA    CB     sing N N 383 
TYR CA    HA     sing N N 384 
TYR C     O      doub N N 385 
TYR C     OXT    sing N N 386 
TYR CB    CG     sing N N 387 
TYR CB    HB2    sing N N 388 
TYR CB    HB3    sing N N 389 
TYR CG    CD1    doub Y N 390 
TYR CG    CD2    sing Y N 391 
TYR CD1   CE1    sing Y N 392 
TYR CD1   HD1    sing N N 393 
TYR CD2   CE2    doub Y N 394 
TYR CD2   HD2    sing N N 395 
TYR CE1   CZ     doub Y N 396 
TYR CE1   HE1    sing N N 397 
TYR CE2   CZ     sing Y N 398 
TYR CE2   HE2    sing N N 399 
TYR CZ    OH     sing N N 400 
TYR OH    HH     sing N N 401 
TYR OXT   HXT    sing N N 402 
VAL N     CA     sing N N 403 
VAL N     H      sing N N 404 
VAL N     H2     sing N N 405 
VAL CA    C      sing N N 406 
VAL CA    CB     sing N N 407 
VAL CA    HA     sing N N 408 
VAL C     O      doub N N 409 
VAL C     OXT    sing N N 410 
VAL CB    CG1    sing N N 411 
VAL CB    CG2    sing N N 412 
VAL CB    HB     sing N N 413 
VAL CG1   HG11   sing N N 414 
VAL CG1   HG12   sing N N 415 
VAL CG1   HG13   sing N N 416 
VAL CG2   HG21   sing N N 417 
VAL CG2   HG22   sing N N 418 
VAL CG2   HG23   sing N N 419 
VAL OXT   HXT    sing N N 420 
# 
_pdbx_initial_refinement_model.accession_code   ? 
_pdbx_initial_refinement_model.id               1 
_pdbx_initial_refinement_model.entity_id_list   ? 
_pdbx_initial_refinement_model.type             'experimental model' 
_pdbx_initial_refinement_model.source_name      Other 
_pdbx_initial_refinement_model.details          EBI-1279 
# 
_atom_sites.entry_id                    1QG2 
_atom_sites.fract_transf_matrix[1][1]   0.00865472 
_atom_sites.fract_transf_matrix[1][2]   -0.00146657 
_atom_sites.fract_transf_matrix[1][3]   -0.00429611 
_atom_sites.fract_transf_matrix[2][1]   0.00446556 
_atom_sites.fract_transf_matrix[2][2]   0.00441342 
_atom_sites.fract_transf_matrix[2][3]   0.00748946 
_atom_sites.fract_transf_matrix[3][1]   0.00198466 
_atom_sites.fract_transf_matrix[3][2]   -0.02090077 
_atom_sites.fract_transf_matrix[3][3]   0.01113313 
_atom_sites.fract_transf_vector[1]      0.252698 
_atom_sites.fract_transf_vector[2]      0.540370 
_atom_sites.fract_transf_vector[3]      0.481210 
# 
loop_
_atom_type.symbol 
C  
MG 
N  
O  
P  
S  
# 
loop_
_atom_site.group_PDB 
_atom_site.id 
_atom_site.type_symbol 
_atom_site.label_atom_id 
_atom_site.label_alt_id 
_atom_site.label_comp_id 
_atom_site.label_asym_id 
_atom_site.label_entity_id 
_atom_site.label_seq_id 
_atom_site.pdbx_PDB_ins_code 
_atom_site.Cartn_x 
_atom_site.Cartn_y 
_atom_site.Cartn_z 
_atom_site.occupancy 
_atom_site.B_iso_or_equiv 
_atom_site.pdbx_formal_charge 
_atom_site.auth_seq_id 
_atom_site.auth_comp_id 
_atom_site.auth_asym_id 
_atom_site.auth_atom_id 
_atom_site.pdbx_PDB_model_num 
ATOM   1    N  N     . GLN A 1 8   ? 11.112  -20.819 -2.176  1.00 79.55  ? 8   GLN A N     1 
ATOM   2    C  CA    . GLN A 1 8   ? 10.727  -19.690 -1.292  1.00 81.24  ? 8   GLN A CA    1 
ATOM   3    C  C     . GLN A 1 8   ? 9.275   -19.214 -1.372  1.00 78.32  ? 8   GLN A C     1 
ATOM   4    O  O     . GLN A 1 8   ? 8.663   -19.018 -2.403  1.00 77.01  ? 8   GLN A O     1 
ATOM   5    C  CB    . GLN A 1 8   ? 11.656  -18.481 -1.497  1.00 78.26  ? 8   GLN A CB    1 
ATOM   6    C  CG    . GLN A 1 8   ? 12.788  -18.370 -0.511  1.00 74.15  ? 8   GLN A CG    1 
ATOM   7    C  CD    . GLN A 1 8   ? 13.411  -16.986 -0.425  1.00 74.79  ? 8   GLN A CD    1 
ATOM   8    O  OE1   . GLN A 1 8   ? 13.159  -16.094 -1.241  1.00 72.34  ? 8   GLN A OE1   1 
ATOM   9    N  NE2   . GLN A 1 8   ? 14.248  -16.788 0.592   1.00 71.63  ? 8   GLN A NE2   1 
ATOM   10   N  N     . VAL A 1 9   ? 8.763   -18.819 -0.221  1.00 77.98  ? 9   VAL A N     1 
ATOM   11   C  CA    . VAL A 1 9   ? 7.440   -18.321 0.050   1.00 79.41  ? 9   VAL A CA    1 
ATOM   12   C  C     . VAL A 1 9   ? 7.259   -16.825 -0.236  1.00 77.92  ? 9   VAL A C     1 
ATOM   13   O  O     . VAL A 1 9   ? 7.029   -15.989 0.659   1.00 71.18  ? 9   VAL A O     1 
ATOM   14   C  CB    . VAL A 1 9   ? 6.997   -18.600 1.504   1.00 84.39  ? 9   VAL A CB    1 
ATOM   15   C  CG1   . VAL A 1 9   ? 6.027   -19.773 1.504   1.00 88.24  ? 9   VAL A CG1   1 
ATOM   16   C  CG2   . VAL A 1 9   ? 8.171   -18.855 2.450   1.00 82.06  ? 9   VAL A CG2   1 
ATOM   17   N  N     . GLN A 1 10  ? 7.283   -16.545 -1.547  1.00 72.06  ? 10  GLN A N     1 
ATOM   18   C  CA    . GLN A 1 10  ? 7.201   -15.185 -2.044  1.00 68.48  ? 10  GLN A CA    1 
ATOM   19   C  C     . GLN A 1 10  ? 5.892   -14.870 -2.751  1.00 64.44  ? 10  GLN A C     1 
ATOM   20   O  O     . GLN A 1 10  ? 5.254   -15.704 -3.384  1.00 68.56  ? 10  GLN A O     1 
ATOM   21   C  CB    . GLN A 1 10  ? 8.324   -14.901 -3.065  1.00 71.40  ? 10  GLN A CB    1 
ATOM   22   C  CG    . GLN A 1 10  ? 9.610   -15.626 -2.825  1.00 70.53  ? 10  GLN A CG    1 
ATOM   23   C  CD    . GLN A 1 10  ? 10.625  -15.530 -3.926  1.00 73.85  ? 10  GLN A CD    1 
ATOM   24   O  OE1   . GLN A 1 10  ? 11.082  -16.569 -4.412  1.00 79.55  ? 10  GLN A OE1   1 
ATOM   25   N  NE2   . GLN A 1 10  ? 11.023  -14.329 -4.296  1.00 72.51  ? 10  GLN A NE2   1 
ATOM   26   N  N     . PHE A 1 11  ? 5.582   -13.584 -2.792  1.00 57.25  ? 11  PHE A N     1 
ATOM   27   C  CA    . PHE A 1 11  ? 4.396   -13.084 -3.458  1.00 50.71  ? 11  PHE A CA    1 
ATOM   28   C  C     . PHE A 1 11  ? 4.735   -11.767 -4.174  1.00 46.11  ? 11  PHE A C     1 
ATOM   29   O  O     . PHE A 1 11  ? 5.214   -10.791 -3.576  1.00 43.83  ? 11  PHE A O     1 
ATOM   30   C  CB    . PHE A 1 11  ? 3.277   -12.811 -2.439  1.00 45.99  ? 11  PHE A CB    1 
ATOM   31   C  CG    . PHE A 1 11  ? 2.832   -13.966 -1.619  1.00 49.58  ? 11  PHE A CG    1 
ATOM   32   C  CD1   . PHE A 1 11  ? 1.987   -14.919 -2.159  1.00 50.71  ? 11  PHE A CD1   1 
ATOM   33   C  CD2   . PHE A 1 11  ? 3.273   -14.148 -0.311  1.00 48.94  ? 11  PHE A CD2   1 
ATOM   34   C  CE1   . PHE A 1 11  ? 1.603   -16.028 -1.428  1.00 50.48  ? 11  PHE A CE1   1 
ATOM   35   C  CE2   . PHE A 1 11  ? 2.883   -15.253 0.416   1.00 51.52  ? 11  PHE A CE2   1 
ATOM   36   C  CZ    . PHE A 1 11  ? 2.035   -16.212 -0.139  1.00 44.82  ? 11  PHE A CZ    1 
ATOM   37   N  N     . LYS A 1 12  ? 4.392   -11.708 -5.440  1.00 43.28  ? 12  LYS A N     1 
ATOM   38   C  CA    . LYS A 1 12  ? 4.492   -10.463 -6.194  1.00 41.25  ? 12  LYS A CA    1 
ATOM   39   C  C     . LYS A 1 12  ? 3.355   -9.552  -5.714  1.00 39.65  ? 12  LYS A C     1 
ATOM   40   O  O     . LYS A 1 12  ? 2.183   -9.979  -5.711  1.00 40.37  ? 12  LYS A O     1 
ATOM   41   C  CB    . LYS A 1 12  ? 4.369   -10.709 -7.696  1.00 44.46  ? 12  LYS A CB    1 
ATOM   42   C  CG    . LYS A 1 12  ? 4.337   -9.446  -8.546  1.00 46.00  ? 12  LYS A CG    1 
ATOM   43   C  CD    . LYS A 1 12  ? 4.403   -9.727  -10.048 1.00 43.62  ? 12  LYS A CD    1 
ATOM   44   C  CE    . LYS A 1 12  ? 4.150   -8.420  -10.796 1.00 46.68  ? 12  LYS A CE    1 
ATOM   45   N  NZ    . LYS A 1 12  ? 4.471   -8.461  -12.259 1.00 45.72  ? 12  LYS A NZ    1 
ATOM   46   N  N     . LEU A 1 13  ? 3.729   -8.386  -5.251  1.00 34.08  ? 13  LEU A N     1 
ATOM   47   C  CA    . LEU A 1 13  ? 2.892   -7.302  -4.788  1.00 36.74  ? 13  LEU A CA    1 
ATOM   48   C  C     . LEU A 1 13  ? 3.107   -6.124  -5.753  1.00 38.56  ? 13  LEU A C     1 
ATOM   49   O  O     . LEU A 1 13  ? 4.223   -5.653  -5.933  1.00 40.99  ? 13  LEU A O     1 
ATOM   50   C  CB    . LEU A 1 13  ? 3.183   -6.814  -3.374  1.00 38.54  ? 13  LEU A CB    1 
ATOM   51   C  CG    . LEU A 1 13  ? 2.201   -5.847  -2.696  1.00 40.52  ? 13  LEU A CG    1 
ATOM   52   C  CD1   . LEU A 1 13  ? 2.260   -5.996  -1.194  1.00 30.77  ? 13  LEU A CD1   1 
ATOM   53   C  CD2   . LEU A 1 13  ? 2.405   -4.373  -3.051  1.00 32.35  ? 13  LEU A CD2   1 
ATOM   54   N  N     . VAL A 1 14  ? 2.029   -5.635  -6.302  1.00 35.10  ? 14  VAL A N     1 
ATOM   55   C  CA    . VAL A 1 14  ? 2.045   -4.530  -7.268  1.00 36.09  ? 14  VAL A CA    1 
ATOM   56   C  C     . VAL A 1 14  ? 1.566   -3.288  -6.543  1.00 39.15  ? 14  VAL A C     1 
ATOM   57   O  O     . VAL A 1 14  ? 0.549   -3.346  -5.867  1.00 40.01  ? 14  VAL A O     1 
ATOM   58   C  CB    . VAL A 1 14  ? 1.186   -5.055  -8.417  1.00 40.36  ? 14  VAL A CB    1 
ATOM   59   C  CG1   . VAL A 1 14  ? 0.029   -4.231  -8.853  1.00 41.50  ? 14  VAL A CG1   1 
ATOM   60   C  CG2   . VAL A 1 14  ? 2.064   -5.524  -9.588  1.00 39.38  ? 14  VAL A CG2   1 
ATOM   61   N  N     . LEU A 1 15  ? 2.359   -2.235  -6.487  1.00 35.66  ? 15  LEU A N     1 
ATOM   62   C  CA    . LEU A 1 15  ? 2.134   -0.975  -5.856  1.00 36.30  ? 15  LEU A CA    1 
ATOM   63   C  C     . LEU A 1 15  ? 1.784   0.053   -6.939  1.00 38.35  ? 15  LEU A C     1 
ATOM   64   O  O     . LEU A 1 15  ? 2.644   0.287   -7.811  1.00 41.47  ? 15  LEU A O     1 
ATOM   65   C  CB    . LEU A 1 15  ? 3.422   -0.462  -5.201  1.00 37.13  ? 15  LEU A CB    1 
ATOM   66   C  CG    . LEU A 1 15  ? 3.449   0.113   -3.819  1.00 42.54  ? 15  LEU A CG    1 
ATOM   67   C  CD1   . LEU A 1 15  ? 4.721   0.963   -3.651  1.00 42.39  ? 15  LEU A CD1   1 
ATOM   68   C  CD2   . LEU A 1 15  ? 2.197   0.805   -3.323  1.00 31.48  ? 15  LEU A CD2   1 
ATOM   69   N  N     . VAL A 1 16  ? 0.560   0.547   -6.908  1.00 34.59  ? 16  VAL A N     1 
ATOM   70   C  CA    . VAL A 1 16  ? 0.128   1.416   -7.996  1.00 36.19  ? 16  VAL A CA    1 
ATOM   71   C  C     . VAL A 1 16  ? -0.663  2.587   -7.447  1.00 41.29  ? 16  VAL A C     1 
ATOM   72   O  O     . VAL A 1 16  ? -1.063  2.557   -6.286  1.00 38.00  ? 16  VAL A O     1 
ATOM   73   C  CB    . VAL A 1 16  ? -0.680  0.669   -9.067  1.00 33.95  ? 16  VAL A CB    1 
ATOM   74   C  CG1   . VAL A 1 16  ? 0.173   -0.462  -9.641  1.00 39.33  ? 16  VAL A CG1   1 
ATOM   75   C  CG2   . VAL A 1 16  ? -1.960  0.043   -8.526  1.00 26.94  ? 16  VAL A CG2   1 
ATOM   76   N  N     . GLY A 1 17  ? -0.887  3.554   -8.343  1.00 39.84  ? 17  GLY A N     1 
ATOM   77   C  CA    . GLY A 1 17  ? -1.572  4.770   -8.002  1.00 39.08  ? 17  GLY A CA    1 
ATOM   78   C  C     . GLY A 1 17  ? -0.887  5.941   -8.736  1.00 40.21  ? 17  GLY A C     1 
ATOM   79   O  O     . GLY A 1 17  ? 0.199   5.758   -9.296  1.00 35.92  ? 17  GLY A O     1 
ATOM   80   N  N     . ASP A 1 18  ? -1.530  7.106   -8.591  1.00 34.37  ? 18  ASP A N     1 
ATOM   81   C  CA    . ASP A 1 18  ? -0.979  8.265   -9.289  1.00 41.14  ? 18  ASP A CA    1 
ATOM   82   C  C     . ASP A 1 18  ? 0.462   8.560   -8.893  1.00 42.13  ? 18  ASP A C     1 
ATOM   83   O  O     . ASP A 1 18  ? 0.927   8.351   -7.777  1.00 36.72  ? 18  ASP A O     1 
ATOM   84   C  CB    . ASP A 1 18  ? -1.782  9.571   -9.108  1.00 37.07  ? 18  ASP A CB    1 
ATOM   85   C  CG    . ASP A 1 18  ? -3.148  9.497   -9.774  1.00 38.98  ? 18  ASP A CG    1 
ATOM   86   O  OD1   . ASP A 1 18  ? -3.457  8.517   -10.479 1.00 38.26  ? 18  ASP A OD1   1 
ATOM   87   O  OD2   . ASP A 1 18  ? -3.948  10.445  -9.651  1.00 43.42  ? 18  ASP A OD2   1 
ATOM   88   N  N     . GLY A 1 19  ? 1.113   9.221   -9.869  1.00 39.01  ? 19  GLY A N     1 
ATOM   89   C  CA    . GLY A 1 19  ? 2.430   9.784   -9.619  1.00 37.82  ? 19  GLY A CA    1 
ATOM   90   C  C     . GLY A 1 19  ? 2.286   10.736  -8.442  1.00 37.43  ? 19  GLY A C     1 
ATOM   91   O  O     . GLY A 1 19  ? 1.240   11.358  -8.298  1.00 39.04  ? 19  GLY A O     1 
ATOM   92   N  N     . GLY A 1 20  ? 3.335   10.919  -7.647  1.00 35.45  ? 20  GLY A N     1 
ATOM   93   C  CA    . GLY A 1 20  ? 3.304   11.877  -6.574  1.00 32.02  ? 20  GLY A CA    1 
ATOM   94   C  C     . GLY A 1 20  ? 2.499   11.501  -5.349  1.00 37.59  ? 20  GLY A C     1 
ATOM   95   O  O     . GLY A 1 20  ? 2.368   12.330  -4.426  1.00 39.92  ? 20  GLY A O     1 
ATOM   96   N  N     . THR A 1 21  ? 2.015   10.276  -5.219  1.00 37.87  ? 21  THR A N     1 
ATOM   97   C  CA    . THR A 1 21  ? 1.232   9.924   -4.039  1.00 40.24  ? 21  THR A CA    1 
ATOM   98   C  C     . THR A 1 21  ? 2.069   9.372   -2.890  1.00 41.16  ? 21  THR A C     1 
ATOM   99   O  O     . THR A 1 21  ? 1.498   9.146   -1.814  1.00 38.58  ? 21  THR A O     1 
ATOM   100  C  CB    . THR A 1 21  ? 0.079   8.985   -4.442  1.00 39.18  ? 21  THR A CB    1 
ATOM   101  O  OG1   . THR A 1 21  ? 0.622   7.783   -5.036  1.00 40.98  ? 21  THR A OG1   1 
ATOM   102  C  CG2   . THR A 1 21  ? -0.845  9.702   -5.415  1.00 33.49  ? 21  THR A CG2   1 
ATOM   103  N  N     . GLY A 1 22  ? 3.332   9.018   -3.124  1.00 36.58  ? 22  GLY A N     1 
ATOM   104  C  CA    . GLY A 1 22  ? 4.242   8.488   -2.119  1.00 37.03  ? 22  GLY A CA    1 
ATOM   105  C  C     . GLY A 1 22  ? 4.565   6.998   -2.212  1.00 40.65  ? 22  GLY A C     1 
ATOM   106  O  O     . GLY A 1 22  ? 5.019   6.377   -1.227  1.00 36.81  ? 22  GLY A O     1 
ATOM   107  N  N     . LYS A 1 23  ? 4.440   6.423   -3.421  1.00 39.32  ? 23  LYS A N     1 
ATOM   108  C  CA    . LYS A 1 23  ? 4.663   5.002   -3.573  1.00 40.86  ? 23  LYS A CA    1 
ATOM   109  C  C     . LYS A 1 23  ? 6.105   4.601   -3.289  1.00 41.46  ? 23  LYS A C     1 
ATOM   110  O  O     . LYS A 1 23  ? 6.355   3.603   -2.592  1.00 37.93  ? 23  LYS A O     1 
ATOM   111  C  CB    . LYS A 1 23  ? 4.233   4.476   -4.954  1.00 41.80  ? 23  LYS A CB    1 
ATOM   112  C  CG    . LYS A 1 23  ? 2.760   4.638   -5.293  1.00 35.78  ? 23  LYS A CG    1 
ATOM   113  C  CD    . LYS A 1 23  ? 2.342   4.033   -6.601  1.00 39.06  ? 23  LYS A CD    1 
ATOM   114  C  CE    . LYS A 1 23  ? 2.954   4.660   -7.833  1.00 41.16  ? 23  LYS A CE    1 
ATOM   115  N  NZ    . LYS A 1 23  ? 2.770   6.136   -7.964  1.00 39.24  ? 23  LYS A NZ    1 
ATOM   116  N  N     . THR A 1 24  ? 7.005   5.320   -3.953  1.00 36.77  ? 24  THR A N     1 
ATOM   117  C  CA    . THR A 1 24  ? 8.438   5.064   -3.810  1.00 37.02  ? 24  THR A CA    1 
ATOM   118  C  C     . THR A 1 24  ? 8.887   5.316   -2.369  1.00 36.19  ? 24  THR A C     1 
ATOM   119  O  O     . THR A 1 24  ? 9.647   4.542   -1.775  1.00 32.55  ? 24  THR A O     1 
ATOM   120  C  CB    . THR A 1 24  ? 9.229   5.879   -4.831  1.00 39.41  ? 24  THR A CB    1 
ATOM   121  O  OG1   . THR A 1 24  ? 8.832   5.453   -6.165  1.00 45.37  ? 24  THR A OG1   1 
ATOM   122  C  CG2   . THR A 1 24  ? 10.727  5.689   -4.718  1.00 31.07  ? 24  THR A CG2   1 
ATOM   123  N  N     . THR A 1 25  ? 8.450   6.433   -1.813  1.00 35.48  ? 25  THR A N     1 
ATOM   124  C  CA    . THR A 1 25  ? 8.721   6.775   -0.427  1.00 38.24  ? 25  THR A CA    1 
ATOM   125  C  C     . THR A 1 25  ? 8.207   5.642   0.478   1.00 38.76  ? 25  THR A C     1 
ATOM   126  O  O     . THR A 1 25  ? 8.884   5.256   1.431   1.00 33.93  ? 25  THR A O     1 
ATOM   127  C  CB    . THR A 1 25  ? 8.068   8.120   -0.014  1.00 30.90  ? 25  THR A CB    1 
ATOM   128  O  OG1   . THR A 1 25  ? 8.598   9.186   -0.836  1.00 36.92  ? 25  THR A OG1   1 
ATOM   129  C  CG2   . THR A 1 25  ? 8.389   8.451   1.435   1.00 30.68  ? 25  THR A CG2   1 
ATOM   130  N  N     . PHE A 1 26  ? 6.992   5.135   0.217   1.00 37.84  ? 26  PHE A N     1 
ATOM   131  C  CA    . PHE A 1 26  ? 6.470   4.090   1.094   1.00 36.72  ? 26  PHE A CA    1 
ATOM   132  C  C     . PHE A 1 26  ? 7.289   2.833   0.938   1.00 38.23  ? 26  PHE A C     1 
ATOM   133  O  O     . PHE A 1 26  ? 7.728   2.296   1.963   1.00 37.21  ? 26  PHE A O     1 
ATOM   134  C  CB    . PHE A 1 26  ? 4.982   3.870   0.857   1.00 38.25  ? 26  PHE A CB    1 
ATOM   135  C  CG    . PHE A 1 26  ? 4.327   2.719   1.540   1.00 33.85  ? 26  PHE A CG    1 
ATOM   136  C  CD1   . PHE A 1 26  ? 3.917   2.850   2.869   1.00 34.63  ? 26  PHE A CD1   1 
ATOM   137  C  CD2   . PHE A 1 26  ? 4.039   1.542   0.865   1.00 38.92  ? 26  PHE A CD2   1 
ATOM   138  C  CE1   . PHE A 1 26  ? 3.281   1.820   3.533   1.00 30.81  ? 26  PHE A CE1   1 
ATOM   139  C  CE2   . PHE A 1 26  ? 3.345   0.500   1.498   1.00 38.31  ? 26  PHE A CE2   1 
ATOM   140  C  CZ    . PHE A 1 26  ? 2.996   0.653   2.844   1.00 36.85  ? 26  PHE A CZ    1 
ATOM   141  N  N     . VAL A 1 27  ? 7.527   2.300   -0.291  1.00 39.78  ? 27  VAL A N     1 
ATOM   142  C  CA    . VAL A 1 27  ? 8.258   1.042   -0.292  1.00 38.37  ? 27  VAL A CA    1 
ATOM   143  C  C     . VAL A 1 27  ? 9.630   1.237   0.416   1.00 38.30  ? 27  VAL A C     1 
ATOM   144  O  O     . VAL A 1 27  ? 10.144  0.275   0.938   1.00 36.19  ? 27  VAL A O     1 
ATOM   145  C  CB    . VAL A 1 27  ? 8.714   0.403   -1.606  1.00 41.36  ? 27  VAL A CB    1 
ATOM   146  C  CG1   . VAL A 1 27  ? 8.332   -1.055  -1.632  1.00 39.21  ? 27  VAL A CG1   1 
ATOM   147  C  CG2   . VAL A 1 27  ? 8.478   1.149   -2.868  1.00 41.88  ? 27  VAL A CG2   1 
ATOM   148  N  N     . LYS A 1 28  ? 10.250  2.401   0.233   1.00 37.68  ? 28  LYS A N     1 
ATOM   149  C  CA    . LYS A 1 28  ? 11.600  2.590   0.751   1.00 44.53  ? 28  LYS A CA    1 
ATOM   150  C  C     . LYS A 1 28  ? 11.758  2.522   2.256   1.00 42.69  ? 28  LYS A C     1 
ATOM   151  O  O     . LYS A 1 28  ? 12.901  2.406   2.737   1.00 45.72  ? 28  LYS A O     1 
ATOM   152  C  CB    . LYS A 1 28  ? 12.211  3.890   0.179   1.00 46.86  ? 28  LYS A CB    1 
ATOM   153  C  CG    . LYS A 1 28  ? 12.651  3.644   -1.271  1.00 49.22  ? 28  LYS A CG    1 
ATOM   154  C  CD    . LYS A 1 28  ? 13.431  4.841   -1.835  1.00 54.70  ? 28  LYS A CD    1 
ATOM   155  C  CE    . LYS A 1 28  ? 13.714  4.457   -3.297  1.00 62.24  ? 28  LYS A CE    1 
ATOM   156  N  NZ    . LYS A 1 28  ? 14.237  5.596   -4.094  1.00 70.15  ? 28  LYS A NZ    1 
ATOM   157  N  N     . ARG A 1 29  ? 10.693  2.608   3.036   1.00 37.15  ? 29  ARG A N     1 
ATOM   158  C  CA    . ARG A 1 29  ? 10.890  2.499   4.484   1.00 40.53  ? 29  ARG A CA    1 
ATOM   159  C  C     . ARG A 1 29  ? 11.617  1.222   4.897   1.00 36.01  ? 29  ARG A C     1 
ATOM   160  O  O     . ARG A 1 29  ? 12.273  1.190   5.935   1.00 38.50  ? 29  ARG A O     1 
ATOM   161  C  CB    . ARG A 1 29  ? 9.573   2.637   5.238   1.00 36.30  ? 29  ARG A CB    1 
ATOM   162  C  CG    . ARG A 1 29  ? 8.687   3.821   4.925   1.00 41.42  ? 29  ARG A CG    1 
ATOM   163  C  CD    . ARG A 1 29  ? 9.443   5.113   4.643   1.00 38.41  ? 29  ARG A CD    1 
ATOM   164  N  NE    . ARG A 1 29  ? 10.054  5.580   5.873   1.00 45.31  ? 29  ARG A NE    1 
ATOM   165  C  CZ    . ARG A 1 29  ? 10.633  6.741   6.121   1.00 47.04  ? 29  ARG A CZ    1 
ATOM   166  N  NH1   . ARG A 1 29  ? 10.800  7.630   5.155   1.00 44.84  ? 29  ARG A NH1   1 
ATOM   167  N  NH2   . ARG A 1 29  ? 11.006  6.983   7.377   1.00 47.23  ? 29  ARG A NH2   1 
ATOM   168  N  N     . HIS A 1 30  ? 11.392  0.157   4.180   1.00 39.96  ? 30  HIS A N     1 
ATOM   169  C  CA    . HIS A 1 30  ? 11.906  -1.176  4.555   1.00 44.04  ? 30  HIS A CA    1 
ATOM   170  C  C     . HIS A 1 30  ? 13.349  -1.192  4.061   1.00 40.06  ? 30  HIS A C     1 
ATOM   171  O  O     . HIS A 1 30  ? 13.621  -1.208  2.861   1.00 35.31  ? 30  HIS A O     1 
ATOM   172  C  CB    . HIS A 1 30  ? 11.020  -2.230  3.919   1.00 40.13  ? 30  HIS A CB    1 
ATOM   173  C  CG    . HIS A 1 30  ? 11.302  -3.653  4.292   1.00 43.26  ? 30  HIS A CG    1 
ATOM   174  N  ND1   . HIS A 1 30  ? 12.476  -4.293  4.000   1.00 43.19  ? 30  HIS A ND1   1 
ATOM   175  C  CD2   . HIS A 1 30  ? 10.519  -4.587  4.894   1.00 39.64  ? 30  HIS A CD2   1 
ATOM   176  C  CE1   . HIS A 1 30  ? 12.415  -5.551  4.372   1.00 42.48  ? 30  HIS A CE1   1 
ATOM   177  N  NE2   . HIS A 1 30  ? 11.242  -5.746  4.929   1.00 41.06  ? 30  HIS A NE2   1 
ATOM   178  N  N     . LEU A 1 31  ? 14.252  -1.028  5.010   1.00 42.72  ? 31  LEU A N     1 
ATOM   179  C  CA    . LEU A 1 31  ? 15.657  -0.817  4.674   1.00 44.09  ? 31  LEU A CA    1 
ATOM   180  C  C     . LEU A 1 31  ? 16.292  -1.963  3.928   1.00 44.57  ? 31  LEU A C     1 
ATOM   181  O  O     . LEU A 1 31  ? 16.941  -1.733  2.883   1.00 43.72  ? 31  LEU A O     1 
ATOM   182  C  CB    . LEU A 1 31  ? 16.410  -0.329  5.883   1.00 41.98  ? 31  LEU A CB    1 
ATOM   183  C  CG    . LEU A 1 31  ? 16.065  1.021   6.523   1.00 44.74  ? 31  LEU A CG    1 
ATOM   184  C  CD1   . LEU A 1 31  ? 16.794  1.183   7.853   1.00 41.96  ? 31  LEU A CD1   1 
ATOM   185  C  CD2   . LEU A 1 31  ? 16.424  2.180   5.601   1.00 42.60  ? 31  LEU A CD2   1 
ATOM   186  N  N     . THR A 1 32  ? 16.053  -3.207  4.326   1.00 44.38  ? 32  THR A N     1 
ATOM   187  C  CA    . THR A 1 32  ? 16.701  -4.309  3.593   1.00 44.25  ? 32  THR A CA    1 
ATOM   188  C  C     . THR A 1 32  ? 16.185  -4.392  2.174   1.00 42.47  ? 32  THR A C     1 
ATOM   189  O  O     . THR A 1 32  ? 16.939  -4.597  1.245   1.00 41.14  ? 32  THR A O     1 
ATOM   190  C  CB    . THR A 1 32  ? 16.632  -5.662  4.311   1.00 41.68  ? 32  THR A CB    1 
ATOM   191  O  OG1   . THR A 1 32  ? 17.300  -5.447  5.575   1.00 41.17  ? 32  THR A OG1   1 
ATOM   192  C  CG2   . THR A 1 32  ? 17.384  -6.755  3.569   1.00 36.07  ? 32  THR A CG2   1 
ATOM   193  N  N     . GLY A 1 33  ? 14.874  -4.170  2.067   1.00 47.22  ? 33  GLY A N     1 
ATOM   194  C  CA    . GLY A 1 33  ? 14.151  -4.196  0.818   1.00 40.33  ? 33  GLY A CA    1 
ATOM   195  C  C     . GLY A 1 33  ? 14.778  -3.178  -0.148  1.00 41.07  ? 33  GLY A C     1 
ATOM   196  O  O     . GLY A 1 33  ? 14.920  -3.458  -1.336  1.00 40.83  ? 33  GLY A O     1 
ATOM   197  N  N     . GLU A 1 34  ? 15.079  -2.015  0.385   1.00 37.57  ? 34  GLU A N     1 
ATOM   198  C  CA    . GLU A 1 34  ? 15.758  -0.996  -0.413  1.00 45.56  ? 34  GLU A CA    1 
ATOM   199  C  C     . GLU A 1 34  ? 17.179  -1.425  -0.807  1.00 45.81  ? 34  GLU A C     1 
ATOM   200  O  O     . GLU A 1 34  ? 17.513  -1.421  -2.002  1.00 46.08  ? 34  GLU A O     1 
ATOM   201  C  CB    . GLU A 1 34  ? 15.735  0.337   0.317   1.00 45.78  ? 34  GLU A CB    1 
ATOM   202  C  CG    . GLU A 1 34  ? 16.615  1.433   -0.249  1.00 54.74  ? 34  GLU A CG    1 
ATOM   203  C  CD    . GLU A 1 34  ? 16.306  1.811   -1.688  1.00 60.83  ? 34  GLU A CD    1 
ATOM   204  O  OE1   . GLU A 1 34  ? 15.157  1.667   -2.134  1.00 58.09  ? 34  GLU A OE1   1 
ATOM   205  O  OE2   . GLU A 1 34  ? 17.224  2.242   -2.418  1.00 65.28  ? 34  GLU A OE2   1 
ATOM   206  N  N     . PHE A 1 35  ? 17.985  -1.905  0.148   1.00 42.39  ? 35  PHE A N     1 
ATOM   207  C  CA    . PHE A 1 35  ? 19.316  -2.389  -0.151  1.00 41.79  ? 35  PHE A CA    1 
ATOM   208  C  C     . PHE A 1 35  ? 19.315  -3.556  -1.140  1.00 46.80  ? 35  PHE A C     1 
ATOM   209  O  O     . PHE A 1 35  ? 20.223  -3.640  -1.965  1.00 47.92  ? 35  PHE A O     1 
ATOM   210  C  CB    . PHE A 1 35  ? 20.007  -2.842  1.121   1.00 45.47  ? 35  PHE A CB    1 
ATOM   211  C  CG    . PHE A 1 35  ? 21.414  -3.313  1.043   1.00 44.65  ? 35  PHE A CG    1 
ATOM   212  C  CD1   . PHE A 1 35  ? 22.387  -2.640  0.324   1.00 47.04  ? 35  PHE A CD1   1 
ATOM   213  C  CD2   . PHE A 1 35  ? 21.774  -4.463  1.731   1.00 46.82  ? 35  PHE A CD2   1 
ATOM   214  C  CE1   . PHE A 1 35  ? 23.705  -3.069  0.332   1.00 48.40  ? 35  PHE A CE1   1 
ATOM   215  C  CE2   . PHE A 1 35  ? 23.094  -4.919  1.699   1.00 52.31  ? 35  PHE A CE2   1 
ATOM   216  C  CZ    . PHE A 1 35  ? 24.050  -4.213  1.008   1.00 44.35  ? 35  PHE A CZ    1 
ATOM   217  N  N     . GLU A 1 36  ? 18.317  -4.435  -1.058  1.00 45.25  ? 36  GLU A N     1 
ATOM   218  C  CA    . GLU A 1 36  ? 18.325  -5.605  -1.931  1.00 45.99  ? 36  GLU A CA    1 
ATOM   219  C  C     . GLU A 1 36  ? 17.491  -5.391  -3.180  1.00 46.99  ? 36  GLU A C     1 
ATOM   220  O  O     . GLU A 1 36  ? 17.357  -6.350  -3.955  1.00 46.95  ? 36  GLU A O     1 
ATOM   221  C  CB    . GLU A 1 36  ? 17.806  -6.825  -1.166  1.00 47.95  ? 36  GLU A CB    1 
ATOM   222  C  CG    . GLU A 1 36  ? 18.598  -7.235  0.059   1.00 51.79  ? 36  GLU A CG    1 
ATOM   223  C  CD    . GLU A 1 36  ? 19.954  -7.842  -0.133  1.00 57.40  ? 36  GLU A CD    1 
ATOM   224  O  OE1   . GLU A 1 36  ? 20.572  -7.937  -1.216  1.00 61.99  ? 36  GLU A OE1   1 
ATOM   225  O  OE2   . GLU A 1 36  ? 20.513  -8.322  0.873   1.00 65.60  ? 36  GLU A OE2   1 
ATOM   226  N  N     . LYS A 1 37  ? 17.006  -4.165  -3.445  1.00 43.51  ? 37  LYS A N     1 
ATOM   227  C  CA    . LYS A 1 37  ? 16.137  -4.075  -4.620  1.00 48.83  ? 37  LYS A CA    1 
ATOM   228  C  C     . LYS A 1 37  ? 16.862  -4.515  -5.893  1.00 49.35  ? 37  LYS A C     1 
ATOM   229  O  O     . LYS A 1 37  ? 18.076  -4.408  -5.997  1.00 49.66  ? 37  LYS A O     1 
ATOM   230  C  CB    . LYS A 1 37  ? 15.536  -2.690  -4.868  1.00 49.10  ? 37  LYS A CB    1 
ATOM   231  C  CG    . LYS A 1 37  ? 16.600  -1.669  -5.291  1.00 53.70  ? 37  LYS A CG    1 
ATOM   232  C  CD    . LYS A 1 37  ? 16.020  -0.289  -5.496  1.00 54.32  ? 37  LYS A CD    1 
ATOM   233  C  CE    . LYS A 1 37  ? 17.149  0.711   -5.737  1.00 51.28  ? 37  LYS A CE    1 
ATOM   234  N  NZ    . LYS A 1 37  ? 16.757  1.991   -5.108  1.00 38.65  ? 37  LYS A NZ    1 
ATOM   235  N  N     . LYS A 1 38  ? 16.058  -4.848  -6.889  1.00 50.04  ? 38  LYS A N     1 
ATOM   236  C  CA    . LYS A 1 38  ? 16.565  -5.254  -8.179  1.00 53.02  ? 38  LYS A CA    1 
ATOM   237  C  C     . LYS A 1 38  ? 15.824  -4.429  -9.231  1.00 58.19  ? 38  LYS A C     1 
ATOM   238  O  O     . LYS A 1 38  ? 14.594  -4.411  -9.270  1.00 58.36  ? 38  LYS A O     1 
ATOM   239  C  CB    . LYS A 1 38  ? 16.344  -6.737  -8.478  1.00 53.28  ? 38  LYS A CB    1 
ATOM   240  C  CG    . LYS A 1 38  ? 17.104  -7.708  -7.598  1.00 58.86  ? 38  LYS A CG    1 
ATOM   241  N  N     . TYR A 1 39  ? 16.607  -3.744  -10.047 1.00 61.88  ? 39  TYR A N     1 
ATOM   242  C  CA    . TYR A 1 39  ? 16.027  -2.962  -11.142 1.00 62.63  ? 39  TYR A CA    1 
ATOM   243  C  C     . TYR A 1 39  ? 15.894  -3.880  -12.354 1.00 60.16  ? 39  TYR A C     1 
ATOM   244  O  O     . TYR A 1 39  ? 16.797  -4.669  -12.572 1.00 60.66  ? 39  TYR A O     1 
ATOM   245  C  CB    . TYR A 1 39  ? 16.924  -1.769  -11.378 1.00 66.56  ? 39  TYR A CB    1 
ATOM   246  C  CG    . TYR A 1 39  ? 16.534  -0.917  -12.565 1.00 73.05  ? 39  TYR A CG    1 
ATOM   247  C  CD1   . TYR A 1 39  ? 15.473  -0.027  -12.462 1.00 74.39  ? 39  TYR A CD1   1 
ATOM   248  C  CD2   . TYR A 1 39  ? 17.224  -1.017  -13.766 1.00 74.52  ? 39  TYR A CD2   1 
ATOM   249  C  CE1   . TYR A 1 39  ? 15.098  0.756   -13.531 1.00 76.37  ? 39  TYR A CE1   1 
ATOM   250  C  CE2   . TYR A 1 39  ? 16.856  -0.218  -14.833 1.00 77.48  ? 39  TYR A CE2   1 
ATOM   251  C  CZ    . TYR A 1 39  ? 15.796  0.657   -14.719 1.00 77.47  ? 39  TYR A CZ    1 
ATOM   252  O  OH    . TYR A 1 39  ? 15.426  1.439   -15.782 1.00 74.56  ? 39  TYR A OH    1 
ATOM   253  N  N     . VAL A 1 40  ? 14.797  -3.854  -13.047 1.00 57.42  ? 40  VAL A N     1 
ATOM   254  C  CA    . VAL A 1 40  ? 14.461  -4.598  -14.242 1.00 62.36  ? 40  VAL A CA    1 
ATOM   255  C  C     . VAL A 1 40  ? 14.037  -3.574  -15.317 1.00 64.79  ? 40  VAL A C     1 
ATOM   256  O  O     . VAL A 1 40  ? 12.904  -3.085  -15.347 1.00 61.14  ? 40  VAL A O     1 
ATOM   257  C  CB    . VAL A 1 40  ? 13.304  -5.586  -13.984 1.00 62.49  ? 40  VAL A CB    1 
ATOM   258  C  CG1   . VAL A 1 40  ? 12.896  -6.337  -15.239 1.00 63.63  ? 40  VAL A CG1   1 
ATOM   259  C  CG2   . VAL A 1 40  ? 13.656  -6.547  -12.871 1.00 62.73  ? 40  VAL A CG2   1 
ATOM   260  N  N     . ALA A 1 41  ? 15.001  -3.104  -16.095 1.00 66.54  ? 41  ALA A N     1 
ATOM   261  C  CA    . ALA A 1 41  ? 14.775  -2.104  -17.121 1.00 66.74  ? 41  ALA A CA    1 
ATOM   262  C  C     . ALA A 1 41  ? 13.784  -2.585  -18.164 1.00 68.80  ? 41  ALA A C     1 
ATOM   263  O  O     . ALA A 1 41  ? 13.009  -1.718  -18.598 1.00 70.11  ? 41  ALA A O     1 
ATOM   264  C  CB    . ALA A 1 41  ? 16.078  -1.758  -17.827 1.00 70.66  ? 41  ALA A CB    1 
ATOM   265  N  N     . THR A 1 42  ? 13.823  -3.876  -18.572 1.00 65.93  ? 42  THR A N     1 
ATOM   266  C  CA    . THR A 1 42  ? 12.845  -4.267  -19.590 1.00 65.35  ? 42  THR A CA    1 
ATOM   267  C  C     . THR A 1 42  ? 11.453  -3.827  -19.144 1.00 63.59  ? 42  THR A C     1 
ATOM   268  O  O     . THR A 1 42  ? 10.696  -3.311  -19.964 1.00 68.02  ? 42  THR A O     1 
ATOM   269  C  CB    . THR A 1 42  ? 12.807  -5.726  -20.049 1.00 68.07  ? 42  THR A CB    1 
ATOM   270  O  OG1   . THR A 1 42  ? 11.991  -6.540  -19.178 1.00 74.47  ? 42  THR A OG1   1 
ATOM   271  C  CG2   . THR A 1 42  ? 14.186  -6.355  -20.088 1.00 63.81  ? 42  THR A CG2   1 
ATOM   272  N  N     . LEU A 1 43  ? 11.145  -3.900  -17.853 1.00 63.06  ? 43  LEU A N     1 
ATOM   273  C  CA    . LEU A 1 43  ? 9.823   -3.542  -17.359 1.00 59.42  ? 43  LEU A CA    1 
ATOM   274  C  C     . LEU A 1 43  ? 9.630   -2.197  -16.694 1.00 56.93  ? 43  LEU A C     1 
ATOM   275  O  O     . LEU A 1 43  ? 8.472   -1.795  -16.455 1.00 54.10  ? 43  LEU A O     1 
ATOM   276  C  CB    . LEU A 1 43  ? 9.359   -4.693  -16.437 1.00 61.93  ? 43  LEU A CB    1 
ATOM   277  N  N     . GLY A 1 44  ? 10.671  -1.410  -16.469 1.00 56.83  ? 44  GLY A N     1 
ATOM   278  C  CA    . GLY A 1 44  ? 10.591  -0.098  -15.820 1.00 54.83  ? 44  GLY A CA    1 
ATOM   279  C  C     . GLY A 1 44  ? 10.177  -0.228  -14.360 1.00 53.10  ? 44  GLY A C     1 
ATOM   280  O  O     . GLY A 1 44  ? 9.205   0.307   -13.817 1.00 51.73  ? 44  GLY A O     1 
ATOM   281  N  N     . VAL A 1 45  ? 10.960  -1.036  -13.649 1.00 52.06  ? 45  VAL A N     1 
ATOM   282  C  CA    . VAL A 1 45  ? 10.589  -1.391  -12.287 1.00 46.42  ? 45  VAL A CA    1 
ATOM   283  C  C     . VAL A 1 45  ? 11.780  -1.611  -11.390 1.00 41.94  ? 45  VAL A C     1 
ATOM   284  O  O     . VAL A 1 45  ? 12.815  -2.136  -11.796 1.00 40.28  ? 45  VAL A O     1 
ATOM   285  C  CB    . VAL A 1 45  ? 9.777   -2.717  -12.333 1.00 49.76  ? 45  VAL A CB    1 
ATOM   286  C  CG1   . VAL A 1 45  ? 9.013   -2.951  -11.035 1.00 56.90  ? 45  VAL A CG1   1 
ATOM   287  C  CG2   . VAL A 1 45  ? 8.715   -2.726  -13.425 1.00 54.91  ? 45  VAL A CG2   1 
ATOM   288  N  N     . GLU A 1 46  ? 11.578  -1.334  -10.108 1.00 40.62  ? 46  GLU A N     1 
ATOM   289  C  CA    . GLU A 1 46  ? 12.500  -1.769  -9.066  1.00 44.76  ? 46  GLU A CA    1 
ATOM   290  C  C     . GLU A 1 46  ? 11.687  -2.728  -8.179  1.00 45.60  ? 46  GLU A C     1 
ATOM   291  O  O     . GLU A 1 46  ? 10.630  -2.325  -7.690  1.00 48.73  ? 46  GLU A O     1 
ATOM   292  C  CB    . GLU A 1 46  ? 13.122  -0.640  -8.274  1.00 46.34  ? 46  GLU A CB    1 
ATOM   293  C  CG    . GLU A 1 46  ? 14.005  0.230   -9.157  1.00 56.29  ? 46  GLU A CG    1 
ATOM   294  C  CD    . GLU A 1 46  ? 14.804  1.261   -8.407  1.00 59.55  ? 46  GLU A CD    1 
ATOM   295  O  OE1   . GLU A 1 46  ? 14.256  1.900   -7.494  1.00 58.93  ? 46  GLU A OE1   1 
ATOM   296  O  OE2   . GLU A 1 46  ? 16.016  1.395   -8.720  1.00 68.83  ? 46  GLU A OE2   1 
ATOM   297  N  N     . VAL A 1 47  ? 12.133  -3.954  -8.055  1.00 41.69  ? 47  VAL A N     1 
ATOM   298  C  CA    . VAL A 1 47  ? 11.522  -4.976  -7.221  1.00 43.21  ? 47  VAL A CA    1 
ATOM   299  C  C     . VAL A 1 47  ? 12.262  -5.037  -5.890  1.00 42.39  ? 47  VAL A C     1 
ATOM   300  O  O     . VAL A 1 47  ? 13.424  -5.423  -5.862  1.00 47.56  ? 47  VAL A O     1 
ATOM   301  C  CB    . VAL A 1 47  ? 11.539  -6.384  -7.867  1.00 42.73  ? 47  VAL A CB    1 
ATOM   302  C  CG1   . VAL A 1 47  ? 10.757  -7.377  -7.004  1.00 39.30  ? 47  VAL A CG1   1 
ATOM   303  C  CG2   . VAL A 1 47  ? 10.934  -6.317  -9.265  1.00 40.57  ? 47  VAL A CG2   1 
ATOM   304  N  N     . HIS A 1 48  ? 11.619  -4.643  -4.821  1.00 43.87  ? 48  HIS A N     1 
ATOM   305  C  CA    . HIS A 1 48  ? 12.120  -4.654  -3.456  1.00 39.89  ? 48  HIS A CA    1 
ATOM   306  C  C     . HIS A 1 48  ? 11.644  -5.892  -2.690  1.00 45.05  ? 48  HIS A C     1 
ATOM   307  O  O     . HIS A 1 48  ? 10.445  -6.182  -2.583  1.00 42.19  ? 48  HIS A O     1 
ATOM   308  C  CB    . HIS A 1 48  ? 11.519  -3.437  -2.780  1.00 39.64  ? 48  HIS A CB    1 
ATOM   309  C  CG    . HIS A 1 48  ? 11.928  -2.094  -3.271  1.00 41.28  ? 48  HIS A CG    1 
ATOM   310  N  ND1   . HIS A 1 48  ? 12.495  -1.174  -2.401  1.00 34.09  ? 48  HIS A ND1   1 
ATOM   311  C  CD2   . HIS A 1 48  ? 11.817  -1.482  -4.475  1.00 42.20  ? 48  HIS A CD2   1 
ATOM   312  C  CE1   . HIS A 1 48  ? 12.725  -0.068  -3.081  1.00 40.29  ? 48  HIS A CE1   1 
ATOM   313  N  NE2   . HIS A 1 48  ? 12.346  -0.212  -4.331  1.00 42.28  ? 48  HIS A NE2   1 
ATOM   314  N  N     . PRO A 1 49  ? 12.560  -6.698  -2.174  1.00 45.51  ? 49  PRO A N     1 
ATOM   315  C  CA    . PRO A 1 49  ? 12.171  -7.936  -1.512  1.00 46.42  ? 49  PRO A CA    1 
ATOM   316  C  C     . PRO A 1 49  ? 11.832  -7.593  -0.072  1.00 46.71  ? 49  PRO A C     1 
ATOM   317  O  O     . PRO A 1 49  ? 12.796  -7.392  0.678   1.00 47.25  ? 49  PRO A O     1 
ATOM   318  C  CB    . PRO A 1 49  ? 13.387  -8.836  -1.626  1.00 46.08  ? 49  PRO A CB    1 
ATOM   319  C  CG    . PRO A 1 49  ? 14.532  -7.918  -1.886  1.00 48.84  ? 49  PRO A CG    1 
ATOM   320  C  CD    . PRO A 1 49  ? 14.025  -6.582  -2.364  1.00 47.00  ? 49  PRO A CD    1 
ATOM   321  N  N     . LEU A 1 50  ? 10.547  -7.369  0.233   1.00 42.78  ? 50  LEU A N     1 
ATOM   322  C  CA    . LEU A 1 50  ? 10.274  -6.999  1.614   1.00 43.04  ? 50  LEU A CA    1 
ATOM   323  C  C     . LEU A 1 50  ? 9.901   -8.253  2.433   1.00 48.14  ? 50  LEU A C     1 
ATOM   324  O  O     . LEU A 1 50  ? 8.781   -8.803  2.341   1.00 48.92  ? 50  LEU A O     1 
ATOM   325  C  CB    . LEU A 1 50  ? 9.278   -5.926  1.832   1.00 45.05  ? 50  LEU A CB    1 
ATOM   326  C  CG    . LEU A 1 50  ? 8.999   -4.722  0.961   1.00 45.89  ? 50  LEU A CG    1 
ATOM   327  C  CD1   . LEU A 1 50  ? 8.220   -3.693  1.787   1.00 37.85  ? 50  LEU A CD1   1 
ATOM   328  C  CD2   . LEU A 1 50  ? 10.250  -4.144  0.360   1.00 43.47  ? 50  LEU A CD2   1 
ATOM   329  N  N     . VAL A 1 51  ? 10.887  -8.625  3.254   1.00 43.90  ? 51  VAL A N     1 
ATOM   330  C  CA    . VAL A 1 51  ? 10.679  -9.766  4.146   1.00 44.61  ? 51  VAL A CA    1 
ATOM   331  C  C     . VAL A 1 51  ? 9.999   -9.309  5.430   1.00 40.96  ? 51  VAL A C     1 
ATOM   332  O  O     . VAL A 1 51  ? 10.393  -8.251  5.900   1.00 41.12  ? 51  VAL A O     1 
ATOM   333  C  CB    . VAL A 1 51  ? 12.001  -10.505 4.422   1.00 44.09  ? 51  VAL A CB    1 
ATOM   334  C  CG1   . VAL A 1 51  ? 11.749  -11.666 5.363   1.00 42.72  ? 51  VAL A CG1   1 
ATOM   335  C  CG2   . VAL A 1 51  ? 12.621  -11.037 3.097   1.00 42.24  ? 51  VAL A CG2   1 
ATOM   336  N  N     . PHE A 1 52  ? 9.021   -10.059 5.928   1.00 41.95  ? 52  PHE A N     1 
ATOM   337  C  CA    . PHE A 1 52  ? 8.333   -9.806  7.185   1.00 42.04  ? 52  PHE A CA    1 
ATOM   338  C  C     . PHE A 1 52  ? 8.308   -11.125 7.966   1.00 44.19  ? 52  PHE A C     1 
ATOM   339  O  O     . PHE A 1 52  ? 8.164   -12.144 7.276   1.00 45.02  ? 52  PHE A O     1 
ATOM   340  C  CB    . PHE A 1 52  ? 6.874   -9.326  6.995   1.00 39.02  ? 52  PHE A CB    1 
ATOM   341  C  CG    . PHE A 1 52  ? 6.731   -7.884  6.574   1.00 36.71  ? 52  PHE A CG    1 
ATOM   342  C  CD1   . PHE A 1 52  ? 6.713   -7.541  5.234   1.00 38.79  ? 52  PHE A CD1   1 
ATOM   343  C  CD2   . PHE A 1 52  ? 6.585   -6.867  7.488   1.00 40.23  ? 52  PHE A CD2   1 
ATOM   344  C  CE1   . PHE A 1 52  ? 6.559   -6.219  4.833   1.00 41.25  ? 52  PHE A CE1   1 
ATOM   345  C  CE2   . PHE A 1 52  ? 6.434   -5.545  7.100   1.00 47.29  ? 52  PHE A CE2   1 
ATOM   346  C  CZ    . PHE A 1 52  ? 6.430   -5.205  5.756   1.00 44.01  ? 52  PHE A CZ    1 
ATOM   347  N  N     . HIS A 1 53  ? 8.334   -11.097 9.309   1.00 43.62  ? 53  HIS A N     1 
ATOM   348  C  CA    . HIS A 1 53  ? 8.399   -12.348 10.055  1.00 45.43  ? 53  HIS A CA    1 
ATOM   349  C  C     . HIS A 1 53  ? 7.148   -12.539 10.896  1.00 45.77  ? 53  HIS A C     1 
ATOM   350  O  O     . HIS A 1 53  ? 6.873   -11.737 11.780  1.00 48.34  ? 53  HIS A O     1 
ATOM   351  C  CB    . HIS A 1 53  ? 9.688   -12.471 10.919  1.00 42.96  ? 53  HIS A CB    1 
ATOM   352  C  CG    . HIS A 1 53  ? 10.871  -12.568 9.999   1.00 36.15  ? 53  HIS A CG    1 
ATOM   353  N  ND1   . HIS A 1 53  ? 11.596  -11.453 9.632   1.00 39.62  ? 53  HIS A ND1   1 
ATOM   354  C  CD2   . HIS A 1 53  ? 11.397  -13.594 9.312   1.00 36.44  ? 53  HIS A CD2   1 
ATOM   355  C  CE1   . HIS A 1 53  ? 12.536  -11.792 8.783   1.00 37.33  ? 53  HIS A CE1   1 
ATOM   356  N  NE2   . HIS A 1 53  ? 12.433  -13.094 8.577   1.00 39.15  ? 53  HIS A NE2   1 
ATOM   357  N  N     . THR A 1 54  ? 6.392   -13.573 10.553  1.00 47.17  ? 54  THR A N     1 
ATOM   358  C  CA    . THR A 1 54  ? 5.155   -13.880 11.233  1.00 52.34  ? 54  THR A CA    1 
ATOM   359  C  C     . THR A 1 54  ? 5.372   -15.023 12.230  1.00 54.26  ? 54  THR A C     1 
ATOM   360  O  O     . THR A 1 54  ? 6.299   -15.809 12.035  1.00 51.35  ? 54  THR A O     1 
ATOM   361  C  CB    . THR A 1 54  ? 3.974   -14.337 10.352  1.00 51.70  ? 54  THR A CB    1 
ATOM   362  O  OG1   . THR A 1 54  ? 4.125   -15.721 9.958   1.00 50.57  ? 54  THR A OG1   1 
ATOM   363  C  CG2   . THR A 1 54  ? 3.866   -13.465 9.110   1.00 50.47  ? 54  THR A CG2   1 
ATOM   364  N  N     . ASN A 1 55  ? 4.396   -15.126 13.120  1.00 56.17  ? 55  ASN A N     1 
ATOM   365  C  CA    . ASN A 1 55  ? 4.339   -16.201 14.097  1.00 57.57  ? 55  ASN A CA    1 
ATOM   366  C  C     . ASN A 1 55  ? 4.331   -17.536 13.365  1.00 59.75  ? 55  ASN A C     1 
ATOM   367  O  O     . ASN A 1 55  ? 4.560   -18.547 14.022  1.00 64.41  ? 55  ASN A O     1 
ATOM   368  C  CB    . ASN A 1 55  ? 3.180   -16.093 15.076  1.00 56.95  ? 55  ASN A CB    1 
ATOM   369  C  CG    . ASN A 1 55  ? 1.811   -16.255 14.429  1.00 59.25  ? 55  ASN A CG    1 
ATOM   370  O  OD1   . ASN A 1 55  ? 0.938   -16.981 14.898  1.00 58.66  ? 55  ASN A OD1   1 
ATOM   371  N  ND2   . ASN A 1 55  ? 1.548   -15.606 13.302  1.00 59.73  ? 55  ASN A ND2   1 
ATOM   372  N  N     . ARG A 1 56  ? 4.169   -17.541 12.048  1.00 57.67  ? 56  ARG A N     1 
ATOM   373  C  CA    . ARG A 1 56  ? 4.210   -18.799 11.315  1.00 58.40  ? 56  ARG A CA    1 
ATOM   374  C  C     . ARG A 1 56  ? 5.346   -18.825 10.316  1.00 56.87  ? 56  ARG A C     1 
ATOM   375  O  O     . ARG A 1 56  ? 5.292   -19.505 9.290   1.00 59.63  ? 56  ARG A O     1 
ATOM   376  C  CB    . ARG A 1 56  ? 2.865   -19.137 10.664  1.00 63.02  ? 56  ARG A CB    1 
ATOM   377  C  CG    . ARG A 1 56  ? 1.762   -19.418 11.702  1.00 69.87  ? 56  ARG A CG    1 
ATOM   378  C  CD    . ARG A 1 56  ? 0.649   -20.264 11.065  1.00 73.78  ? 56  ARG A CD    1 
ATOM   379  N  N     . GLY A 1 57  ? 6.358   -18.007 10.585  1.00 57.51  ? 57  GLY A N     1 
ATOM   380  C  CA    . GLY A 1 57  ? 7.521   -17.955 9.690   1.00 55.83  ? 57  GLY A CA    1 
ATOM   381  C  C     . GLY A 1 57  ? 7.574   -16.715 8.814   1.00 55.07  ? 57  GLY A C     1 
ATOM   382  O  O     . GLY A 1 57  ? 6.758   -15.793 8.944   1.00 53.47  ? 57  GLY A O     1 
ATOM   383  N  N     . PRO A 1 58  ? 8.529   -16.724 7.887   1.00 53.19  ? 58  PRO A N     1 
ATOM   384  C  CA    . PRO A 1 58  ? 8.777   -15.596 7.021   1.00 51.38  ? 58  PRO A CA    1 
ATOM   385  C  C     . PRO A 1 58  ? 7.847   -15.544 5.805   1.00 52.04  ? 58  PRO A C     1 
ATOM   386  O  O     . PRO A 1 58  ? 7.546   -16.567 5.226   1.00 51.38  ? 58  PRO A O     1 
ATOM   387  C  CB    . PRO A 1 58  ? 10.195  -15.789 6.523   1.00 49.71  ? 58  PRO A CB    1 
ATOM   388  C  CG    . PRO A 1 58  ? 10.646  -17.130 6.949   1.00 52.02  ? 58  PRO A CG    1 
ATOM   389  C  CD    . PRO A 1 58  ? 9.539   -17.800 7.714   1.00 51.39  ? 58  PRO A CD    1 
ATOM   390  N  N     . ILE A 1 59  ? 7.556   -14.348 5.341   1.00 47.84  ? 59  ILE A N     1 
ATOM   391  C  CA    . ILE A 1 59  ? 6.797   -14.145 4.114   1.00 47.71  ? 59  ILE A CA    1 
ATOM   392  C  C     . ILE A 1 59  ? 7.557   -13.051 3.357   1.00 43.76  ? 59  ILE A C     1 
ATOM   393  O  O     . ILE A 1 59  ? 7.977   -12.054 3.946   1.00 43.82  ? 59  ILE A O     1 
ATOM   394  C  CB    . ILE A 1 59  ? 5.338   -13.776 4.380   1.00 42.63  ? 59  ILE A CB    1 
ATOM   395  C  CG1   . ILE A 1 59  ? 4.591   -13.383 3.108   1.00 46.66  ? 59  ILE A CG1   1 
ATOM   396  C  CG2   . ILE A 1 59  ? 5.201   -12.632 5.403   1.00 41.08  ? 59  ILE A CG2   1 
ATOM   397  C  CD1   . ILE A 1 59  ? 3.069   -13.319 3.349   1.00 50.13  ? 59  ILE A CD1   1 
ATOM   398  N  N     . LYS A 1 60  ? 7.746   -13.264 2.069   1.00 40.21  ? 60  LYS A N     1 
ATOM   399  C  CA    . LYS A 1 60  ? 8.457   -12.272 1.286   1.00 43.79  ? 60  LYS A CA    1 
ATOM   400  C  C     . LYS A 1 60  ? 7.508   -11.640 0.269   1.00 43.71  ? 60  LYS A C     1 
ATOM   401  O  O     . LYS A 1 60  ? 6.934   -12.304 -0.575  1.00 38.63  ? 60  LYS A O     1 
ATOM   402  C  CB    . LYS A 1 60  ? 9.723   -12.824 0.670   1.00 45.39  ? 60  LYS A CB    1 
ATOM   403  C  CG    . LYS A 1 60  ? 10.480  -11.828 -0.210  1.00 43.75  ? 60  LYS A CG    1 
ATOM   404  C  CD    . LYS A 1 60  ? 11.383  -12.624 -1.156  1.00 42.56  ? 60  LYS A CD    1 
ATOM   405  C  CE    . LYS A 1 60  ? 12.672  -12.951 -0.423  1.00 50.71  ? 60  LYS A CE    1 
ATOM   406  N  NZ    . LYS A 1 60  ? 13.741  -13.519 -1.252  1.00 50.20  ? 60  LYS A NZ    1 
ATOM   407  N  N     . PHE A 1 61  ? 7.343   -10.314 0.404   1.00 43.32  ? 61  PHE A N     1 
ATOM   408  C  CA    . PHE A 1 61  ? 6.585   -9.620  -0.646  1.00 42.39  ? 61  PHE A CA    1 
ATOM   409  C  C     . PHE A 1 61  ? 7.563   -8.989  -1.629  1.00 40.21  ? 61  PHE A C     1 
ATOM   410  O  O     . PHE A 1 61  ? 8.342   -8.140  -1.206  1.00 41.07  ? 61  PHE A O     1 
ATOM   411  C  CB    . PHE A 1 61  ? 5.683   -8.525  -0.112  1.00 39.05  ? 61  PHE A CB    1 
ATOM   412  C  CG    . PHE A 1 61  ? 4.556   -9.007  0.748   1.00 42.36  ? 61  PHE A CG    1 
ATOM   413  C  CD1   . PHE A 1 61  ? 3.348   -9.372  0.181   1.00 41.83  ? 61  PHE A CD1   1 
ATOM   414  C  CD2   . PHE A 1 61  ? 4.697   -9.054  2.117   1.00 42.26  ? 61  PHE A CD2   1 
ATOM   415  C  CE1   . PHE A 1 61  ? 2.285   -9.731  0.982   1.00 46.87  ? 61  PHE A CE1   1 
ATOM   416  C  CE2   . PHE A 1 61  ? 3.639   -9.448  2.916   1.00 48.76  ? 61  PHE A CE2   1 
ATOM   417  C  CZ    . PHE A 1 61  ? 2.419   -9.783  2.346   1.00 44.36  ? 61  PHE A CZ    1 
ATOM   418  N  N     . ASN A 1 62  ? 7.542   -9.444  -2.877  1.00 42.24  ? 62  ASN A N     1 
ATOM   419  C  CA    . ASN A 1 62  ? 8.401   -8.836  -3.898  1.00 34.98  ? 62  ASN A CA    1 
ATOM   420  C  C     . ASN A 1 62  ? 7.622   -7.625  -4.366  1.00 37.90  ? 62  ASN A C     1 
ATOM   421  O  O     . ASN A 1 62  ? 6.681   -7.819  -5.133  1.00 37.95  ? 62  ASN A O     1 
ATOM   422  C  CB    . ASN A 1 62  ? 8.777   -9.786  -5.000  1.00 41.58  ? 62  ASN A CB    1 
ATOM   423  C  CG    . ASN A 1 62  ? 9.740   -10.868 -4.533  1.00 47.87  ? 62  ASN A CG    1 
ATOM   424  O  OD1   . ASN A 1 62  ? 9.625   -12.026 -4.889  1.00 54.78  ? 62  ASN A OD1   1 
ATOM   425  N  ND2   . ASN A 1 62  ? 10.711  -10.586 -3.690  1.00 55.63  ? 62  ASN A ND2   1 
ATOM   426  N  N     . VAL A 1 63  ? 7.921   -6.455  -3.817  1.00 37.32  ? 63  VAL A N     1 
ATOM   427  C  CA    . VAL A 1 63  ? 7.142   -5.261  -4.173  1.00 38.58  ? 63  VAL A CA    1 
ATOM   428  C  C     . VAL A 1 63  ? 7.708   -4.562  -5.404  1.00 42.70  ? 63  VAL A C     1 
ATOM   429  O  O     . VAL A 1 63  ? 8.866   -4.162  -5.500  1.00 41.07  ? 63  VAL A O     1 
ATOM   430  C  CB    . VAL A 1 63  ? 7.055   -4.237  -3.027  1.00 40.96  ? 63  VAL A CB    1 
ATOM   431  C  CG1   . VAL A 1 63  ? 6.184   -3.052  -3.412  1.00 30.75  ? 63  VAL A CG1   1 
ATOM   432  C  CG2   . VAL A 1 63  ? 6.569   -4.960  -1.768  1.00 34.90  ? 63  VAL A CG2   1 
ATOM   433  N  N     . TRP A 1 64  ? 6.806   -4.405  -6.363  1.00 42.88  ? 64  TRP A N     1 
ATOM   434  C  CA    . TRP A 1 64  ? 7.142   -3.802  -7.651  1.00 43.17  ? 64  TRP A CA    1 
ATOM   435  C  C     . TRP A 1 64  ? 6.898   -2.296  -7.653  1.00 41.04  ? 64  TRP A C     1 
ATOM   436  O  O     . TRP A 1 64  ? 5.738   -1.916  -7.427  1.00 35.67  ? 64  TRP A O     1 
ATOM   437  C  CB    . TRP A 1 64  ? 6.289   -4.511  -8.697  1.00 37.54  ? 64  TRP A CB    1 
ATOM   438  C  CG    . TRP A 1 64  ? 6.823   -5.863  -9.070  1.00 38.40  ? 64  TRP A CG    1 
ATOM   439  C  CD1   . TRP A 1 64  ? 7.152   -6.916  -8.283  1.00 37.96  ? 64  TRP A CD1   1 
ATOM   440  C  CD2   . TRP A 1 64  ? 7.052   -6.283  -10.427 1.00 43.00  ? 64  TRP A CD2   1 
ATOM   441  N  NE1   . TRP A 1 64  ? 7.583   -7.966  -9.061  1.00 48.49  ? 64  TRP A NE1   1 
ATOM   442  C  CE2   . TRP A 1 64  ? 7.526   -7.609  -10.381 1.00 43.34  ? 64  TRP A CE2   1 
ATOM   443  C  CE3   . TRP A 1 64  ? 6.868   -5.655  -11.668 1.00 42.77  ? 64  TRP A CE3   1 
ATOM   444  C  CZ2   . TRP A 1 64  ? 7.831   -8.340  -11.520 1.00 42.37  ? 64  TRP A CZ2   1 
ATOM   445  C  CZ3   . TRP A 1 64  ? 7.198   -6.390  -12.805 1.00 47.59  ? 64  TRP A CZ3   1 
ATOM   446  C  CH2   . TRP A 1 64  ? 7.672   -7.708  -12.719 1.00 42.67  ? 64  TRP A CH2   1 
ATOM   447  N  N     . ASP A 1 65  ? 7.977   -1.516  -7.640  1.00 38.45  ? 65  ASP A N     1 
ATOM   448  C  CA    . ASP A 1 65  ? 7.802   -0.055  -7.632  1.00 42.35  ? 65  ASP A CA    1 
ATOM   449  C  C     . ASP A 1 65  ? 8.092   0.504   -9.019  1.00 41.66  ? 65  ASP A C     1 
ATOM   450  O  O     . ASP A 1 65  ? 8.952   -0.052  -9.699  1.00 43.65  ? 65  ASP A O     1 
ATOM   451  C  CB    . ASP A 1 65  ? 8.633   0.631   -6.574  1.00 48.69  ? 65  ASP A CB    1 
ATOM   452  C  CG    . ASP A 1 65  ? 8.363   2.123   -6.426  1.00 46.77  ? 65  ASP A CG    1 
ATOM   453  O  OD1   . ASP A 1 65  ? 7.203   2.564   -6.539  1.00 41.82  ? 65  ASP A OD1   1 
ATOM   454  O  OD2   . ASP A 1 65  ? 9.338   2.860   -6.160  1.00 46.38  ? 65  ASP A OD2   1 
ATOM   455  N  N     . THR A 1 66  ? 7.273   1.415   -9.540  1.00 40.65  ? 66  THR A N     1 
ATOM   456  C  CA    . THR A 1 66  ? 7.471   1.893   -10.894 1.00 41.66  ? 66  THR A CA    1 
ATOM   457  C  C     . THR A 1 66  ? 8.709   2.796   -10.965 1.00 43.19  ? 66  THR A C     1 
ATOM   458  O  O     . THR A 1 66  ? 9.174   3.300   -9.945  1.00 41.61  ? 66  THR A O     1 
ATOM   459  C  CB    . THR A 1 66  ? 6.349   2.764   -11.475 1.00 43.55  ? 66  THR A CB    1 
ATOM   460  O  OG1   . THR A 1 66  ? 6.453   4.027   -10.781 1.00 42.66  ? 66  THR A OG1   1 
ATOM   461  C  CG2   . THR A 1 66  ? 4.953   2.194   -11.327 1.00 41.54  ? 66  THR A CG2   1 
ATOM   462  N  N     . ALA A 1 67  ? 9.052   3.133   -12.197 1.00 44.62  ? 67  ALA A N     1 
ATOM   463  C  CA    . ALA A 1 67  ? 10.134  4.113   -12.387 1.00 47.23  ? 67  ALA A CA    1 
ATOM   464  C  C     . ALA A 1 67  ? 9.488   5.398   -12.896 1.00 48.93  ? 67  ALA A C     1 
ATOM   465  O  O     . ALA A 1 67  ? 10.059  6.187   -13.666 1.00 51.45  ? 67  ALA A O     1 
ATOM   466  C  CB    . ALA A 1 67  ? 11.172  3.500   -13.298 1.00 43.01  ? 67  ALA A CB    1 
ATOM   467  N  N     . GLY A 1 68  ? 8.262   5.651   -12.413 1.00 45.35  ? 68  GLY A N     1 
ATOM   468  C  CA    . GLY A 1 68  ? 7.607   6.914   -12.735 1.00 42.09  ? 68  GLY A CA    1 
ATOM   469  C  C     . GLY A 1 68  ? 6.752   6.928   -13.968 1.00 42.54  ? 68  GLY A C     1 
ATOM   470  O  O     . GLY A 1 68  ? 6.088   7.927   -14.259 1.00 49.51  ? 68  GLY A O     1 
ATOM   471  N  N     . GLN A 1 69  ? 6.725   5.889   -14.785 1.00 43.91  ? 69  GLN A N     1 
ATOM   472  C  CA    . GLN A 1 69  ? 5.917   5.908   -15.993 1.00 50.31  ? 69  GLN A CA    1 
ATOM   473  C  C     . GLN A 1 69  ? 4.442   6.191   -15.769 1.00 49.90  ? 69  GLN A C     1 
ATOM   474  O  O     . GLN A 1 69  ? 3.761   6.533   -16.745 1.00 50.24  ? 69  GLN A O     1 
ATOM   475  C  CB    . GLN A 1 69  ? 6.110   4.584   -16.756 1.00 51.32  ? 69  GLN A CB    1 
ATOM   476  C  CG    . GLN A 1 69  ? 5.804   3.372   -15.933 1.00 56.60  ? 69  GLN A CG    1 
ATOM   477  C  CD    . GLN A 1 69  ? 6.969   2.699   -15.256 1.00 56.57  ? 69  GLN A CD    1 
ATOM   478  O  OE1   . GLN A 1 69  ? 7.954   3.318   -14.883 1.00 54.74  ? 69  GLN A OE1   1 
ATOM   479  N  NE2   . GLN A 1 69  ? 6.835   1.382   -15.130 1.00 61.47  ? 69  GLN A NE2   1 
ATOM   480  N  N     . GLU A 1 70  ? 3.926   6.104   -14.549 1.00 49.67  ? 70  GLU A N     1 
ATOM   481  C  CA    . GLU A 1 70  ? 2.505   6.332   -14.255 1.00 47.19  ? 70  GLU A CA    1 
ATOM   482  C  C     . GLU A 1 70  ? 2.151   7.798   -14.484 1.00 45.11  ? 70  GLU A C     1 
ATOM   483  O  O     . GLU A 1 70  ? 0.995   8.095   -14.750 1.00 48.69  ? 70  GLU A O     1 
ATOM   484  C  CB    . GLU A 1 70  ? 2.030   5.854   -12.873 1.00 35.11  ? 70  GLU A CB    1 
ATOM   485  C  CG    . GLU A 1 70  ? 2.542   6.734   -11.733 1.00 32.93  ? 70  GLU A CG    1 
ATOM   486  C  CD    . GLU A 1 70  ? 3.936   6.397   -11.250 1.00 42.04  ? 70  GLU A CD    1 
ATOM   487  O  OE1   . GLU A 1 70  ? 4.775   5.695   -11.864 1.00 40.57  ? 70  GLU A OE1   1 
ATOM   488  O  OE2   . GLU A 1 70  ? 4.303   6.845   -10.133 1.00 41.32  ? 70  GLU A OE2   1 
ATOM   489  N  N     . LYS A 1 71  ? 3.139   8.674   -14.509 1.00 47.59  ? 71  LYS A N     1 
ATOM   490  C  CA    . LYS A 1 71  ? 2.873   10.077  -14.784 1.00 57.08  ? 71  LYS A CA    1 
ATOM   491  C  C     . LYS A 1 71  ? 2.581   10.301  -16.272 1.00 62.91  ? 71  LYS A C     1 
ATOM   492  O  O     . LYS A 1 71  ? 1.866   11.233  -16.612 1.00 66.80  ? 71  LYS A O     1 
ATOM   493  C  CB    . LYS A 1 71  ? 4.039   10.988  -14.377 1.00 59.62  ? 71  LYS A CB    1 
ATOM   494  C  CG    . LYS A 1 71  ? 4.748   10.542  -13.111 1.00 68.09  ? 71  LYS A CG    1 
ATOM   495  C  CD    . LYS A 1 71  ? 4.947   11.627  -12.073 1.00 73.78  ? 71  LYS A CD    1 
ATOM   496  N  N     . PHE A 1 72  ? 3.042   9.445   -17.147 1.00 65.60  ? 72  PHE A N     1 
ATOM   497  C  CA    . PHE A 1 72  ? 3.011   9.539   -18.589 1.00 69.40  ? 72  PHE A CA    1 
ATOM   498  C  C     . PHE A 1 72  ? 1.891   8.701   -19.197 1.00 70.52  ? 72  PHE A C     1 
ATOM   499  O  O     . PHE A 1 72  ? 1.786   8.639   -20.423 1.00 69.79  ? 72  PHE A O     1 
ATOM   500  C  CB    . PHE A 1 72  ? 4.352   8.993   -19.171 1.00 67.55  ? 72  PHE A CB    1 
ATOM   501  C  CG    . PHE A 1 72  ? 5.527   9.718   -18.565 1.00 76.56  ? 72  PHE A CG    1 
ATOM   502  C  CD1   . PHE A 1 72  ? 5.961   10.914  -19.118 1.00 80.44  ? 72  PHE A CD1   1 
ATOM   503  C  CD2   . PHE A 1 72  ? 6.188   9.260   -17.442 1.00 77.48  ? 72  PHE A CD2   1 
ATOM   504  C  CE1   . PHE A 1 72  ? 7.007   11.622  -18.562 1.00 81.90  ? 72  PHE A CE1   1 
ATOM   505  C  CE2   . PHE A 1 72  ? 7.234   9.961   -16.871 1.00 80.55  ? 72  PHE A CE2   1 
ATOM   506  C  CZ    . PHE A 1 72  ? 7.647   11.148  -17.438 1.00 80.90  ? 72  PHE A CZ    1 
ATOM   507  N  N     . GLY A 1 73  ? 1.174   7.984   -18.328 1.00 69.15  ? 73  GLY A N     1 
ATOM   508  C  CA    . GLY A 1 73  ? 0.135   7.082   -18.816 1.00 67.45  ? 73  GLY A CA    1 
ATOM   509  C  C     . GLY A 1 73  ? -0.103  5.904   -17.867 1.00 67.43  ? 73  GLY A C     1 
ATOM   510  O  O     . GLY A 1 73  ? 0.334   5.938   -16.713 1.00 68.84  ? 73  GLY A O     1 
ATOM   511  N  N     . GLY A 1 74  ? -0.806  4.897   -18.366 1.00 61.80  ? 74  GLY A N     1 
ATOM   512  C  CA    . GLY A 1 74  ? -1.203  3.714   -17.629 1.00 57.94  ? 74  GLY A CA    1 
ATOM   513  C  C     . GLY A 1 74  ? -0.057  2.701   -17.637 1.00 56.43  ? 74  GLY A C     1 
ATOM   514  O  O     . GLY A 1 74  ? 0.966   2.982   -18.277 1.00 55.08  ? 74  GLY A O     1 
ATOM   515  N  N     . LEU A 1 75  ? -0.179  1.617   -16.860 1.00 51.19  ? 75  LEU A N     1 
ATOM   516  C  CA    . LEU A 1 75  ? 0.943   0.679   -16.835 1.00 53.06  ? 75  LEU A CA    1 
ATOM   517  C  C     . LEU A 1 75  ? 0.768   -0.499  -17.786 1.00 55.53  ? 75  LEU A C     1 
ATOM   518  O  O     . LEU A 1 75  ? -0.351  -0.922  -18.082 1.00 55.83  ? 75  LEU A O     1 
ATOM   519  C  CB    . LEU A 1 75  ? 1.236   0.192   -15.421 1.00 50.52  ? 75  LEU A CB    1 
ATOM   520  C  CG    . LEU A 1 75  ? 1.571   1.258   -14.380 1.00 51.22  ? 75  LEU A CG    1 
ATOM   521  C  CD1   . LEU A 1 75  ? 1.659   0.646   -12.985 1.00 47.41  ? 75  LEU A CD1   1 
ATOM   522  C  CD2   . LEU A 1 75  ? 2.876   1.967   -14.743 1.00 45.78  ? 75  LEU A CD2   1 
ATOM   523  N  N     . GLU A 1 76  ? 1.896   -0.981  -18.324 1.00 53.98  ? 76  GLU A N     1 
ATOM   524  C  CA    . GLU A 1 76  ? 1.821   -2.141  -19.221 1.00 53.48  ? 76  GLU A CA    1 
ATOM   525  C  C     . GLU A 1 76  ? 1.403   -3.423  -18.496 1.00 47.13  ? 76  GLU A C     1 
ATOM   526  O  O     . GLU A 1 76  ? 1.675   -3.575  -17.321 1.00 46.50  ? 76  GLU A O     1 
ATOM   527  C  CB    . GLU A 1 76  ? 3.220   -2.385  -19.810 1.00 58.66  ? 76  GLU A CB    1 
ATOM   528  C  CG    . GLU A 1 76  ? 3.728   -1.213  -20.625 1.00 71.67  ? 76  GLU A CG    1 
ATOM   529  C  CD    . GLU A 1 76  ? 5.109   -1.441  -21.194 1.00 82.89  ? 76  GLU A CD    1 
ATOM   530  O  OE1   . GLU A 1 76  ? 5.805   -2.421  -20.865 1.00 88.92  ? 76  GLU A OE1   1 
ATOM   531  O  OE2   . GLU A 1 76  ? 5.531   -0.601  -22.021 1.00 92.88  ? 76  GLU A OE2   1 
ATOM   532  N  N     . ASP A 1 77  ? 0.920   -4.402  -19.222 1.00 45.99  ? 77  ASP A N     1 
ATOM   533  C  CA    . ASP A 1 77  ? 0.554   -5.718  -18.834 1.00 48.55  ? 77  ASP A CA    1 
ATOM   534  C  C     . ASP A 1 77  ? 1.702   -6.457  -18.149 1.00 53.52  ? 77  ASP A C     1 
ATOM   535  O  O     . ASP A 1 77  ? 1.458   -7.214  -17.211 1.00 56.38  ? 77  ASP A O     1 
ATOM   536  C  CB    . ASP A 1 77  ? 0.043   -6.518  -20.017 1.00 52.52  ? 77  ASP A CB    1 
ATOM   537  C  CG    . ASP A 1 77  ? -1.300  -5.992  -20.487 1.00 57.62  ? 77  ASP A CG    1 
ATOM   538  O  OD1   . ASP A 1 77  ? -1.821  -5.028  -19.921 1.00 59.74  ? 77  ASP A OD1   1 
ATOM   539  O  OD2   . ASP A 1 77  ? -1.858  -6.522  -21.463 1.00 65.30  ? 77  ASP A OD2   1 
ATOM   540  N  N     . GLY A 1 78  ? 2.911   -6.106  -18.567 1.00 51.63  ? 78  GLY A N     1 
ATOM   541  C  CA    . GLY A 1 78  ? 4.140   -6.516  -17.954 1.00 45.75  ? 78  GLY A CA    1 
ATOM   542  C  C     . GLY A 1 78  ? 4.134   -6.387  -16.457 1.00 45.77  ? 78  GLY A C     1 
ATOM   543  O  O     . GLY A 1 78  ? 4.391   -7.297  -15.706 1.00 42.04  ? 78  GLY A O     1 
ATOM   544  N  N     . TYR A 1 79  ? 3.829   -5.162  -16.069 1.00 48.08  ? 79  TYR A N     1 
ATOM   545  C  CA    . TYR A 1 79  ? 3.858   -4.822  -14.649 1.00 47.32  ? 79  TYR A CA    1 
ATOM   546  C  C     . TYR A 1 79  ? 2.868   -5.653  -13.855 1.00 46.35  ? 79  TYR A C     1 
ATOM   547  O  O     . TYR A 1 79  ? 3.227   -6.185  -12.807 1.00 43.39  ? 79  TYR A O     1 
ATOM   548  C  CB    . TYR A 1 79  ? 3.522   -3.334  -14.577 1.00 47.42  ? 79  TYR A CB    1 
ATOM   549  C  CG    . TYR A 1 79  ? 3.860   -2.734  -13.242 1.00 54.31  ? 79  TYR A CG    1 
ATOM   550  C  CD1   . TYR A 1 79  ? 5.170   -2.332  -12.994 1.00 53.06  ? 79  TYR A CD1   1 
ATOM   551  C  CD2   . TYR A 1 79  ? 2.884   -2.589  -12.258 1.00 54.82  ? 79  TYR A CD2   1 
ATOM   552  C  CE1   . TYR A 1 79  ? 5.497   -1.747  -11.792 1.00 55.32  ? 79  TYR A CE1   1 
ATOM   553  C  CE2   . TYR A 1 79  ? 3.224   -2.010  -11.041 1.00 56.30  ? 79  TYR A CE2   1 
ATOM   554  C  CZ    . TYR A 1 79  ? 4.519   -1.606  -10.837 1.00 58.25  ? 79  TYR A CZ    1 
ATOM   555  O  OH    . TYR A 1 79  ? 4.891   -1.023  -9.662  1.00 67.95  ? 79  TYR A OH    1 
ATOM   556  N  N     . TYR A 1 80  ? 1.638   -5.799  -14.330 1.00 43.71  ? 80  TYR A N     1 
ATOM   557  C  CA    . TYR A 1 80  ? 0.636   -6.503  -13.545 1.00 42.91  ? 80  TYR A CA    1 
ATOM   558  C  C     . TYR A 1 80  ? 0.664   -8.014  -13.586 1.00 48.81  ? 80  TYR A C     1 
ATOM   559  O  O     . TYR A 1 80  ? 0.164   -8.546  -12.557 1.00 48.19  ? 80  TYR A O     1 
ATOM   560  C  CB    . TYR A 1 80  ? -0.778  -6.085  -13.961 1.00 41.22  ? 80  TYR A CB    1 
ATOM   561  C  CG    . TYR A 1 80  ? -1.078  -4.611  -13.879 1.00 44.97  ? 80  TYR A CG    1 
ATOM   562  C  CD1   . TYR A 1 80  ? -1.146  -3.984  -12.634 1.00 45.31  ? 80  TYR A CD1   1 
ATOM   563  C  CD2   . TYR A 1 80  ? -1.399  -3.852  -14.984 1.00 44.96  ? 80  TYR A CD2   1 
ATOM   564  C  CE1   . TYR A 1 80  ? -1.466  -2.649  -12.531 1.00 44.22  ? 80  TYR A CE1   1 
ATOM   565  C  CE2   . TYR A 1 80  ? -1.673  -2.498  -14.877 1.00 47.26  ? 80  TYR A CE2   1 
ATOM   566  C  CZ    . TYR A 1 80  ? -1.703  -1.899  -13.632 1.00 46.32  ? 80  TYR A CZ    1 
ATOM   567  O  OH    . TYR A 1 80  ? -1.998  -0.563  -13.479 1.00 48.66  ? 80  TYR A OH    1 
ATOM   568  N  N     . ILE A 1 81  ? 1.036   -8.684  -14.704 1.00 46.72  ? 81  ILE A N     1 
ATOM   569  C  CA    . ILE A 1 81  ? 0.849   -10.128 -14.718 1.00 44.43  ? 81  ILE A CA    1 
ATOM   570  C  C     . ILE A 1 81  ? 1.513   -10.785 -13.512 1.00 46.45  ? 81  ILE A C     1 
ATOM   571  O  O     . ILE A 1 81  ? 2.619   -10.428 -13.056 1.00 42.32  ? 81  ILE A O     1 
ATOM   572  C  CB    . ILE A 1 81  ? 1.415   -10.926 -15.922 1.00 50.67  ? 81  ILE A CB    1 
ATOM   573  C  CG1   . ILE A 1 81  ? 2.630   -10.177 -16.478 1.00 51.65  ? 81  ILE A CG1   1 
ATOM   574  C  CG2   . ILE A 1 81  ? 0.462   -11.420 -16.976 1.00 49.80  ? 81  ILE A CG2   1 
ATOM   575  C  CD1   . ILE A 1 81  ? 3.849   -10.965 -16.008 1.00 61.75  ? 81  ILE A CD1   1 
ATOM   576  N  N     . GLN A 1 82  ? 0.944   -11.929 -13.159 1.00 46.39  ? 82  GLN A N     1 
ATOM   577  C  CA    . GLN A 1 82  ? 1.478   -12.703 -12.035 1.00 48.59  ? 82  GLN A CA    1 
ATOM   578  C  C     . GLN A 1 82  ? 1.412   -11.980 -10.703 1.00 47.26  ? 82  GLN A C     1 
ATOM   579  O  O     . GLN A 1 82  ? 1.867   -12.545 -9.695  1.00 46.37  ? 82  GLN A O     1 
ATOM   580  C  CB    . GLN A 1 82  ? 2.877   -13.220 -12.409 1.00 49.17  ? 82  GLN A CB    1 
ATOM   581  C  CG    . GLN A 1 82  ? 2.742   -14.234 -13.562 1.00 56.17  ? 82  GLN A CG    1 
ATOM   582  C  CD    . GLN A 1 82  ? 4.040   -14.911 -13.971 1.00 52.44  ? 82  GLN A CD    1 
ATOM   583  N  NE2   . GLN A 1 82  ? 5.015   -14.087 -14.375 1.00 53.80  ? 82  GLN A NE2   1 
ATOM   584  N  N     . ALA A 1 83  ? 0.849   -10.769 -10.594 1.00 47.54  ? 83  ALA A N     1 
ATOM   585  C  CA    . ALA A 1 83  ? 0.751   -10.200 -9.227  1.00 47.70  ? 83  ALA A CA    1 
ATOM   586  C  C     . ALA A 1 83  ? -0.152  -11.121 -8.391  1.00 49.13  ? 83  ALA A C     1 
ATOM   587  O  O     . ALA A 1 83  ? -1.229  -11.490 -8.863  1.00 44.15  ? 83  ALA A O     1 
ATOM   588  C  CB    . ALA A 1 83  ? 0.072   -8.849  -9.203  1.00 43.24  ? 83  ALA A CB    1 
ATOM   589  N  N     . GLN A 1 84  ? 0.242   -11.361 -7.151  1.00 51.33  ? 84  GLN A N     1 
ATOM   590  C  CA    . GLN A 1 84  ? -0.580  -12.130 -6.227  1.00 48.39  ? 84  GLN A CA    1 
ATOM   591  C  C     . GLN A 1 84  ? -1.277  -11.252 -5.199  1.00 49.81  ? 84  GLN A C     1 
ATOM   592  O  O     . GLN A 1 84  ? -2.065  -11.784 -4.416  1.00 48.76  ? 84  GLN A O     1 
ATOM   593  C  CB    . GLN A 1 84  ? 0.307   -13.128 -5.489  1.00 53.10  ? 84  GLN A CB    1 
ATOM   594  C  CG    . GLN A 1 84  ? 0.594   -14.287 -6.465  1.00 57.16  ? 84  GLN A CG    1 
ATOM   595  C  CD    . GLN A 1 84  ? 1.992   -14.799 -6.171  1.00 58.33  ? 84  GLN A CD    1 
ATOM   596  O  OE1   . GLN A 1 84  ? 2.903   -13.986 -6.214  1.00 52.49  ? 84  GLN A OE1   1 
ATOM   597  N  NE2   . GLN A 1 84  ? 2.056   -16.091 -5.875  1.00 62.00  ? 84  GLN A NE2   1 
ATOM   598  N  N     . CYS A 1 85  ? -1.035  -9.944  -5.287  1.00 46.61  ? 85  CYS A N     1 
ATOM   599  C  CA    . CYS A 1 85  ? -1.576  -8.959  -4.374  1.00 42.66  ? 85  CYS A CA    1 
ATOM   600  C  C     . CYS A 1 85  ? -1.119  -7.563  -4.810  1.00 41.98  ? 85  CYS A C     1 
ATOM   601  O  O     . CYS A 1 85  ? -0.285  -7.414  -5.692  1.00 40.00  ? 85  CYS A O     1 
ATOM   602  C  CB    . CYS A 1 85  ? -1.213  -9.132  -2.907  1.00 39.76  ? 85  CYS A CB    1 
ATOM   603  S  SG    . CYS A 1 85  ? 0.537   -9.155  -2.487  1.00 36.93  ? 85  CYS A SG    1 
ATOM   604  N  N     . ALA A 1 86  ? -1.727  -6.576  -4.169  1.00 41.17  ? 86  ALA A N     1 
ATOM   605  C  CA    . ALA A 1 86  ? -1.494  -5.202  -4.521  1.00 38.29  ? 86  ALA A CA    1 
ATOM   606  C  C     . ALA A 1 86  ? -1.890  -4.168  -3.469  1.00 38.39  ? 86  ALA A C     1 
ATOM   607  O  O     . ALA A 1 86  ? -2.769  -4.383  -2.639  1.00 40.31  ? 86  ALA A O     1 
ATOM   608  C  CB    . ALA A 1 86  ? -2.309  -4.820  -5.752  1.00 30.54  ? 86  ALA A CB    1 
ATOM   609  N  N     . ILE A 1 87  ? -1.219  -3.032  -3.614  1.00 35.73  ? 87  ILE A N     1 
ATOM   610  C  CA    . ILE A 1 87  ? -1.547  -1.823  -2.913  1.00 37.89  ? 87  ILE A CA    1 
ATOM   611  C  C     . ILE A 1 87  ? -1.797  -0.705  -3.940  1.00 39.13  ? 87  ILE A C     1 
ATOM   612  O  O     . ILE A 1 87  ? -1.017  -0.482  -4.854  1.00 41.73  ? 87  ILE A O     1 
ATOM   613  C  CB    . ILE A 1 87  ? -0.493  -1.406  -1.880  1.00 37.99  ? 87  ILE A CB    1 
ATOM   614  C  CG1   . ILE A 1 87  ? -0.293  -2.574  -0.896  1.00 37.34  ? 87  ILE A CG1   1 
ATOM   615  C  CG2   . ILE A 1 87  ? -0.971  -0.137  -1.200  1.00 35.39  ? 87  ILE A CG2   1 
ATOM   616  C  CD1   . ILE A 1 87  ? 0.866   -2.387  0.024   1.00 30.42  ? 87  ILE A CD1   1 
ATOM   617  N  N     . ILE A 1 88  ? -2.951  -0.099  -3.878  1.00 35.81  ? 88  ILE A N     1 
ATOM   618  C  CA    . ILE A 1 88  ? -3.351  1.054   -4.635  1.00 37.21  ? 88  ILE A CA    1 
ATOM   619  C  C     . ILE A 1 88  ? -3.231  2.232   -3.645  1.00 37.84  ? 88  ILE A C     1 
ATOM   620  O  O     . ILE A 1 88  ? -3.893  2.167   -2.621  1.00 36.02  ? 88  ILE A O     1 
ATOM   621  C  CB    . ILE A 1 88  ? -4.830  1.037   -5.087  1.00 38.67  ? 88  ILE A CB    1 
ATOM   622  C  CG1   . ILE A 1 88  ? -5.121  -0.274  -5.792  1.00 34.43  ? 88  ILE A CG1   1 
ATOM   623  C  CG2   . ILE A 1 88  ? -5.047  2.311   -5.906  1.00 34.15  ? 88  ILE A CG2   1 
ATOM   624  C  CD1   . ILE A 1 88  ? -6.559  -0.489  -6.152  1.00 33.05  ? 88  ILE A CD1   1 
ATOM   625  N  N     . MET A 1 89  ? -2.493  3.243   -4.031  1.00 41.32  ? 89  MET A N     1 
ATOM   626  C  CA    . MET A 1 89  ? -2.192  4.387   -3.220  1.00 40.82  ? 89  MET A CA    1 
ATOM   627  C  C     . MET A 1 89  ? -2.775  5.663   -3.827  1.00 41.82  ? 89  MET A C     1 
ATOM   628  O  O     . MET A 1 89  ? -2.714  5.810   -5.037  1.00 41.65  ? 89  MET A O     1 
ATOM   629  C  CB    . MET A 1 89  ? -0.655  4.651   -3.162  1.00 31.58  ? 89  MET A CB    1 
ATOM   630  C  CG    . MET A 1 89  ? -0.362  5.450   -1.885  1.00 46.03  ? 89  MET A CG    1 
ATOM   631  S  SD    . MET A 1 89  ? 1.252   5.203   -1.132  1.00 51.32  ? 89  MET A SD    1 
ATOM   632  C  CE    . MET A 1 89  ? 1.341   3.433   -0.997  1.00 47.66  ? 89  MET A CE    1 
ATOM   633  N  N     . PHE A 1 90  ? -3.179  6.558   -2.950  1.00 42.07  ? 90  PHE A N     1 
ATOM   634  C  CA    . PHE A 1 90  ? -3.627  7.886   -3.287  1.00 39.60  ? 90  PHE A CA    1 
ATOM   635  C  C     . PHE A 1 90  ? -3.057  8.814   -2.189  1.00 41.70  ? 90  PHE A C     1 
ATOM   636  O  O     . PHE A 1 90  ? -2.558  8.343   -1.169  1.00 42.94  ? 90  PHE A O     1 
ATOM   637  C  CB    . PHE A 1 90  ? -5.130  8.062   -3.440  1.00 32.10  ? 90  PHE A CB    1 
ATOM   638  C  CG    . PHE A 1 90  ? -5.957  7.870   -2.201  1.00 38.89  ? 90  PHE A CG    1 
ATOM   639  C  CD1   . PHE A 1 90  ? -6.444  6.620   -1.842  1.00 34.44  ? 90  PHE A CD1   1 
ATOM   640  C  CD2   . PHE A 1 90  ? -6.331  8.979   -1.427  1.00 38.39  ? 90  PHE A CD2   1 
ATOM   641  C  CE1   . PHE A 1 90  ? -7.245  6.453   -0.716  1.00 36.32  ? 90  PHE A CE1   1 
ATOM   642  C  CE2   . PHE A 1 90  ? -7.137  8.823   -0.309  1.00 39.89  ? 90  PHE A CE2   1 
ATOM   643  C  CZ    . PHE A 1 90  ? -7.596  7.559   0.063   1.00 39.96  ? 90  PHE A CZ    1 
ATOM   644  N  N     . ASP A 1 91  ? -3.224  10.093  -2.384  1.00 38.65  ? 91  ASP A N     1 
ATOM   645  C  CA    . ASP A 1 91  ? -2.724  11.147  -1.520  1.00 40.19  ? 91  ASP A CA    1 
ATOM   646  C  C     . ASP A 1 91  ? -3.902  11.891  -0.897  1.00 41.59  ? 91  ASP A C     1 
ATOM   647  O  O     . ASP A 1 91  ? -4.781  12.475  -1.536  1.00 44.92  ? 91  ASP A O     1 
ATOM   648  C  CB    . ASP A 1 91  ? -1.842  12.072  -2.345  1.00 36.11  ? 91  ASP A CB    1 
ATOM   649  C  CG    . ASP A 1 91  ? -1.218  13.259  -1.714  1.00 36.67  ? 91  ASP A CG    1 
ATOM   650  O  OD1   . ASP A 1 91  ? -1.498  13.654  -0.566  1.00 41.11  ? 91  ASP A OD1   1 
ATOM   651  O  OD2   . ASP A 1 91  ? -0.340  13.839  -2.395  1.00 40.52  ? 91  ASP A OD2   1 
ATOM   652  N  N     . VAL A 1 92  ? -3.867  11.861  0.409   1.00 38.46  ? 92  VAL A N     1 
ATOM   653  C  CA    . VAL A 1 92  ? -5.007  12.404  1.192   1.00 44.51  ? 92  VAL A CA    1 
ATOM   654  C  C     . VAL A 1 92  ? -5.034  13.896  1.029   1.00 46.83  ? 92  VAL A C     1 
ATOM   655  O  O     . VAL A 1 92  ? -6.010  14.549  1.410   1.00 47.31  ? 92  VAL A O     1 
ATOM   656  C  CB    . VAL A 1 92  ? -4.744  11.832  2.584   1.00 46.73  ? 92  VAL A CB    1 
ATOM   657  C  CG1   . VAL A 1 92  ? -4.349  12.801  3.636   1.00 40.91  ? 92  VAL A CG1   1 
ATOM   658  C  CG2   . VAL A 1 92  ? -5.774  10.785  2.944   1.00 52.45  ? 92  VAL A CG2   1 
ATOM   659  N  N     . THR A 1 93  ? -3.949  14.448  0.449   1.00 47.31  ? 93  THR A N     1 
ATOM   660  C  CA    . THR A 1 93  ? -3.949  15.887  0.197   1.00 48.66  ? 93  THR A CA    1 
ATOM   661  C  C     . THR A 1 93  ? -4.390  16.163  -1.239  1.00 50.92  ? 93  THR A C     1 
ATOM   662  O  O     . THR A 1 93  ? -4.484  17.343  -1.601  1.00 56.40  ? 93  THR A O     1 
ATOM   663  C  CB    . THR A 1 93  ? -2.635  16.617  0.503   1.00 47.42  ? 93  THR A CB    1 
ATOM   664  O  OG1   . THR A 1 93  ? -1.670  16.198  -0.439  1.00 44.01  ? 93  THR A OG1   1 
ATOM   665  C  CG2   . THR A 1 93  ? -2.128  16.275  1.898   1.00 45.54  ? 93  THR A CG2   1 
ATOM   666  N  N     . SER A 1 94  ? -4.767  15.128  -2.001  1.00 46.31  ? 94  SER A N     1 
ATOM   667  C  CA    . SER A 1 94  ? -5.287  15.376  -3.334  1.00 44.93  ? 94  SER A CA    1 
ATOM   668  C  C     . SER A 1 94  ? -6.496  14.541  -3.733  1.00 43.97  ? 94  SER A C     1 
ATOM   669  O  O     . SER A 1 94  ? -6.447  13.323  -3.925  1.00 44.90  ? 94  SER A O     1 
ATOM   670  C  CB    . SER A 1 94  ? -4.165  15.235  -4.359  1.00 47.95  ? 94  SER A CB    1 
ATOM   671  O  OG    . SER A 1 94  ? -4.680  15.421  -5.666  1.00 47.78  ? 94  SER A OG    1 
ATOM   672  N  N     . ARG A 1 95  ? -7.633  15.212  -3.864  1.00 40.89  ? 95  ARG A N     1 
ATOM   673  C  CA    . ARG A 1 95  ? -8.886  14.610  -4.255  1.00 46.94  ? 95  ARG A CA    1 
ATOM   674  C  C     . ARG A 1 95  ? -8.798  13.872  -5.583  1.00 48.53  ? 95  ARG A C     1 
ATOM   675  O  O     . ARG A 1 95  ? -9.270  12.737  -5.701  1.00 49.08  ? 95  ARG A O     1 
ATOM   676  C  CB    . ARG A 1 95  ? -10.001 15.659  -4.273  1.00 48.17  ? 95  ARG A CB    1 
ATOM   677  C  CG    . ARG A 1 95  ? -10.251 16.258  -2.888  1.00 56.42  ? 95  ARG A CG    1 
ATOM   678  C  CD    . ARG A 1 95  ? -10.988 17.594  -3.027  1.00 67.78  ? 95  ARG A CD    1 
ATOM   679  N  NE    . ARG A 1 95  ? -10.775 18.451  -1.880  1.00 72.93  ? 95  ARG A NE    1 
ATOM   680  C  CZ    . ARG A 1 95  ? -11.122 19.700  -1.675  1.00 77.30  ? 95  ARG A CZ    1 
ATOM   681  N  NH1   . ARG A 1 95  ? -11.797 20.379  -2.590  1.00 82.63  ? 95  ARG A NH1   1 
ATOM   682  N  NH2   . ARG A 1 95  ? -10.810 20.311  -0.538  1.00 78.85  ? 95  ARG A NH2   1 
ATOM   683  N  N     . VAL A 1 96  ? -8.084  14.445  -6.553  1.00 45.62  ? 96  VAL A N     1 
ATOM   684  C  CA    . VAL A 1 96  ? -7.895  13.794  -7.838  1.00 43.11  ? 96  VAL A CA    1 
ATOM   685  C  C     . VAL A 1 96  ? -7.267  12.427  -7.674  1.00 38.38  ? 96  VAL A C     1 
ATOM   686  O  O     . VAL A 1 96  ? -7.723  11.468  -8.307  1.00 37.08  ? 96  VAL A O     1 
ATOM   687  C  CB    . VAL A 1 96  ? -7.097  14.749  -8.771  1.00 43.19  ? 96  VAL A CB    1 
ATOM   688  C  CG1   . VAL A 1 96  ? -6.711  14.065  -10.086 1.00 47.45  ? 96  VAL A CG1   1 
ATOM   689  C  CG2   . VAL A 1 96  ? -8.178  15.803  -9.179  1.00 39.83  ? 96  VAL A CG2   1 
ATOM   690  N  N     . THR A 1 97  ? -6.274  12.328  -6.781  1.00 38.60  ? 97  THR A N     1 
ATOM   691  C  CA    . THR A 1 97  ? -5.577  11.044  -6.676  1.00 38.00  ? 97  THR A CA    1 
ATOM   692  C  C     . THR A 1 97  ? -6.540  9.987   -6.170  1.00 37.74  ? 97  THR A C     1 
ATOM   693  O  O     . THR A 1 97  ? -6.562  8.870   -6.701  1.00 35.16  ? 97  THR A O     1 
ATOM   694  C  CB    . THR A 1 97  ? -4.269  11.021  -5.909  1.00 38.59  ? 97  THR A CB    1 
ATOM   695  O  OG1   . THR A 1 97  ? -4.509  11.264  -4.519  1.00 33.42  ? 97  THR A OG1   1 
ATOM   696  C  CG2   . THR A 1 97  ? -3.355  12.149  -6.474  1.00 33.53  ? 97  THR A CG2   1 
ATOM   697  N  N     . TYR A 1 98  ? -7.437  10.445  -5.309  1.00 39.64  ? 98  TYR A N     1 
ATOM   698  C  CA    . TYR A 1 98  ? -8.453  9.491   -4.835  1.00 43.45  ? 98  TYR A CA    1 
ATOM   699  C  C     . TYR A 1 98  ? -9.429  9.227   -5.987  1.00 44.12  ? 98  TYR A C     1 
ATOM   700  O  O     . TYR A 1 98  ? -9.861  8.092   -6.246  1.00 40.17  ? 98  TYR A O     1 
ATOM   701  C  CB    . TYR A 1 98  ? -9.120  10.010  -3.534  1.00 39.83  ? 98  TYR A CB    1 
ATOM   702  C  CG    . TYR A 1 98  ? -10.354 9.165   -3.248  1.00 39.90  ? 98  TYR A CG    1 
ATOM   703  C  CD1   . TYR A 1 98  ? -10.168 7.838   -2.866  1.00 44.54  ? 98  TYR A CD1   1 
ATOM   704  C  CD2   . TYR A 1 98  ? -11.633 9.632   -3.466  1.00 37.90  ? 98  TYR A CD2   1 
ATOM   705  C  CE1   . TYR A 1 98  ? -11.256 7.012   -2.661  1.00 45.70  ? 98  TYR A CE1   1 
ATOM   706  C  CE2   . TYR A 1 98  ? -12.712 8.815   -3.196  1.00 43.18  ? 98  TYR A CE2   1 
ATOM   707  C  CZ    . TYR A 1 98  ? -12.526 7.501   -2.846  1.00 43.35  ? 98  TYR A CZ    1 
ATOM   708  O  OH    . TYR A 1 98  ? -13.575 6.647   -2.639  1.00 48.62  ? 98  TYR A OH    1 
ATOM   709  N  N     . LYS A 1 99  ? -9.802  10.318  -6.651  1.00 43.04  ? 99  LYS A N     1 
ATOM   710  C  CA    . LYS A 1 99  ? -10.739 10.187  -7.780  1.00 51.30  ? 99  LYS A CA    1 
ATOM   711  C  C     . LYS A 1 99  ? -10.182 9.211   -8.818  1.00 50.56  ? 99  LYS A C     1 
ATOM   712  O  O     . LYS A 1 99  ? -10.974 8.481   -9.418  1.00 50.52  ? 99  LYS A O     1 
ATOM   713  C  CB    . LYS A 1 99  ? -10.995 11.567  -8.350  1.00 59.36  ? 99  LYS A CB    1 
ATOM   714  C  CG    . LYS A 1 99  ? -12.226 11.806  -9.184  1.00 68.47  ? 99  LYS A CG    1 
ATOM   715  C  CD    . LYS A 1 99  ? -12.408 13.299  -9.447  1.00 79.74  ? 99  LYS A CD    1 
ATOM   716  C  CE    . LYS A 1 99  ? -11.593 13.836  -10.607 1.00 83.18  ? 99  LYS A CE    1 
ATOM   717  N  NZ    . LYS A 1 99  ? -11.386 15.326  -10.552 1.00 86.57  ? 99  LYS A NZ    1 
ATOM   718  N  N     . ASN A 1 100 ? -8.859  9.038   -8.922  1.00 44.00  ? 100 ASN A N     1 
ATOM   719  C  CA    . ASN A 1 100 ? -8.269  8.110   -9.869  1.00 39.01  ? 100 ASN A CA    1 
ATOM   720  C  C     . ASN A 1 100 ? -8.117  6.681   -9.385  1.00 38.61  ? 100 ASN A C     1 
ATOM   721  O  O     . ASN A 1 100 ? -7.769  5.777   -10.164 1.00 38.49  ? 100 ASN A O     1 
ATOM   722  C  CB    . ASN A 1 100 ? -6.873  8.605   -10.324 1.00 45.21  ? 100 ASN A CB    1 
ATOM   723  C  CG    . ASN A 1 100 ? -7.012  9.757   -11.299 1.00 49.85  ? 100 ASN A CG    1 
ATOM   724  O  OD1   . ASN A 1 100 ? -8.005  9.823   -12.053 1.00 57.42  ? 100 ASN A OD1   1 
ATOM   725  N  ND2   . ASN A 1 100 ? -6.072  10.682  -11.319 1.00 40.56  ? 100 ASN A ND2   1 
ATOM   726  N  N     . VAL A 1 101 ? -8.461  6.401   -8.143  1.00 36.60  ? 101 VAL A N     1 
ATOM   727  C  CA    . VAL A 1 101 ? -8.411  5.043   -7.613  1.00 42.38  ? 101 VAL A CA    1 
ATOM   728  C  C     . VAL A 1 101 ? -9.166  4.040   -8.453  1.00 43.76  ? 101 VAL A C     1 
ATOM   729  O  O     . VAL A 1 101 ? -8.635  2.953   -8.794  1.00 41.59  ? 101 VAL A O     1 
ATOM   730  C  CB    . VAL A 1 101 ? -8.799  5.052   -6.111  1.00 44.79  ? 101 VAL A CB    1 
ATOM   731  C  CG1   . VAL A 1 101 ? -9.102  3.681   -5.577  1.00 41.56  ? 101 VAL A CG1   1 
ATOM   732  C  CG2   . VAL A 1 101 ? -7.624  5.644   -5.305  1.00 35.95  ? 101 VAL A CG2   1 
ATOM   733  N  N     . PRO A 1 102 ? -10.446 4.286   -8.733  1.00 44.24  ? 102 PRO A N     1 
ATOM   734  C  CA    . PRO A 1 102 ? -11.238 3.371   -9.544  1.00 44.34  ? 102 PRO A CA    1 
ATOM   735  C  C     . PRO A 1 102 ? -10.557 2.999   -10.850 1.00 44.76  ? 102 PRO A C     1 
ATOM   736  O  O     . PRO A 1 102 ? -10.510 1.818   -11.238 1.00 45.40  ? 102 PRO A O     1 
ATOM   737  C  CB    . PRO A 1 102 ? -12.534 4.153   -9.807  1.00 49.15  ? 102 PRO A CB    1 
ATOM   738  C  CG    . PRO A 1 102 ? -12.572 5.222   -8.779  1.00 45.40  ? 102 PRO A CG    1 
ATOM   739  C  CD    . PRO A 1 102 ? -11.194 5.470   -8.287  1.00 39.42  ? 102 PRO A CD    1 
ATOM   740  N  N     . ASN A 1 103 ? -9.900  3.948   -11.512 1.00 47.92  ? 103 ASN A N     1 
ATOM   741  C  CA    . ASN A 1 103 ? -9.147  3.647   -12.739 1.00 54.10  ? 103 ASN A CA    1 
ATOM   742  C  C     . ASN A 1 103 ? -7.943  2.719   -12.531 1.00 52.67  ? 103 ASN A C     1 
ATOM   743  O  O     . ASN A 1 103 ? -7.599  1.896   -13.401 1.00 48.96  ? 103 ASN A O     1 
ATOM   744  C  CB    . ASN A 1 103 ? -8.656  4.938   -13.391 1.00 60.27  ? 103 ASN A CB    1 
ATOM   745  C  CG    . ASN A 1 103 ? -9.702  5.942   -13.785 1.00 71.49  ? 103 ASN A CG    1 
ATOM   746  O  OD1   . ASN A 1 103 ? -9.462  7.151   -13.767 1.00 79.50  ? 103 ASN A OD1   1 
ATOM   747  N  ND2   . ASN A 1 103 ? -10.885 5.523   -14.209 1.00 79.03  ? 103 ASN A ND2   1 
ATOM   748  N  N     . TRP A 1 104 ? -7.259  2.839   -11.389 1.00 49.48  ? 104 TRP A N     1 
ATOM   749  C  CA    . TRP A 1 104 ? -6.100  1.971   -11.137 1.00 46.26  ? 104 TRP A CA    1 
ATOM   750  C  C     . TRP A 1 104 ? -6.578  0.569   -10.825 1.00 44.01  ? 104 TRP A C     1 
ATOM   751  O  O     . TRP A 1 104 ? -6.045  -0.440  -11.278 1.00 43.46  ? 104 TRP A O     1 
ATOM   752  C  CB    . TRP A 1 104 ? -5.190  2.508   -10.026 1.00 42.41  ? 104 TRP A CB    1 
ATOM   753  C  CG    . TRP A 1 104 ? -4.367  3.693   -10.427 1.00 37.13  ? 104 TRP A CG    1 
ATOM   754  C  CD1   . TRP A 1 104 ? -4.471  4.965   -9.983  1.00 41.54  ? 104 TRP A CD1   1 
ATOM   755  C  CD2   . TRP A 1 104 ? -3.289  3.690   -11.376 1.00 40.80  ? 104 TRP A CD2   1 
ATOM   756  N  NE1   . TRP A 1 104 ? -3.531  5.752   -10.616 1.00 46.59  ? 104 TRP A NE1   1 
ATOM   757  C  CE2   . TRP A 1 104 ? -2.824  5.001   -11.499 1.00 40.27  ? 104 TRP A CE2   1 
ATOM   758  C  CE3   . TRP A 1 104 ? -2.718  2.686   -12.189 1.00 40.98  ? 104 TRP A CE3   1 
ATOM   759  C  CZ2   . TRP A 1 104 ? -1.785  5.336   -12.363 1.00 46.35  ? 104 TRP A CZ2   1 
ATOM   760  C  CZ3   . TRP A 1 104 ? -1.711  3.023   -13.052 1.00 44.29  ? 104 TRP A CZ3   1 
ATOM   761  C  CH2   . TRP A 1 104 ? -1.254  4.342   -13.153 1.00 45.97  ? 104 TRP A CH2   1 
ATOM   762  N  N     . HIS A 1 105 ? -7.604  0.467   -9.999  1.00 48.57  ? 105 HIS A N     1 
ATOM   763  C  CA    . HIS A 1 105 ? -8.191  -0.837  -9.681  1.00 49.58  ? 105 HIS A CA    1 
ATOM   764  C  C     . HIS A 1 105 ? -8.675  -1.545  -10.957 1.00 51.13  ? 105 HIS A C     1 
ATOM   765  O  O     . HIS A 1 105 ? -8.526  -2.766  -11.047 1.00 49.01  ? 105 HIS A O     1 
ATOM   766  C  CB    . HIS A 1 105 ? -9.424  -0.649  -8.782  1.00 47.21  ? 105 HIS A CB    1 
ATOM   767  C  CG    . HIS A 1 105 ? -10.032 -1.925  -8.322  1.00 45.83  ? 105 HIS A CG    1 
ATOM   768  N  ND1   . HIS A 1 105 ? -11.183 -2.418  -8.858  1.00 48.76  ? 105 HIS A ND1   1 
ATOM   769  C  CD2   . HIS A 1 105 ? -9.606  -2.830  -7.399  1.00 46.61  ? 105 HIS A CD2   1 
ATOM   770  C  CE1   . HIS A 1 105 ? -11.482 -3.560  -8.251  1.00 50.66  ? 105 HIS A CE1   1 
ATOM   771  N  NE2   . HIS A 1 105 ? -10.542 -3.838  -7.373  1.00 52.52  ? 105 HIS A NE2   1 
ATOM   772  N  N     . ARG A 1 106 ? -9.341  -0.804  -11.834 1.00 47.61  ? 106 ARG A N     1 
ATOM   773  C  CA    . ARG A 1 106 ? -9.819  -1.352  -13.105 1.00 51.72  ? 106 ARG A CA    1 
ATOM   774  C  C     . ARG A 1 106 ? -8.681  -1.854  -13.988 1.00 53.48  ? 106 ARG A C     1 
ATOM   775  O  O     . ARG A 1 106 ? -8.721  -2.986  -14.492 1.00 53.21  ? 106 ARG A O     1 
ATOM   776  C  CB    . ARG A 1 106 ? -10.716 -0.334  -13.804 1.00 54.26  ? 106 ARG A CB    1 
ATOM   777  C  CG    . ARG A 1 106 ? -11.138 -0.613  -15.223 1.00 67.72  ? 106 ARG A CG    1 
ATOM   778  C  CD    . ARG A 1 106 ? -10.226 0.082   -16.248 1.00 72.34  ? 106 ARG A CD    1 
ATOM   779  N  N     . ASP A 1 107 ? -7.623  -1.061  -14.192 1.00 54.11  ? 107 ASP A N     1 
ATOM   780  C  CA    . ASP A 1 107 ? -6.482  -1.550  -14.929 1.00 56.78  ? 107 ASP A CA    1 
ATOM   781  C  C     . ASP A 1 107 ? -5.879  -2.810  -14.318 1.00 55.87  ? 107 ASP A C     1 
ATOM   782  O  O     . ASP A 1 107 ? -5.464  -3.689  -15.078 1.00 54.75  ? 107 ASP A O     1 
ATOM   783  C  CB    . ASP A 1 107 ? -5.376  -0.489  -15.049 1.00 67.61  ? 107 ASP A CB    1 
ATOM   784  C  CG    . ASP A 1 107 ? -5.616  0.391   -16.257 1.00 76.52  ? 107 ASP A CG    1 
ATOM   785  O  OD1   . ASP A 1 107 ? -6.246  -0.060  -17.239 1.00 84.99  ? 107 ASP A OD1   1 
ATOM   786  O  OD2   . ASP A 1 107 ? -5.205  1.568   -16.246 1.00 84.96  ? 107 ASP A OD2   1 
ATOM   787  N  N     . LEU A 1 108 ? -5.824  -2.900  -12.987 1.00 53.55  ? 108 LEU A N     1 
ATOM   788  C  CA    . LEU A 1 108 ? -5.195  -4.049  -12.322 1.00 54.29  ? 108 LEU A CA    1 
ATOM   789  C  C     . LEU A 1 108 ? -5.993  -5.346  -12.457 1.00 52.68  ? 108 LEU A C     1 
ATOM   790  O  O     . LEU A 1 108 ? -5.486  -6.415  -12.771 1.00 50.25  ? 108 LEU A O     1 
ATOM   791  C  CB    . LEU A 1 108 ? -4.967  -3.676  -10.843 1.00 52.03  ? 108 LEU A CB    1 
ATOM   792  C  CG    . LEU A 1 108 ? -4.634  -4.762  -9.828  1.00 49.25  ? 108 LEU A CG    1 
ATOM   793  C  CD1   . LEU A 1 108 ? -3.192  -5.218  -9.929  1.00 40.11  ? 108 LEU A CD1   1 
ATOM   794  C  CD2   . LEU A 1 108 ? -4.892  -4.293  -8.402  1.00 51.79  ? 108 LEU A CD2   1 
ATOM   795  N  N     . VAL A 1 109 ? -7.255  -5.348  -12.079 1.00 53.24  ? 109 VAL A N     1 
ATOM   796  C  CA    . VAL A 1 109 ? -8.139  -6.505  -12.117 1.00 56.77  ? 109 VAL A CA    1 
ATOM   797  C  C     . VAL A 1 109 ? -8.402  -6.938  -13.551 1.00 58.63  ? 109 VAL A C     1 
ATOM   798  O  O     . VAL A 1 109 ? -8.648  -8.116  -13.821 1.00 58.15  ? 109 VAL A O     1 
ATOM   799  C  CB    . VAL A 1 109 ? -9.384  -6.112  -11.322 1.00 55.13  ? 109 VAL A CB    1 
ATOM   800  C  CG1   . VAL A 1 109 ? -10.560 -7.009  -11.543 1.00 57.34  ? 109 VAL A CG1   1 
ATOM   801  C  CG2   . VAL A 1 109 ? -8.940  -6.055  -9.857  1.00 51.49  ? 109 VAL A CG2   1 
ATOM   802  N  N     . ARG A 1 110 ? -8.131  -6.036  -14.498 1.00 60.37  ? 110 ARG A N     1 
ATOM   803  C  CA    . ARG A 1 110 ? -8.262  -6.425  -15.907 1.00 65.27  ? 110 ARG A CA    1 
ATOM   804  C  C     . ARG A 1 110 ? -7.320  -7.592  -16.189 1.00 64.52  ? 110 ARG A C     1 
ATOM   805  O  O     . ARG A 1 110 ? -7.684  -8.660  -16.668 1.00 68.98  ? 110 ARG A O     1 
ATOM   806  C  CB    . ARG A 1 110 ? -7.948  -5.236  -16.803 1.00 70.99  ? 110 ARG A CB    1 
ATOM   807  C  CG    . ARG A 1 110 ? -8.591  -5.302  -18.175 1.00 78.23  ? 110 ARG A CG    1 
ATOM   808  C  CD    . ARG A 1 110 ? -7.920  -4.277  -19.095 1.00 85.92  ? 110 ARG A CD    1 
ATOM   809  N  N     . VAL A 1 111 ? -6.093  -7.447  -15.733 1.00 60.19  ? 111 VAL A N     1 
ATOM   810  C  CA    . VAL A 1 111 ? -5.055  -8.454  -15.884 1.00 57.02  ? 111 VAL A CA    1 
ATOM   811  C  C     . VAL A 1 111 ? -5.120  -9.500  -14.792 1.00 57.49  ? 111 VAL A C     1 
ATOM   812  O  O     . VAL A 1 111 ? -4.839  -10.688 -14.906 1.00 56.16  ? 111 VAL A O     1 
ATOM   813  C  CB    . VAL A 1 111 ? -3.689  -7.734  -15.767 1.00 53.24  ? 111 VAL A CB    1 
ATOM   814  C  CG1   . VAL A 1 111 ? -2.583  -8.700  -16.142 1.00 57.31  ? 111 VAL A CG1   1 
ATOM   815  C  CG2   . VAL A 1 111 ? -3.662  -6.516  -16.687 1.00 50.77  ? 111 VAL A CG2   1 
ATOM   816  N  N     . CYS A 1 112 ? -5.495  -9.030  -13.604 1.00 59.25  ? 112 CYS A N     1 
ATOM   817  C  CA    . CYS A 1 112 ? -5.411  -9.953  -12.447 1.00 63.48  ? 112 CYS A CA    1 
ATOM   818  C  C     . CYS A 1 112 ? -6.674  -9.874  -11.628 1.00 64.96  ? 112 CYS A C     1 
ATOM   819  O  O     . CYS A 1 112 ? -6.845  -9.036  -10.740 1.00 64.83  ? 112 CYS A O     1 
ATOM   820  C  CB    . CYS A 1 112 ? -4.101  -9.549  -11.783 1.00 65.86  ? 112 CYS A CB    1 
ATOM   821  S  SG    . CYS A 1 112 ? -2.678  -10.552 -12.191 1.00 73.19  ? 112 CYS A SG    1 
ATOM   822  N  N     . GLU A 1 113 ? -7.622  -10.738 -12.010 1.00 66.39  ? 113 GLU A N     1 
ATOM   823  C  CA    . GLU A 1 113 ? -8.961  -10.675 -11.494 1.00 73.63  ? 113 GLU A CA    1 
ATOM   824  C  C     . GLU A 1 113 ? -9.213  -10.864 -10.011 1.00 77.03  ? 113 GLU A C     1 
ATOM   825  O  O     . GLU A 1 113 ? -10.022 -10.106 -9.437  1.00 79.62  ? 113 GLU A O     1 
ATOM   826  C  CB    . GLU A 1 113 ? -9.859  -11.686 -12.237 1.00 76.99  ? 113 GLU A CB    1 
ATOM   827  C  CG    . GLU A 1 113 ? -11.254 -11.115 -12.430 1.00 86.82  ? 113 GLU A CG    1 
ATOM   828  C  CD    . GLU A 1 113 ? -12.209 -12.021 -13.179 1.00 93.86  ? 113 GLU A CD    1 
ATOM   829  O  OE1   . GLU A 1 113 ? -11.721 -13.020 -13.762 1.00 97.58  ? 113 GLU A OE1   1 
ATOM   830  O  OE2   . GLU A 1 113 ? -13.434 -11.744 -13.172 1.00 93.46  ? 113 GLU A OE2   1 
ATOM   831  N  N     . ASN A 1 114 ? -8.597  -11.874 -9.400  1.00 76.40  ? 114 ASN A N     1 
ATOM   832  C  CA    . ASN A 1 114 ? -8.988  -12.197 -8.023  1.00 77.30  ? 114 ASN A CA    1 
ATOM   833  C  C     . ASN A 1 114 ? -7.825  -12.131 -7.046  1.00 70.96  ? 114 ASN A C     1 
ATOM   834  O  O     . ASN A 1 114 ? -7.336  -13.107 -6.492  1.00 70.45  ? 114 ASN A O     1 
ATOM   835  C  CB    . ASN A 1 114 ? -9.622  -13.593 -8.026  1.00 87.22  ? 114 ASN A CB    1 
ATOM   836  C  CG    . ASN A 1 114 ? -10.401 -13.975 -9.264  1.00 93.09  ? 114 ASN A CG    1 
ATOM   837  O  OD1   . ASN A 1 114 ? -11.383 -13.351 -9.669  1.00 95.60  ? 114 ASN A OD1   1 
ATOM   838  N  ND2   . ASN A 1 114 ? -9.947  -15.046 -9.919  1.00 100.30 ? 114 ASN A ND2   1 
ATOM   839  N  N     . ILE A 1 115 ? -7.300  -10.947 -6.882  1.00 65.16  ? 115 ILE A N     1 
ATOM   840  C  CA    . ILE A 1 115 ? -6.173  -10.573 -6.051  1.00 61.86  ? 115 ILE A CA    1 
ATOM   841  C  C     . ILE A 1 115 ? -6.732  -9.897  -4.786  1.00 53.33  ? 115 ILE A C     1 
ATOM   842  O  O     . ILE A 1 115 ? -7.560  -8.970  -4.825  1.00 52.67  ? 115 ILE A O     1 
ATOM   843  C  CB    . ILE A 1 115 ? -5.372  -9.520  -6.894  1.00 70.51  ? 115 ILE A CB    1 
ATOM   844  C  CG1   . ILE A 1 115 ? -4.395  -10.159 -7.867  1.00 75.63  ? 115 ILE A CG1   1 
ATOM   845  C  CG2   . ILE A 1 115 ? -4.690  -8.431  -6.084  1.00 75.99  ? 115 ILE A CG2   1 
ATOM   846  C  CD1   . ILE A 1 115 ? -3.351  -9.238  -8.505  1.00 79.09  ? 115 ILE A CD1   1 
ATOM   847  N  N     . PRO A 1 116 ? -6.089  -10.152 -3.670  1.00 44.53  ? 116 PRO A N     1 
ATOM   848  C  CA    . PRO A 1 116 ? -6.296  -9.355  -2.471  1.00 44.28  ? 116 PRO A CA    1 
ATOM   849  C  C     . PRO A 1 116 ? -5.655  -7.962  -2.646  1.00 41.85  ? 116 PRO A C     1 
ATOM   850  O  O     . PRO A 1 116 ? -4.504  -7.843  -3.091  1.00 32.69  ? 116 PRO A O     1 
ATOM   851  C  CB    . PRO A 1 116 ? -5.628  -10.174 -1.398  1.00 38.76  ? 116 PRO A CB    1 
ATOM   852  C  CG    . PRO A 1 116 ? -4.686  -11.080 -2.060  1.00 45.57  ? 116 PRO A CG    1 
ATOM   853  C  CD    . PRO A 1 116 ? -5.047  -11.174 -3.506  1.00 48.21  ? 116 PRO A CD    1 
ATOM   854  N  N     . ILE A 1 117 ? -6.402  -6.908  -2.369  1.00 38.66  ? 117 ILE A N     1 
ATOM   855  C  CA    . ILE A 1 117 ? -5.923  -5.549  -2.548  1.00 42.21  ? 117 ILE A CA    1 
ATOM   856  C  C     . ILE A 1 117 ? -6.203  -4.682  -1.318  1.00 45.03  ? 117 ILE A C     1 
ATOM   857  O  O     . ILE A 1 117 ? -7.291  -4.737  -0.762  1.00 46.37  ? 117 ILE A O     1 
ATOM   858  C  CB    . ILE A 1 117 ? -6.637  -4.884  -3.746  1.00 43.74  ? 117 ILE A CB    1 
ATOM   859  C  CG1   . ILE A 1 117 ? -6.494  -5.771  -4.976  1.00 42.16  ? 117 ILE A CG1   1 
ATOM   860  C  CG2   . ILE A 1 117 ? -6.014  -3.520  -4.048  1.00 49.20  ? 117 ILE A CG2   1 
ATOM   861  C  CD1   . ILE A 1 117 ? -7.355  -5.471  -6.176  1.00 45.71  ? 117 ILE A CD1   1 
ATOM   862  N  N     . VAL A 1 118 ? -5.256  -3.860  -0.907  1.00 41.45  ? 118 VAL A N     1 
ATOM   863  C  CA    . VAL A 1 118 ? -5.393  -2.867  0.123   1.00 39.51  ? 118 VAL A CA    1 
ATOM   864  C  C     . VAL A 1 118 ? -5.342  -1.488  -0.533  1.00 39.52  ? 118 VAL A C     1 
ATOM   865  O  O     . VAL A 1 118 ? -4.596  -1.206  -1.465  1.00 45.05  ? 118 VAL A O     1 
ATOM   866  C  CB    . VAL A 1 118 ? -4.232  -2.872  1.144   1.00 43.12  ? 118 VAL A CB    1 
ATOM   867  C  CG1   . VAL A 1 118 ? -4.465  -1.926  2.336   1.00 38.44  ? 118 VAL A CG1   1 
ATOM   868  C  CG2   . VAL A 1 118 ? -3.956  -4.261  1.662   1.00 46.12  ? 118 VAL A CG2   1 
ATOM   869  N  N     . LEU A 1 119 ? -6.151  -0.583  -0.057  1.00 41.05  ? 119 LEU A N     1 
ATOM   870  C  CA    . LEU A 1 119 ? -6.172  0.784   -0.536  1.00 39.66  ? 119 LEU A CA    1 
ATOM   871  C  C     . LEU A 1 119 ? -5.538  1.594   0.593   1.00 41.09  ? 119 LEU A C     1 
ATOM   872  O  O     . LEU A 1 119 ? -5.905  1.310   1.723   1.00 40.80  ? 119 LEU A O     1 
ATOM   873  C  CB    . LEU A 1 119 ? -7.613  1.207   -0.773  1.00 37.63  ? 119 LEU A CB    1 
ATOM   874  C  CG    . LEU A 1 119 ? -7.834  2.638   -1.229  1.00 39.10  ? 119 LEU A CG    1 
ATOM   875  C  CD1   . LEU A 1 119 ? -7.370  2.815   -2.685  1.00 37.17  ? 119 LEU A CD1   1 
ATOM   876  C  CD2   . LEU A 1 119 ? -9.316  2.967   -1.082  1.00 37.45  ? 119 LEU A CD2   1 
ATOM   877  N  N     . CYS A 1 120 ? -4.624  2.484   0.277   1.00 36.09  ? 120 CYS A N     1 
ATOM   878  C  CA    . CYS A 1 120 ? -3.976  3.296   1.262   1.00 38.36  ? 120 CYS A CA    1 
ATOM   879  C  C     . CYS A 1 120 ? -4.060  4.775   0.904   1.00 34.31  ? 120 CYS A C     1 
ATOM   880  O  O     . CYS A 1 120 ? -3.555  5.164   -0.145  1.00 35.51  ? 120 CYS A O     1 
ATOM   881  C  CB    . CYS A 1 120 ? -2.466  2.928   1.403   1.00 36.30  ? 120 CYS A CB    1 
ATOM   882  S  SG    . CYS A 1 120 ? -2.235  1.236   1.960   1.00 41.04  ? 120 CYS A SG    1 
ATOM   883  N  N     . GLY A 1 121 ? -4.537  5.578   1.854   1.00 37.70  ? 121 GLY A N     1 
ATOM   884  C  CA    . GLY A 1 121 ? -4.549  7.025   1.757   1.00 30.80  ? 121 GLY A CA    1 
ATOM   885  C  C     . GLY A 1 121 ? -3.280  7.494   2.513   1.00 37.44  ? 121 GLY A C     1 
ATOM   886  O  O     . GLY A 1 121 ? -3.229  7.304   3.736   1.00 39.14  ? 121 GLY A O     1 
ATOM   887  N  N     . ASN A 1 122 ? -2.299  8.000   1.772   1.00 33.72  ? 122 ASN A N     1 
ATOM   888  C  CA    . ASN A 1 122 ? -0.984  8.393   2.240   1.00 38.57  ? 122 ASN A CA    1 
ATOM   889  C  C     . ASN A 1 122 ? -0.914  9.877   2.576   1.00 39.03  ? 122 ASN A C     1 
ATOM   890  O  O     . ASN A 1 122 ? -1.786  10.673  2.264   1.00 39.94  ? 122 ASN A O     1 
ATOM   891  C  CB    . ASN A 1 122 ? 0.077   7.992   1.209   1.00 34.85  ? 122 ASN A CB    1 
ATOM   892  C  CG    . ASN A 1 122 ? 1.521   8.106   1.714   1.00 46.76  ? 122 ASN A CG    1 
ATOM   893  O  OD1   . ASN A 1 122 ? 1.759   7.916   2.926   1.00 38.25  ? 122 ASN A OD1   1 
ATOM   894  N  ND2   . ASN A 1 122 ? 2.499   8.504   0.884   1.00 41.66  ? 122 ASN A ND2   1 
ATOM   895  N  N     . LYS A 1 123 ? 0.078   10.299  3.329   1.00 43.62  ? 123 LYS A N     1 
ATOM   896  C  CA    . LYS A 1 123 ? 0.441   11.618  3.747   1.00 42.61  ? 123 LYS A CA    1 
ATOM   897  C  C     . LYS A 1 123 ? -0.517  12.164  4.802   1.00 40.37  ? 123 LYS A C     1 
ATOM   898  O  O     . LYS A 1 123 ? -0.676  13.372  4.900   1.00 42.51  ? 123 LYS A O     1 
ATOM   899  C  CB    . LYS A 1 123 ? 0.614   12.581  2.595   1.00 37.18  ? 123 LYS A CB    1 
ATOM   900  C  CG    . LYS A 1 123 ? 1.404   12.042  1.422   1.00 41.87  ? 123 LYS A CG    1 
ATOM   901  C  CD    . LYS A 1 123 ? 1.684   13.195  0.417   1.00 39.46  ? 123 LYS A CD    1 
ATOM   902  C  CE    . LYS A 1 123 ? 2.279   12.558  -0.831  1.00 42.40  ? 123 LYS A CE    1 
ATOM   903  N  NZ    . LYS A 1 123 ? 2.285   13.469  -1.996  1.00 40.11  ? 123 LYS A NZ    1 
ATOM   904  N  N     . VAL A 1 124 ? -1.061  11.287  5.634   1.00 38.91  ? 124 VAL A N     1 
ATOM   905  C  CA    . VAL A 1 124 ? -1.896  11.690  6.755   1.00 39.48  ? 124 VAL A CA    1 
ATOM   906  C  C     . VAL A 1 124 ? -1.134  12.479  7.816   1.00 40.05  ? 124 VAL A C     1 
ATOM   907  O  O     . VAL A 1 124 ? -1.755  13.030  8.738   1.00 43.44  ? 124 VAL A O     1 
ATOM   908  C  CB    . VAL A 1 124 ? -2.691  10.507  7.355   1.00 38.88  ? 124 VAL A CB    1 
ATOM   909  C  CG1   . VAL A 1 124 ? -3.545  9.881   6.263   1.00 38.72  ? 124 VAL A CG1   1 
ATOM   910  C  CG2   . VAL A 1 124 ? -1.815  9.423   7.978   1.00 33.22  ? 124 VAL A CG2   1 
ATOM   911  N  N     . ASP A 1 125 ? 0.190   12.609  7.723   1.00 41.46  ? 125 ASP A N     1 
ATOM   912  C  CA    . ASP A 1 125 ? 0.949   13.463  8.628   1.00 42.11  ? 125 ASP A CA    1 
ATOM   913  C  C     . ASP A 1 125 ? 0.632   14.940  8.331   1.00 45.80  ? 125 ASP A C     1 
ATOM   914  O  O     . ASP A 1 125 ? 0.825   15.830  9.184   1.00 45.24  ? 125 ASP A O     1 
ATOM   915  C  CB    . ASP A 1 125 ? 2.448   13.224  8.524   1.00 41.62  ? 125 ASP A CB    1 
ATOM   916  C  CG    . ASP A 1 125 ? 2.964   13.340  7.092   1.00 44.76  ? 125 ASP A CG    1 
ATOM   917  O  OD1   . ASP A 1 125 ? 2.796   12.360  6.329   1.00 39.91  ? 125 ASP A OD1   1 
ATOM   918  O  OD2   . ASP A 1 125 ? 3.583   14.371  6.754   1.00 43.59  ? 125 ASP A OD2   1 
ATOM   919  N  N     . ILE A 1 126 ? 0.131   15.212  7.128   1.00 43.33  ? 126 ILE A N     1 
ATOM   920  C  CA    . ILE A 1 126 ? -0.120  16.614  6.733   1.00 43.86  ? 126 ILE A CA    1 
ATOM   921  C  C     . ILE A 1 126 ? -1.376  17.113  7.407   1.00 43.86  ? 126 ILE A C     1 
ATOM   922  O  O     . ILE A 1 126 ? -2.437  16.489  7.314   1.00 44.22  ? 126 ILE A O     1 
ATOM   923  C  CB    . ILE A 1 126 ? -0.104  16.800  5.213   1.00 44.15  ? 126 ILE A CB    1 
ATOM   924  C  CG1   . ILE A 1 126 ? 1.274   16.380  4.665   1.00 40.84  ? 126 ILE A CG1   1 
ATOM   925  C  CG2   . ILE A 1 126 ? -0.425  18.218  4.776   1.00 46.30  ? 126 ILE A CG2   1 
ATOM   926  C  CD1   . ILE A 1 126 ? 1.294   16.234  3.149   1.00 49.47  ? 126 ILE A CD1   1 
ATOM   927  N  N     . LYS A 1 127 ? -1.259  18.221  8.141   1.00 46.03  ? 127 LYS A N     1 
ATOM   928  C  CA    . LYS A 1 127 ? -2.410  18.724  8.881   1.00 51.78  ? 127 LYS A CA    1 
ATOM   929  C  C     . LYS A 1 127 ? -3.602  18.980  7.973   1.00 54.49  ? 127 LYS A C     1 
ATOM   930  O  O     . LYS A 1 127 ? -4.742  18.595  8.244   1.00 57.84  ? 127 LYS A O     1 
ATOM   931  C  CB    . LYS A 1 127 ? -2.063  19.981  9.672   1.00 53.19  ? 127 LYS A CB    1 
ATOM   932  C  CG    . LYS A 1 127 ? -1.058  19.734  10.792  1.00 56.28  ? 127 LYS A CG    1 
ATOM   933  N  N     . ASP A 1 128 ? -3.357  19.711  6.899   1.00 54.70  ? 128 ASP A N     1 
ATOM   934  C  CA    . ASP A 1 128 ? -4.423  20.016  5.951   1.00 57.75  ? 128 ASP A CA    1 
ATOM   935  C  C     . ASP A 1 128 ? -4.844  18.845  5.069   1.00 57.05  ? 128 ASP A C     1 
ATOM   936  O  O     . ASP A 1 128 ? -4.532  18.792  3.892   1.00 53.80  ? 128 ASP A O     1 
ATOM   937  C  CB    . ASP A 1 128 ? -3.976  21.215  5.122   1.00 60.17  ? 128 ASP A CB    1 
ATOM   938  C  CG    . ASP A 1 128 ? -5.081  21.850  4.313   1.00 57.47  ? 128 ASP A CG    1 
ATOM   939  O  OD1   . ASP A 1 128 ? -6.252  21.624  4.658   1.00 63.51  ? 128 ASP A OD1   1 
ATOM   940  O  OD2   . ASP A 1 128 ? -4.733  22.527  3.332   1.00 60.53  ? 128 ASP A OD2   1 
ATOM   941  N  N     . ARG A 1 129 ? -5.672  17.941  5.595   1.00 58.07  ? 129 ARG A N     1 
ATOM   942  C  CA    . ARG A 1 129 ? -6.228  16.773  4.918   1.00 53.47  ? 129 ARG A CA    1 
ATOM   943  C  C     . ARG A 1 129 ? -7.436  17.089  4.050   1.00 51.70  ? 129 ARG A C     1 
ATOM   944  O  O     . ARG A 1 129 ? -8.424  17.635  4.549   1.00 50.87  ? 129 ARG A O     1 
ATOM   945  C  CB    . ARG A 1 129 ? -6.685  15.726  5.963   1.00 48.96  ? 129 ARG A CB    1 
ATOM   946  C  CG    . ARG A 1 129 ? -7.022  14.395  5.323   1.00 47.20  ? 129 ARG A CG    1 
ATOM   947  C  CD    . ARG A 1 129 ? -7.392  13.326  6.327   1.00 46.44  ? 129 ARG A CD    1 
ATOM   948  N  NE    . ARG A 1 129 ? -7.739  12.068  5.685   1.00 45.05  ? 129 ARG A NE    1 
ATOM   949  C  CZ    . ARG A 1 129 ? -7.471  10.859  6.172   1.00 43.91  ? 129 ARG A CZ    1 
ATOM   950  N  NH1   . ARG A 1 129 ? -6.863  10.716  7.351   1.00 37.14  ? 129 ARG A NH1   1 
ATOM   951  N  NH2   . ARG A 1 129 ? -7.804  9.783   5.470   1.00 40.98  ? 129 ARG A NH2   1 
ATOM   952  N  N     . LYS A 1 130 ? -7.361  16.689  2.776   1.00 53.33  ? 130 LYS A N     1 
ATOM   953  C  CA    . LYS A 1 130 ? -8.420  16.954  1.825   1.00 47.37  ? 130 LYS A CA    1 
ATOM   954  C  C     . LYS A 1 130 ? -9.379  15.794  1.630   1.00 50.90  ? 130 LYS A C     1 
ATOM   955  O  O     . LYS A 1 130 ? -10.544 16.052  1.323   1.00 53.05  ? 130 LYS A O     1 
ATOM   956  C  CB    . LYS A 1 130 ? -7.876  17.365  0.457   1.00 56.78  ? 130 LYS A CB    1 
ATOM   957  C  CG    . LYS A 1 130 ? -7.094  18.663  0.357   1.00 51.57  ? 130 LYS A CG    1 
ATOM   958  C  CD    . LYS A 1 130 ? -7.805  19.819  1.036   1.00 50.59  ? 130 LYS A CD    1 
ATOM   959  C  CE    . LYS A 1 130 ? -7.301  21.157  0.528   1.00 59.84  ? 130 LYS A CE    1 
ATOM   960  N  NZ    . LYS A 1 130 ? -6.064  21.545  1.237   1.00 60.01  ? 130 LYS A NZ    1 
ATOM   961  N  N     . VAL A 1 131 ? -8.892  14.562  1.698   1.00 49.74  ? 131 VAL A N     1 
ATOM   962  C  CA    . VAL A 1 131 ? -9.740  13.394  1.496   1.00 45.83  ? 131 VAL A CA    1 
ATOM   963  C  C     . VAL A 1 131 ? -9.942  12.712  2.845   1.00 45.33  ? 131 VAL A C     1 
ATOM   964  O  O     . VAL A 1 131 ? -9.074  11.959  3.290   1.00 47.32  ? 131 VAL A O     1 
ATOM   965  C  CB    . VAL A 1 131 ? -9.111  12.428  0.485   1.00 43.20  ? 131 VAL A CB    1 
ATOM   966  C  CG1   . VAL A 1 131 ? -10.020 11.248  0.190   1.00 33.67  ? 131 VAL A CG1   1 
ATOM   967  C  CG2   . VAL A 1 131 ? -8.645  13.138  -0.767  1.00 42.12  ? 131 VAL A CG2   1 
ATOM   968  N  N     . LYS A 1 132 ? -11.004 13.029  3.561   1.00 48.21  ? 132 LYS A N     1 
ATOM   969  C  CA    . LYS A 1 132 ? -11.297 12.443  4.857   1.00 48.66  ? 132 LYS A CA    1 
ATOM   970  C  C     . LYS A 1 132 ? -12.100 11.143  4.769   1.00 46.29  ? 132 LYS A C     1 
ATOM   971  O  O     . LYS A 1 132 ? -12.735 10.888  3.750   1.00 48.64  ? 132 LYS A O     1 
ATOM   972  C  CB    . LYS A 1 132 ? -12.093 13.337  5.793   1.00 51.75  ? 132 LYS A CB    1 
ATOM   973  C  CG    . LYS A 1 132 ? -11.250 14.190  6.724   1.00 58.24  ? 132 LYS A CG    1 
ATOM   974  C  CD    . LYS A 1 132 ? -11.122 15.619  6.260   1.00 61.08  ? 132 LYS A CD    1 
ATOM   975  C  CE    . LYS A 1 132 ? -12.358 16.426  6.610   1.00 65.31  ? 132 LYS A CE    1 
ATOM   976  N  NZ    . LYS A 1 132 ? -11.988 17.785  7.120   1.00 70.11  ? 132 LYS A NZ    1 
ATOM   977  N  N     . ALA A 1 133 ? -12.051 10.406  5.877   1.00 41.31  ? 133 ALA A N     1 
ATOM   978  C  CA    . ALA A 1 133 ? -12.695 9.134   6.036   1.00 40.97  ? 133 ALA A CA    1 
ATOM   979  C  C     . ALA A 1 133 ? -14.086 8.998   5.432   1.00 45.00  ? 133 ALA A C     1 
ATOM   980  O  O     . ALA A 1 133 ? -14.494 7.961   4.860   1.00 46.72  ? 133 ALA A O     1 
ATOM   981  C  CB    . ALA A 1 133 ? -12.745 8.779   7.527   1.00 33.72  ? 133 ALA A CB    1 
ATOM   982  N  N     . LYS A 1 134 ? -14.891 10.022  5.592   1.00 50.17  ? 134 LYS A N     1 
ATOM   983  C  CA    . LYS A 1 134 ? -16.274 9.987   5.128   1.00 60.20  ? 134 LYS A CA    1 
ATOM   984  C  C     . LYS A 1 134 ? -16.332 9.863   3.610   1.00 60.09  ? 134 LYS A C     1 
ATOM   985  O  O     . LYS A 1 134 ? -17.321 9.334   3.096   1.00 64.36  ? 134 LYS A O     1 
ATOM   986  C  CB    . LYS A 1 134 ? -17.090 11.221  5.540   1.00 59.83  ? 134 LYS A CB    1 
ATOM   987  N  N     . SER A 1 135 ? -15.319 10.388  2.940   1.00 57.75  ? 135 SER A N     1 
ATOM   988  C  CA    . SER A 1 135 ? -15.359 10.349  1.479   1.00 57.75  ? 135 SER A CA    1 
ATOM   989  C  C     . SER A 1 135 ? -14.715 9.092   0.918   1.00 55.78  ? 135 SER A C     1 
ATOM   990  O  O     . SER A 1 135 ? -14.653 8.913   -0.297  1.00 58.71  ? 135 SER A O     1 
ATOM   991  C  CB    . SER A 1 135 ? -14.631 11.574  0.912   1.00 53.33  ? 135 SER A CB    1 
ATOM   992  O  OG    . SER A 1 135 ? -15.030 12.726  1.619   1.00 59.02  ? 135 SER A OG    1 
ATOM   993  N  N     . ILE A 1 136 ? -14.111 8.289   1.779   1.00 56.01  ? 136 ILE A N     1 
ATOM   994  C  CA    . ILE A 1 136 ? -13.401 7.099   1.269   1.00 52.79  ? 136 ILE A CA    1 
ATOM   995  C  C     . ILE A 1 136 ? -14.373 5.940   1.172   1.00 50.04  ? 136 ILE A C     1 
ATOM   996  O  O     . ILE A 1 136 ? -14.541 5.197   2.142   1.00 49.65  ? 136 ILE A O     1 
ATOM   997  C  CB    . ILE A 1 136 ? -12.154 6.804   2.107   1.00 43.69  ? 136 ILE A CB    1 
ATOM   998  C  CG1   . ILE A 1 136 ? -11.307 8.098   2.134   1.00 48.59  ? 136 ILE A CG1   1 
ATOM   999  C  CG2   . ILE A 1 136 ? -11.384 5.613   1.597   1.00 41.29  ? 136 ILE A CG2   1 
ATOM   1000 C  CD1   . ILE A 1 136 ? -10.075 8.066   3.024   1.00 37.96  ? 136 ILE A CD1   1 
ATOM   1001 N  N     . VAL A 1 137 ? -14.977 5.770   -0.017  1.00 48.33  ? 137 VAL A N     1 
ATOM   1002 C  CA    . VAL A 1 137 ? -15.931 4.665   -0.158  1.00 51.75  ? 137 VAL A CA    1 
ATOM   1003 C  C     . VAL A 1 137 ? -15.488 3.574   -1.113  1.00 53.20  ? 137 VAL A C     1 
ATOM   1004 O  O     . VAL A 1 137 ? -15.930 2.434   -0.946  1.00 52.98  ? 137 VAL A O     1 
ATOM   1005 C  CB    . VAL A 1 137 ? -17.312 5.203   -0.569  1.00 57.10  ? 137 VAL A CB    1 
ATOM   1006 C  CG1   . VAL A 1 137 ? -17.881 6.129   0.495   1.00 60.17  ? 137 VAL A CG1   1 
ATOM   1007 C  CG2   . VAL A 1 137 ? -17.233 5.963   -1.892  1.00 57.63  ? 137 VAL A CG2   1 
ATOM   1008 N  N     . PHE A 1 138 ? -14.622 3.877   -2.089  1.00 53.33  ? 138 PHE A N     1 
ATOM   1009 C  CA    . PHE A 1 138 ? -14.252 2.894   -3.100  1.00 49.18  ? 138 PHE A CA    1 
ATOM   1010 C  C     . PHE A 1 138 ? -14.090 1.486   -2.563  1.00 48.54  ? 138 PHE A C     1 
ATOM   1011 O  O     . PHE A 1 138 ? -14.491 0.486   -3.179  1.00 46.98  ? 138 PHE A O     1 
ATOM   1012 C  CB    . PHE A 1 138 ? -12.972 3.321   -3.887  1.00 43.11  ? 138 PHE A CB    1 
ATOM   1013 C  CG    . PHE A 1 138 ? -12.712 2.372   -5.038  1.00 42.55  ? 138 PHE A CG    1 
ATOM   1014 C  CD1   . PHE A 1 138 ? -13.503 2.393   -6.172  1.00 35.01  ? 138 PHE A CD1   1 
ATOM   1015 C  CD2   . PHE A 1 138 ? -11.744 1.381   -4.948  1.00 43.58  ? 138 PHE A CD2   1 
ATOM   1016 C  CE1   . PHE A 1 138 ? -13.300 1.495   -7.187  1.00 39.47  ? 138 PHE A CE1   1 
ATOM   1017 C  CE2   . PHE A 1 138 ? -11.545 0.473   -5.959  1.00 43.68  ? 138 PHE A CE2   1 
ATOM   1018 C  CZ    . PHE A 1 138 ? -12.340 0.510   -7.092  1.00 46.77  ? 138 PHE A CZ    1 
ATOM   1019 N  N     . HIS A 1 139 ? -13.310 1.310   -1.502  1.00 50.20  ? 139 HIS A N     1 
ATOM   1020 C  CA    . HIS A 1 139 ? -13.024 -0.060  -1.061  1.00 51.66  ? 139 HIS A CA    1 
ATOM   1021 C  C     . HIS A 1 139 ? -14.222 -0.894  -0.619  1.00 50.68  ? 139 HIS A C     1 
ATOM   1022 O  O     . HIS A 1 139 ? -14.048 -2.123  -0.631  1.00 46.30  ? 139 HIS A O     1 
ATOM   1023 C  CB    . HIS A 1 139 ? -11.996 -0.058  0.066   1.00 48.27  ? 139 HIS A CB    1 
ATOM   1024 C  CG    . HIS A 1 139 ? -12.550 0.618   1.288   1.00 44.58  ? 139 HIS A CG    1 
ATOM   1025 N  ND1   . HIS A 1 139 ? -12.883 1.952   1.319   1.00 44.71  ? 139 HIS A ND1   1 
ATOM   1026 C  CD2   . HIS A 1 139 ? -12.793 0.111   2.519   1.00 46.77  ? 139 HIS A CD2   1 
ATOM   1027 C  CE1   . HIS A 1 139 ? -13.325 2.253   2.519   1.00 48.19  ? 139 HIS A CE1   1 
ATOM   1028 N  NE2   . HIS A 1 139 ? -13.278 1.168   3.258   1.00 47.40  ? 139 HIS A NE2   1 
ATOM   1029 N  N     . ARG A 1 140 ? -15.314 -0.309  -0.175  1.00 55.46  ? 140 ARG A N     1 
ATOM   1030 C  CA    . ARG A 1 140 ? -16.433 -1.083  0.368   1.00 66.44  ? 140 ARG A CA    1 
ATOM   1031 C  C     . ARG A 1 140 ? -17.055 -2.145  -0.529  1.00 66.53  ? 140 ARG A C     1 
ATOM   1032 O  O     . ARG A 1 140 ? -17.152 -3.311  -0.152  1.00 65.46  ? 140 ARG A O     1 
ATOM   1033 C  CB    . ARG A 1 140 ? -17.532 -0.117  0.874   1.00 66.97  ? 140 ARG A CB    1 
ATOM   1034 C  CG    . ARG A 1 140 ? -16.952 0.729   2.011   1.00 73.17  ? 140 ARG A CG    1 
ATOM   1035 C  CD    . ARG A 1 140 ? -17.963 1.649   2.668   1.00 74.73  ? 140 ARG A CD    1 
ATOM   1036 N  NE    . ARG A 1 140 ? -17.270 2.755   3.322   1.00 82.72  ? 140 ARG A NE    1 
ATOM   1037 C  CZ    . ARG A 1 140 ? -17.778 3.947   3.610   1.00 82.25  ? 140 ARG A CZ    1 
ATOM   1038 N  NH1   . ARG A 1 140 ? -19.028 4.261   3.306   1.00 81.60  ? 140 ARG A NH1   1 
ATOM   1039 N  NH2   . ARG A 1 140 ? -17.007 4.834   4.223   1.00 83.95  ? 140 ARG A NH2   1 
ATOM   1040 N  N     . LYS A 1 141 ? -17.567 -1.744  -1.676  1.00 71.47  ? 141 LYS A N     1 
ATOM   1041 C  CA    . LYS A 1 141 ? -18.234 -2.605  -2.631  1.00 76.96  ? 141 LYS A CA    1 
ATOM   1042 C  C     . LYS A 1 141 ? -17.251 -3.528  -3.349  1.00 77.89  ? 141 LYS A C     1 
ATOM   1043 O  O     . LYS A 1 141 ? -17.681 -4.373  -4.129  1.00 76.72  ? 141 LYS A O     1 
ATOM   1044 C  CB    . LYS A 1 141 ? -18.856 -1.736  -3.763  1.00 80.13  ? 141 LYS A CB    1 
ATOM   1045 N  N     . LYS A 1 142 ? -15.964 -3.222  -3.198  1.00 76.33  ? 142 LYS A N     1 
ATOM   1046 C  CA    . LYS A 1 142 ? -14.991 -4.015  -3.947  1.00 78.15  ? 142 LYS A CA    1 
ATOM   1047 C  C     . LYS A 1 142 ? -14.331 -5.036  -3.028  1.00 76.28  ? 142 LYS A C     1 
ATOM   1048 O  O     . LYS A 1 142 ? -13.543 -5.863  -3.499  1.00 77.60  ? 142 LYS A O     1 
ATOM   1049 C  CB    . LYS A 1 142 ? -13.960 -3.120  -4.622  1.00 82.86  ? 142 LYS A CB    1 
ATOM   1050 C  CG    . LYS A 1 142 ? -14.526 -2.051  -5.538  1.00 83.72  ? 142 LYS A CG    1 
ATOM   1051 C  CD    . LYS A 1 142 ? -15.059 -2.651  -6.830  1.00 85.63  ? 142 LYS A CD    1 
ATOM   1052 C  CE    . LYS A 1 142 ? -15.744 -1.558  -7.648  1.00 87.36  ? 142 LYS A CE    1 
ATOM   1053 N  NZ    . LYS A 1 142 ? -15.723 -1.924  -9.102  1.00 89.58  ? 142 LYS A NZ    1 
ATOM   1054 N  N     . ASN A 1 143 ? -14.690 -5.007  -1.744  1.00 72.31  ? 143 ASN A N     1 
ATOM   1055 C  CA    . ASN A 1 143 ? -14.072 -5.940  -0.818  1.00 73.83  ? 143 ASN A CA    1 
ATOM   1056 C  C     . ASN A 1 143 ? -12.573 -5.734  -0.649  1.00 72.41  ? 143 ASN A C     1 
ATOM   1057 O  O     . ASN A 1 143 ? -11.727 -6.632  -0.704  1.00 69.71  ? 143 ASN A O     1 
ATOM   1058 C  CB    . ASN A 1 143 ? -14.390 -7.386  -1.246  1.00 80.49  ? 143 ASN A CB    1 
ATOM   1059 C  CG    . ASN A 1 143 ? -15.558 -7.811  -0.355  1.00 88.76  ? 143 ASN A CG    1 
ATOM   1060 O  OD1   . ASN A 1 143 ? -15.311 -8.333  0.730   1.00 91.25  ? 143 ASN A OD1   1 
ATOM   1061 N  ND2   . ASN A 1 143 ? -16.766 -7.516  -0.819  1.00 92.41  ? 143 ASN A ND2   1 
ATOM   1062 N  N     . LEU A 1 144 ? -12.197 -4.465  -0.457  1.00 67.49  ? 144 LEU A N     1 
ATOM   1063 C  CA    . LEU A 1 144 ? -10.798 -4.163  -0.211  1.00 61.87  ? 144 LEU A CA    1 
ATOM   1064 C  C     . LEU A 1 144 ? -10.663 -3.681  1.242   1.00 57.26  ? 144 LEU A C     1 
ATOM   1065 O  O     . LEU A 1 144 ? -11.616 -3.072  1.764   1.00 52.67  ? 144 LEU A O     1 
ATOM   1066 C  CB    . LEU A 1 144 ? -10.294 -3.112  -1.190  1.00 64.01  ? 144 LEU A CB    1 
ATOM   1067 C  CG    . LEU A 1 144 ? -10.671 -3.194  -2.667  1.00 67.00  ? 144 LEU A CG    1 
ATOM   1068 C  CD1   . LEU A 1 144 ? -9.860  -2.166  -3.458  1.00 66.17  ? 144 LEU A CD1   1 
ATOM   1069 C  CD2   . LEU A 1 144 ? -10.492 -4.576  -3.268  1.00 65.23  ? 144 LEU A CD2   1 
ATOM   1070 N  N     . GLN A 1 145 ? -9.461  -3.863  1.820   1.00 49.13  ? 145 GLN A N     1 
ATOM   1071 C  CA    . GLN A 1 145 ? -9.256  -3.256  3.122   1.00 45.02  ? 145 GLN A CA    1 
ATOM   1072 C  C     . GLN A 1 145 ? -8.763  -1.830  2.844   1.00 43.14  ? 145 GLN A C     1 
ATOM   1073 O  O     . GLN A 1 145 ? -7.979  -1.742  1.904   1.00 44.65  ? 145 GLN A O     1 
ATOM   1074 C  CB    . GLN A 1 145 ? -8.197  -3.871  4.031   1.00 50.44  ? 145 GLN A CB    1 
ATOM   1075 C  CG    . GLN A 1 145 ? -8.779  -4.408  5.307   1.00 64.36  ? 145 GLN A CG    1 
ATOM   1076 C  CD    . GLN A 1 145 ? -8.988  -3.411  6.392   1.00 66.14  ? 145 GLN A CD    1 
ATOM   1077 O  OE1   . GLN A 1 145 ? -9.367  -2.282  6.119   1.00 77.12  ? 145 GLN A OE1   1 
ATOM   1078 N  NE2   . GLN A 1 145 ? -8.778  -3.848  7.617   1.00 76.65  ? 145 GLN A NE2   1 
ATOM   1079 N  N     . TYR A 1 146 ? -9.037  -0.917  3.741   1.00 39.37  ? 146 TYR A N     1 
ATOM   1080 C  CA    . TYR A 1 146 ? -8.502  0.427   3.697   1.00 38.82  ? 146 TYR A CA    1 
ATOM   1081 C  C     . TYR A 1 146 ? -7.617  0.657   4.924   1.00 40.59  ? 146 TYR A C     1 
ATOM   1082 O  O     . TYR A 1 146 ? -8.031  0.245   6.005   1.00 44.24  ? 146 TYR A O     1 
ATOM   1083 C  CB    . TYR A 1 146 ? -9.625  1.493   3.611   1.00 36.80  ? 146 TYR A CB    1 
ATOM   1084 C  CG    . TYR A 1 146 ? -9.021  2.893   3.641   1.00 38.89  ? 146 TYR A CG    1 
ATOM   1085 C  CD1   . TYR A 1 146 ? -8.358  3.365   2.514   1.00 38.69  ? 146 TYR A CD1   1 
ATOM   1086 C  CD2   . TYR A 1 146 ? -8.965  3.641   4.817   1.00 35.37  ? 146 TYR A CD2   1 
ATOM   1087 C  CE1   . TYR A 1 146 ? -7.710  4.591   2.530   1.00 39.37  ? 146 TYR A CE1   1 
ATOM   1088 C  CE2   . TYR A 1 146 ? -8.304  4.855   4.844   1.00 34.98  ? 146 TYR A CE2   1 
ATOM   1089 C  CZ    . TYR A 1 146 ? -7.694  5.325   3.694   1.00 38.04  ? 146 TYR A CZ    1 
ATOM   1090 O  OH    . TYR A 1 146 ? -7.024  6.501   3.699   1.00 40.99  ? 146 TYR A OH    1 
ATOM   1091 N  N     . TYR A 1 147 ? -6.549  1.444   4.833   1.00 39.66  ? 147 TYR A N     1 
ATOM   1092 C  CA    . TYR A 1 147 ? -5.778  2.010   5.904   1.00 38.04  ? 147 TYR A CA    1 
ATOM   1093 C  C     . TYR A 1 147 ? -5.267  3.411   5.502   1.00 37.71  ? 147 TYR A C     1 
ATOM   1094 O  O     . TYR A 1 147 ? -4.806  3.544   4.362   1.00 38.39  ? 147 TYR A O     1 
ATOM   1095 C  CB    . TYR A 1 147 ? -4.484  1.248   6.296   1.00 36.55  ? 147 TYR A CB    1 
ATOM   1096 C  CG    . TYR A 1 147 ? -4.822  -0.147  6.792   1.00 36.83  ? 147 TYR A CG    1 
ATOM   1097 C  CD1   . TYR A 1 147 ? -5.413  -0.317  8.043   1.00 37.83  ? 147 TYR A CD1   1 
ATOM   1098 C  CD2   . TYR A 1 147 ? -4.558  -1.266  6.017   1.00 38.12  ? 147 TYR A CD2   1 
ATOM   1099 C  CE1   . TYR A 1 147 ? -5.737  -1.586  8.492   1.00 39.09  ? 147 TYR A CE1   1 
ATOM   1100 C  CE2   . TYR A 1 147 ? -4.896  -2.534  6.429   1.00 36.61  ? 147 TYR A CE2   1 
ATOM   1101 C  CZ    . TYR A 1 147 ? -5.499  -2.680  7.675   1.00 40.45  ? 147 TYR A CZ    1 
ATOM   1102 O  OH    . TYR A 1 147 ? -5.834  -3.930  8.120   1.00 39.66  ? 147 TYR A OH    1 
ATOM   1103 N  N     . ASP A 1 148 ? -5.336  4.365   6.413   1.00 33.30  ? 148 ASP A N     1 
ATOM   1104 C  CA    . ASP A 1 148 ? -4.638  5.626   6.372   1.00 35.36  ? 148 ASP A CA    1 
ATOM   1105 C  C     . ASP A 1 148 ? -3.139  5.242   6.539   1.00 38.84  ? 148 ASP A C     1 
ATOM   1106 O  O     . ASP A 1 148 ? -2.831  4.327   7.298   1.00 38.21  ? 148 ASP A O     1 
ATOM   1107 C  CB    . ASP A 1 148 ? -4.958  6.526   7.544   1.00 34.41  ? 148 ASP A CB    1 
ATOM   1108 C  CG    . ASP A 1 148 ? -6.156  7.414   7.461   1.00 39.74  ? 148 ASP A CG    1 
ATOM   1109 O  OD1   . ASP A 1 148 ? -6.698  7.496   6.333   1.00 40.65  ? 148 ASP A OD1   1 
ATOM   1110 O  OD2   . ASP A 1 148 ? -6.506  8.043   8.499   1.00 39.51  ? 148 ASP A OD2   1 
ATOM   1111 N  N     . ILE A 1 149 ? -2.241  5.993   5.942   1.00 41.06  ? 149 ILE A N     1 
ATOM   1112 C  CA    . ILE A 1 149 ? -0.815  5.706   5.932   1.00 43.37  ? 149 ILE A CA    1 
ATOM   1113 C  C     . ILE A 1 149 ? -0.043  7.017   5.911   1.00 41.99  ? 149 ILE A C     1 
ATOM   1114 O  O     . ILE A 1 149 ? -0.535  7.971   5.311   1.00 36.18  ? 149 ILE A O     1 
ATOM   1115 C  CB    . ILE A 1 149 ? -0.630  4.917   4.597   1.00 49.98  ? 149 ILE A CB    1 
ATOM   1116 C  CG1   . ILE A 1 149 ? -1.191  3.495   4.734   1.00 46.73  ? 149 ILE A CG1   1 
ATOM   1117 C  CG2   . ILE A 1 149 ? 0.697   4.858   3.901   1.00 46.15  ? 149 ILE A CG2   1 
ATOM   1118 C  CD1   . ILE A 1 149 ? -0.418  2.477   5.481   1.00 43.01  ? 149 ILE A CD1   1 
ATOM   1119 N  N     . SER A 1 150 ? 1.125   7.059   6.573   1.00 39.27  ? 150 SER A N     1 
ATOM   1120 C  CA    . SER A 1 150 ? 2.098   8.129   6.415   1.00 39.71  ? 150 SER A CA    1 
ATOM   1121 C  C     . SER A 1 150 ? 3.503   7.509   6.214   1.00 45.96  ? 150 SER A C     1 
ATOM   1122 O  O     . SER A 1 150 ? 4.132   7.013   7.158   1.00 40.69  ? 150 SER A O     1 
ATOM   1123 C  CB    . SER A 1 150 ? 2.201   9.158   7.512   1.00 40.56  ? 150 SER A CB    1 
ATOM   1124 O  OG    . SER A 1 150 ? 3.364   9.952   7.320   1.00 40.20  ? 150 SER A OG    1 
ATOM   1125 N  N     . ALA A 1 151 ? 3.926   7.459   4.952   1.00 46.92  ? 151 ALA A N     1 
ATOM   1126 C  CA    . ALA A 1 151 ? 5.219   6.854   4.630   1.00 45.82  ? 151 ALA A CA    1 
ATOM   1127 C  C     . ALA A 1 151 ? 6.352   7.575   5.360   1.00 48.32  ? 151 ALA A C     1 
ATOM   1128 O  O     . ALA A 1 151 ? 7.237   6.911   5.911   1.00 49.24  ? 151 ALA A O     1 
ATOM   1129 C  CB    . ALA A 1 151 ? 5.461   6.937   3.126   1.00 36.35  ? 151 ALA A CB    1 
ATOM   1130 N  N     . LYS A 1 152 ? 6.300   8.911   5.410   1.00 45.12  ? 152 LYS A N     1 
ATOM   1131 C  CA    . LYS A 1 152 ? 7.401   9.626   6.043   1.00 47.59  ? 152 LYS A CA    1 
ATOM   1132 C  C     . LYS A 1 152 ? 7.554   9.392   7.537   1.00 45.39  ? 152 LYS A C     1 
ATOM   1133 O  O     . LYS A 1 152 ? 8.632   9.688   8.057   1.00 44.03  ? 152 LYS A O     1 
ATOM   1134 C  CB    . LYS A 1 152 ? 7.315   11.122  5.739   1.00 52.51  ? 152 LYS A CB    1 
ATOM   1135 C  CG    . LYS A 1 152 ? 7.659   11.523  4.319   1.00 52.05  ? 152 LYS A CG    1 
ATOM   1136 C  CD    . LYS A 1 152 ? 9.125   11.767  4.078   1.00 60.75  ? 152 LYS A CD    1 
ATOM   1137 C  CE    . LYS A 1 152 ? 9.382   12.424  2.724   1.00 66.31  ? 152 LYS A CE    1 
ATOM   1138 N  NZ    . LYS A 1 152 ? 8.553   13.651  2.508   1.00 64.23  ? 152 LYS A NZ    1 
ATOM   1139 N  N     . SER A 1 153 ? 6.532   8.937   8.245   1.00 42.98  ? 153 SER A N     1 
ATOM   1140 C  CA    . SER A 1 153 ? 6.602   8.690   9.671   1.00 43.16  ? 153 SER A CA    1 
ATOM   1141 C  C     . SER A 1 153 ? 6.462   7.202   10.017  1.00 44.59  ? 153 SER A C     1 
ATOM   1142 O  O     . SER A 1 153 ? 6.426   6.884   11.207  1.00 41.26  ? 153 SER A O     1 
ATOM   1143 C  CB    . SER A 1 153 ? 5.488   9.449   10.413  1.00 41.85  ? 153 SER A CB    1 
ATOM   1144 O  OG    . SER A 1 153 ? 4.218   8.974   10.001  1.00 46.56  ? 153 SER A OG    1 
ATOM   1145 N  N     . ASN A 1 154 ? 6.470   6.320   9.029   1.00 41.27  ? 154 ASN A N     1 
ATOM   1146 C  CA    . ASN A 1 154 ? 6.195   4.898   9.210   1.00 41.88  ? 154 ASN A CA    1 
ATOM   1147 C  C     . ASN A 1 154 ? 4.783   4.600   9.707   1.00 42.41  ? 154 ASN A C     1 
ATOM   1148 O  O     . ASN A 1 154 ? 4.534   3.443   10.056  1.00 42.38  ? 154 ASN A O     1 
ATOM   1149 C  CB    . ASN A 1 154 ? 7.245   4.295   10.163  1.00 37.77  ? 154 ASN A CB    1 
ATOM   1150 C  CG    . ASN A 1 154 ? 8.633   4.348   9.573   1.00 41.28  ? 154 ASN A CG    1 
ATOM   1151 O  OD1   . ASN A 1 154 ? 8.816   4.354   8.341   1.00 45.12  ? 154 ASN A OD1   1 
ATOM   1152 N  ND2   . ASN A 1 154 ? 9.688   4.387   10.379  1.00 38.41  ? 154 ASN A ND2   1 
ATOM   1153 N  N     . TYR A 1 155 ? 3.904   5.583   9.949   1.00 39.96  ? 155 TYR A N     1 
ATOM   1154 C  CA    . TYR A 1 155 ? 2.577   5.349   10.486  1.00 41.38  ? 155 TYR A CA    1 
ATOM   1155 C  C     . TYR A 1 155 ? 1.774   4.291   9.715   1.00 40.10  ? 155 TYR A C     1 
ATOM   1156 O  O     . TYR A 1 155 ? 1.586   4.360   8.508   1.00 32.01  ? 155 TYR A O     1 
ATOM   1157 C  CB    . TYR A 1 155 ? 1.775   6.658   10.602  1.00 39.61  ? 155 TYR A CB    1 
ATOM   1158 C  CG    . TYR A 1 155 ? 0.340   6.499   11.083  1.00 42.01  ? 155 TYR A CG    1 
ATOM   1159 C  CD1   . TYR A 1 155 ? -0.062  6.014   12.327  1.00 43.14  ? 155 TYR A CD1   1 
ATOM   1160 C  CD2   . TYR A 1 155 ? -0.670  6.831   10.201  1.00 38.69  ? 155 TYR A CD2   1 
ATOM   1161 C  CE1   . TYR A 1 155 ? -1.412  5.897   12.638  1.00 44.44  ? 155 TYR A CE1   1 
ATOM   1162 C  CE2   . TYR A 1 155 ? -1.997  6.718   10.480  1.00 36.90  ? 155 TYR A CE2   1 
ATOM   1163 C  CZ    . TYR A 1 155 ? -2.385  6.239   11.713  1.00 43.70  ? 155 TYR A CZ    1 
ATOM   1164 O  OH    . TYR A 1 155 ? -3.748  6.162   11.939  1.00 40.95  ? 155 TYR A OH    1 
ATOM   1165 N  N     . ASN A 1 156 ? 1.330   3.255   10.407  1.00 39.23  ? 156 ASN A N     1 
ATOM   1166 C  CA    . ASN A 1 156 ? 0.598   2.150   9.788   1.00 42.64  ? 156 ASN A CA    1 
ATOM   1167 C  C     . ASN A 1 156 ? 1.406   1.400   8.743   1.00 40.25  ? 156 ASN A C     1 
ATOM   1168 O  O     . ASN A 1 156 ? 0.819   0.650   7.953   1.00 37.28  ? 156 ASN A O     1 
ATOM   1169 C  CB    . ASN A 1 156 ? -0.738  2.639   9.183   1.00 41.18  ? 156 ASN A CB    1 
ATOM   1170 C  CG    . ASN A 1 156 ? -1.826  2.747   10.241  1.00 41.01  ? 156 ASN A CG    1 
ATOM   1171 O  OD1   . ASN A 1 156 ? -1.642  2.356   11.396  1.00 47.74  ? 156 ASN A OD1   1 
ATOM   1172 N  ND2   . ASN A 1 156 ? -3.004  3.264   9.935   1.00 35.73  ? 156 ASN A ND2   1 
ATOM   1173 N  N     . PHE A 1 157 ? 2.728   1.583   8.708   1.00 38.59  ? 157 PHE A N     1 
ATOM   1174 C  CA    . PHE A 1 157 ? 3.529   0.872   7.714   1.00 37.45  ? 157 PHE A CA    1 
ATOM   1175 C  C     . PHE A 1 157 ? 3.119   -0.583  7.506   1.00 41.24  ? 157 PHE A C     1 
ATOM   1176 O  O     . PHE A 1 157 ? 2.989   -1.130  6.390   1.00 40.12  ? 157 PHE A O     1 
ATOM   1177 C  CB    . PHE A 1 157 ? 5.034   1.008   8.025   1.00 35.50  ? 157 PHE A CB    1 
ATOM   1178 C  CG    . PHE A 1 157 ? 5.834   0.385   6.899   1.00 37.77  ? 157 PHE A CG    1 
ATOM   1179 C  CD1   . PHE A 1 157 ? 5.957   1.047   5.697   1.00 38.22  ? 157 PHE A CD1   1 
ATOM   1180 C  CD2   . PHE A 1 157 ? 6.404   -0.875  7.055   1.00 31.22  ? 157 PHE A CD2   1 
ATOM   1181 C  CE1   . PHE A 1 157 ? 6.637   0.460   4.629   1.00 39.71  ? 157 PHE A CE1   1 
ATOM   1182 C  CE2   . PHE A 1 157 ? 7.073   -1.457  6.006   1.00 38.33  ? 157 PHE A CE2   1 
ATOM   1183 C  CZ    . PHE A 1 157 ? 7.172   -0.807  4.789   1.00 40.17  ? 157 PHE A CZ    1 
ATOM   1184 N  N     . GLU A 1 158 ? 3.056   -1.332  8.590   1.00 37.80  ? 158 GLU A N     1 
ATOM   1185 C  CA    . GLU A 1 158 ? 2.809   -2.753  8.630   1.00 40.41  ? 158 GLU A CA    1 
ATOM   1186 C  C     . GLU A 1 158 ? 1.391   -3.148  8.204   1.00 38.09  ? 158 GLU A C     1 
ATOM   1187 O  O     . GLU A 1 158 ? 1.181   -4.310  7.849   1.00 36.03  ? 158 GLU A O     1 
ATOM   1188 C  CB    . GLU A 1 158 ? 2.960   -3.298  10.088  1.00 44.46  ? 158 GLU A CB    1 
ATOM   1189 C  CG    . GLU A 1 158 ? 2.564   -2.205  11.086  1.00 61.86  ? 158 GLU A CG    1 
ATOM   1190 C  CD    . GLU A 1 158 ? 1.821   -2.649  12.298  1.00 72.16  ? 158 GLU A CD    1 
ATOM   1191 O  OE1   . GLU A 1 158 ? 2.029   -3.813  12.714  1.00 84.52  ? 158 GLU A OE1   1 
ATOM   1192 O  OE2   . GLU A 1 158 ? 1.051   -1.829  12.849  1.00 77.27  ? 158 GLU A OE2   1 
ATOM   1193 N  N     . LYS A 1 159 ? 0.431   -2.263  8.376   1.00 32.00  ? 159 LYS A N     1 
ATOM   1194 C  CA    . LYS A 1 159 ? -0.972  -2.639  8.242   1.00 41.34  ? 159 LYS A CA    1 
ATOM   1195 C  C     . LYS A 1 159 ? -1.322  -3.321  6.940   1.00 36.26  ? 159 LYS A C     1 
ATOM   1196 O  O     . LYS A 1 159 ? -1.802  -4.451  6.945   1.00 37.10  ? 159 LYS A O     1 
ATOM   1197 C  CB    . LYS A 1 159 ? -1.845  -1.425  8.617   1.00 45.53  ? 159 LYS A CB    1 
ATOM   1198 C  CG    . LYS A 1 159 ? -1.553  -0.918  10.035  1.00 46.24  ? 159 LYS A CG    1 
ATOM   1199 C  CD    . LYS A 1 159 ? -2.466  -1.501  11.056  1.00 54.32  ? 159 LYS A CD    1 
ATOM   1200 C  CE    . LYS A 1 159 ? -2.529  -0.913  12.430  1.00 55.47  ? 159 LYS A CE    1 
ATOM   1201 N  NZ    . LYS A 1 159 ? -3.291  0.370   12.554  1.00 64.05  ? 159 LYS A NZ    1 
ATOM   1202 N  N     . PRO A 1 160 ? -1.004  -2.743  5.794   1.00 38.97  ? 160 PRO A N     1 
ATOM   1203 C  CA    . PRO A 1 160 ? -1.314  -3.342  4.500   1.00 39.39  ? 160 PRO A CA    1 
ATOM   1204 C  C     . PRO A 1 160 ? -0.669  -4.707  4.378   1.00 41.90  ? 160 PRO A C     1 
ATOM   1205 O  O     . PRO A 1 160 ? -1.313  -5.660  3.947   1.00 40.98  ? 160 PRO A O     1 
ATOM   1206 C  CB    . PRO A 1 160 ? -0.748  -2.387  3.481   1.00 36.84  ? 160 PRO A CB    1 
ATOM   1207 C  CG    . PRO A 1 160 ? -0.302  -1.184  4.209   1.00 41.51  ? 160 PRO A CG    1 
ATOM   1208 C  CD    . PRO A 1 160 ? -0.457  -1.374  5.672   1.00 39.85  ? 160 PRO A CD    1 
ATOM   1209 N  N     . PHE A 1 161 ? 0.603   -4.793  4.783   1.00 39.56  ? 161 PHE A N     1 
ATOM   1210 C  CA    . PHE A 1 161 ? 1.307   -6.069  4.654   1.00 38.02  ? 161 PHE A CA    1 
ATOM   1211 C  C     . PHE A 1 161 ? 0.715   -7.144  5.553   1.00 36.82  ? 161 PHE A C     1 
ATOM   1212 O  O     . PHE A 1 161 ? 0.764   -8.314  5.128   1.00 37.57  ? 161 PHE A O     1 
ATOM   1213 C  CB    . PHE A 1 161 ? 2.786   -5.850  4.966   1.00 36.87  ? 161 PHE A CB    1 
ATOM   1214 C  CG    . PHE A 1 161 ? 3.397   -4.852  4.016   1.00 37.92  ? 161 PHE A CG    1 
ATOM   1215 C  CD1   . PHE A 1 161 ? 3.743   -5.230  2.729   1.00 36.28  ? 161 PHE A CD1   1 
ATOM   1216 C  CD2   . PHE A 1 161 ? 3.603   -3.548  4.402   1.00 32.48  ? 161 PHE A CD2   1 
ATOM   1217 C  CE1   . PHE A 1 161 ? 4.320   -4.289  1.886   1.00 38.10  ? 161 PHE A CE1   1 
ATOM   1218 C  CE2   . PHE A 1 161 ? 4.192   -2.602  3.586   1.00 33.78  ? 161 PHE A CE2   1 
ATOM   1219 C  CZ    . PHE A 1 161 ? 4.552   -3.019  2.302   1.00 38.13  ? 161 PHE A CZ    1 
ATOM   1220 N  N     . LEU A 1 162 ? 0.243   -6.782  6.740   1.00 33.02  ? 162 LEU A N     1 
ATOM   1221 C  CA    . LEU A 1 162 ? -0.267  -7.751  7.702   1.00 41.12  ? 162 LEU A CA    1 
ATOM   1222 C  C     . LEU A 1 162 ? -1.634  -8.235  7.184   1.00 39.37  ? 162 LEU A C     1 
ATOM   1223 O  O     . LEU A 1 162 ? -1.819  -9.444  7.093   1.00 37.33  ? 162 LEU A O     1 
ATOM   1224 C  CB    . LEU A 1 162 ? -0.358  -7.307  9.158   1.00 39.68  ? 162 LEU A CB    1 
ATOM   1225 C  CG    . LEU A 1 162 ? -0.881  -8.276  10.236  1.00 43.06  ? 162 LEU A CG    1 
ATOM   1226 C  CD1   . LEU A 1 162 ? -0.024  -9.516  10.438  1.00 35.94  ? 162 LEU A CD1   1 
ATOM   1227 C  CD2   . LEU A 1 162 ? -1.084  -7.628  11.603  1.00 34.16  ? 162 LEU A CD2   1 
ATOM   1228 N  N     . TRP A 1 163 ? -2.423  -7.310  6.655   1.00 37.56  ? 163 TRP A N     1 
ATOM   1229 C  CA    . TRP A 1 163 ? -3.732  -7.761  6.159   1.00 41.68  ? 163 TRP A CA    1 
ATOM   1230 C  C     . TRP A 1 163 ? -3.513  -8.698  4.955   1.00 47.81  ? 163 TRP A C     1 
ATOM   1231 O  O     . TRP A 1 163 ? -4.148  -9.756  4.842   1.00 43.83  ? 163 TRP A O     1 
ATOM   1232 C  CB    . TRP A 1 163 ? -4.607  -6.578  5.748   1.00 39.50  ? 163 TRP A CB    1 
ATOM   1233 C  CG    . TRP A 1 163 ? -6.000  -6.979  5.383   1.00 45.19  ? 163 TRP A CG    1 
ATOM   1234 C  CD1   . TRP A 1 163 ? -6.997  -7.233  6.285   1.00 46.87  ? 163 TRP A CD1   1 
ATOM   1235 C  CD2   . TRP A 1 163 ? -6.552  -7.241  4.090   1.00 44.06  ? 163 TRP A CD2   1 
ATOM   1236 N  NE1   . TRP A 1 163 ? -8.136  -7.551  5.607   1.00 44.45  ? 163 TRP A NE1   1 
ATOM   1237 C  CE2   . TRP A 1 163 ? -7.896  -7.600  4.271   1.00 43.35  ? 163 TRP A CE2   1 
ATOM   1238 C  CE3   . TRP A 1 163 ? -6.042  -7.181  2.789   1.00 48.88  ? 163 TRP A CE3   1 
ATOM   1239 C  CZ2   . TRP A 1 163 ? -8.765  -7.905  3.227   1.00 46.91  ? 163 TRP A CZ2   1 
ATOM   1240 C  CZ3   . TRP A 1 163 ? -6.903  -7.468  1.743   1.00 56.12  ? 163 TRP A CZ3   1 
ATOM   1241 C  CH2   . TRP A 1 163 ? -8.253  -7.835  1.952   1.00 56.48  ? 163 TRP A CH2   1 
ATOM   1242 N  N     . LEU A 1 164 ? -2.647  -8.260  4.029   1.00 42.06  ? 164 LEU A N     1 
ATOM   1243 C  CA    . LEU A 1 164 ? -2.353  -9.146  2.913   1.00 45.43  ? 164 LEU A CA    1 
ATOM   1244 C  C     . LEU A 1 164 ? -1.759  -10.473 3.348   1.00 41.20  ? 164 LEU A C     1 
ATOM   1245 O  O     . LEU A 1 164 ? -2.147  -11.482 2.756   1.00 38.48  ? 164 LEU A O     1 
ATOM   1246 C  CB    . LEU A 1 164 ? -1.446  -8.459  1.871   1.00 46.63  ? 164 LEU A CB    1 
ATOM   1247 C  CG    . LEU A 1 164 ? -2.092  -7.289  1.124   1.00 43.62  ? 164 LEU A CG    1 
ATOM   1248 C  CD1   . LEU A 1 164 ? -1.011  -6.586  0.300   1.00 41.13  ? 164 LEU A CD1   1 
ATOM   1249 C  CD2   . LEU A 1 164 ? -3.193  -7.840  0.211   1.00 41.12  ? 164 LEU A CD2   1 
ATOM   1250 N  N     . ALA A 1 165 ? -0.819  -10.550 4.269   1.00 45.95  ? 165 ALA A N     1 
ATOM   1251 C  CA    . ALA A 1 165 ? -0.275  -11.846 4.672   1.00 48.58  ? 165 ALA A CA    1 
ATOM   1252 C  C     . ALA A 1 165 ? -1.427  -12.757 5.148   1.00 51.08  ? 165 ALA A C     1 
ATOM   1253 O  O     . ALA A 1 165 ? -1.337  -13.949 4.883   1.00 48.64  ? 165 ALA A O     1 
ATOM   1254 C  CB    . ALA A 1 165 ? 0.691   -11.774 5.839   1.00 47.12  ? 165 ALA A CB    1 
ATOM   1255 N  N     . ARG A 1 166 ? -2.385  -12.158 5.860   1.00 46.80  ? 166 ARG A N     1 
ATOM   1256 C  CA    . ARG A 1 166 ? -3.503  -12.938 6.379   1.00 46.51  ? 166 ARG A CA    1 
ATOM   1257 C  C     . ARG A 1 166 ? -4.371  -13.573 5.308   1.00 46.52  ? 166 ARG A C     1 
ATOM   1258 O  O     . ARG A 1 166 ? -4.592  -14.803 5.319   1.00 45.27  ? 166 ARG A O     1 
ATOM   1259 C  CB    . ARG A 1 166 ? -4.328  -12.115 7.357   1.00 41.41  ? 166 ARG A CB    1 
ATOM   1260 C  CG    . ARG A 1 166 ? -3.570  -11.868 8.669   1.00 35.95  ? 166 ARG A CG    1 
ATOM   1261 C  CD    . ARG A 1 166 ? -4.385  -10.936 9.557   1.00 35.47  ? 166 ARG A CD    1 
ATOM   1262 N  NE    . ARG A 1 166 ? -3.759  -10.856 10.872  1.00 43.73  ? 166 ARG A NE    1 
ATOM   1263 C  CZ    . ARG A 1 166 ? -4.174  -10.083 11.875  1.00 51.74  ? 166 ARG A CZ    1 
ATOM   1264 N  NH1   . ARG A 1 166 ? -5.246  -9.301  11.763  1.00 52.10  ? 166 ARG A NH1   1 
ATOM   1265 N  NH2   . ARG A 1 166 ? -3.522  -10.091 13.036  1.00 43.29  ? 166 ARG A NH2   1 
ATOM   1266 N  N     . LYS A 1 167 ? -4.691  -12.791 4.282   1.00 46.54  ? 167 LYS A N     1 
ATOM   1267 C  CA    . LYS A 1 167 ? -5.446  -13.270 3.132   1.00 47.82  ? 167 LYS A CA    1 
ATOM   1268 C  C     . LYS A 1 167 ? -4.707  -14.322 2.315   1.00 50.80  ? 167 LYS A C     1 
ATOM   1269 O  O     . LYS A 1 167 ? -5.263  -15.361 1.942   1.00 53.62  ? 167 LYS A O     1 
ATOM   1270 C  CB    . LYS A 1 167 ? -5.771  -12.094 2.194   1.00 40.95  ? 167 LYS A CB    1 
ATOM   1271 C  CG    . LYS A 1 167 ? -6.739  -11.124 2.847   1.00 55.80  ? 167 LYS A CG    1 
ATOM   1272 C  CD    . LYS A 1 167 ? -8.141  -11.748 2.846   1.00 64.00  ? 167 LYS A CD    1 
ATOM   1273 C  CE    . LYS A 1 167 ? -8.843  -11.398 4.145   1.00 72.96  ? 167 LYS A CE    1 
ATOM   1274 N  NZ    . LYS A 1 167 ? -9.584  -12.566 4.716   1.00 79.32  ? 167 LYS A NZ    1 
ATOM   1275 N  N     . LEU A 1 168 ? -3.416  -14.112 2.068   1.00 47.29  ? 168 LEU A N     1 
ATOM   1276 C  CA    . LEU A 1 168 ? -2.653  -15.017 1.240   1.00 49.74  ? 168 LEU A CA    1 
ATOM   1277 C  C     . LEU A 1 168 ? -2.372  -16.325 1.981   1.00 49.46  ? 168 LEU A C     1 
ATOM   1278 O  O     . LEU A 1 168 ? -2.365  -17.394 1.380   1.00 50.02  ? 168 LEU A O     1 
ATOM   1279 C  CB    . LEU A 1 168 ? -1.363  -14.343 0.740   1.00 50.10  ? 168 LEU A CB    1 
ATOM   1280 C  CG    . LEU A 1 168 ? -1.487  -13.059 -0.087  1.00 50.64  ? 168 LEU A CG    1 
ATOM   1281 C  CD1   . LEU A 1 168 ? -0.224  -12.197 0.001   1.00 45.85  ? 168 LEU A CD1   1 
ATOM   1282 C  CD2   . LEU A 1 168 ? -1.740  -13.418 -1.546  1.00 46.94  ? 168 LEU A CD2   1 
ATOM   1283 N  N     . ILE A 1 169 ? -2.015  -16.283 3.246   1.00 49.86  ? 169 ILE A N     1 
ATOM   1284 C  CA    . ILE A 1 169 ? -1.671  -17.494 4.004   1.00 53.27  ? 169 ILE A CA    1 
ATOM   1285 C  C     . ILE A 1 169 ? -2.941  -18.168 4.493   1.00 57.61  ? 169 ILE A C     1 
ATOM   1286 O  O     . ILE A 1 169 ? -2.982  -19.355 4.821   1.00 59.93  ? 169 ILE A O     1 
ATOM   1287 C  CB    . ILE A 1 169 ? -0.725  -17.077 5.150   1.00 56.96  ? 169 ILE A CB    1 
ATOM   1288 C  CG1   . ILE A 1 169 ? 0.596   -16.608 4.492   1.00 54.17  ? 169 ILE A CG1   1 
ATOM   1289 C  CG2   . ILE A 1 169 ? -0.499  -18.114 6.228   1.00 50.56  ? 169 ILE A CG2   1 
ATOM   1290 C  CD1   . ILE A 1 169 ? 1.432   -15.756 5.407   1.00 62.74  ? 169 ILE A CD1   1 
ATOM   1291 N  N     . GLY A 1 170 ? -4.059  -17.412 4.543   1.00 55.37  ? 170 GLY A N     1 
ATOM   1292 C  CA    . GLY A 1 170 ? -5.271  -18.101 5.008   1.00 56.66  ? 170 GLY A CA    1 
ATOM   1293 C  C     . GLY A 1 170 ? -5.289  -18.216 6.532   1.00 54.19  ? 170 GLY A C     1 
ATOM   1294 O  O     . GLY A 1 170 ? -6.034  -19.006 7.092   1.00 53.11  ? 170 GLY A O     1 
ATOM   1295 N  N     . ASP A 1 171 ? -4.523  -17.386 7.232   1.00 51.06  ? 171 ASP A N     1 
ATOM   1296 C  CA    . ASP A 1 171 ? -4.585  -17.397 8.693   1.00 46.28  ? 171 ASP A CA    1 
ATOM   1297 C  C     . ASP A 1 171 ? -5.052  -16.012 9.103   1.00 47.41  ? 171 ASP A C     1 
ATOM   1298 O  O     . ASP A 1 171 ? -4.282  -15.062 9.101   1.00 47.24  ? 171 ASP A O     1 
ATOM   1299 C  CB    . ASP A 1 171 ? -3.218  -17.755 9.265   1.00 43.02  ? 171 ASP A CB    1 
ATOM   1300 C  CG    . ASP A 1 171 ? -3.193  -17.915 10.764  1.00 41.85  ? 171 ASP A CG    1 
ATOM   1301 O  OD1   . ASP A 1 171 ? -4.170  -17.555 11.448  1.00 49.07  ? 171 ASP A OD1   1 
ATOM   1302 O  OD2   . ASP A 1 171 ? -2.192  -18.459 11.293  1.00 49.16  ? 171 ASP A OD2   1 
ATOM   1303 N  N     . PRO A 1 172 ? -6.277  -15.897 9.587   1.00 50.63  ? 172 PRO A N     1 
ATOM   1304 C  CA    . PRO A 1 172 ? -6.795  -14.623 10.032  1.00 47.33  ? 172 PRO A CA    1 
ATOM   1305 C  C     . PRO A 1 172 ? -6.140  -14.130 11.308  1.00 46.39  ? 172 PRO A C     1 
ATOM   1306 O  O     . PRO A 1 172 ? -6.228  -12.925 11.584  1.00 43.01  ? 172 PRO A O     1 
ATOM   1307 C  CB    . PRO A 1 172 ? -8.296  -14.857 10.179  1.00 44.97  ? 172 PRO A CB    1 
ATOM   1308 C  CG    . PRO A 1 172 ? -8.393  -16.314 10.453  1.00 50.11  ? 172 PRO A CG    1 
ATOM   1309 C  CD    . PRO A 1 172 ? -7.266  -17.011 9.728   1.00 50.13  ? 172 PRO A CD    1 
ATOM   1310 N  N     . ASN A 1 173 ? -5.365  -14.978 11.998  1.00 45.25  ? 173 ASN A N     1 
ATOM   1311 C  CA    . ASN A 1 173 ? -4.801  -14.554 13.272  1.00 47.44  ? 173 ASN A CA    1 
ATOM   1312 C  C     . ASN A 1 173 ? -3.319  -14.243 13.192  1.00 43.89  ? 173 ASN A C     1 
ATOM   1313 O  O     . ASN A 1 173 ? -2.683  -14.028 14.228  1.00 45.84  ? 173 ASN A O     1 
ATOM   1314 C  CB    . ASN A 1 173 ? -5.027  -15.612 14.375  1.00 45.35  ? 173 ASN A CB    1 
ATOM   1315 C  CG    . ASN A 1 173 ? -6.523  -15.734 14.605  1.00 50.48  ? 173 ASN A CG    1 
ATOM   1316 O  OD1   . ASN A 1 173 ? -7.148  -14.831 15.132  1.00 53.34  ? 173 ASN A OD1   1 
ATOM   1317 N  ND2   . ASN A 1 173 ? -7.072  -16.861 14.187  1.00 53.49  ? 173 ASN A ND2   1 
ATOM   1318 N  N     . LEU A 1 174 ? -2.757  -14.374 12.016  1.00 44.29  ? 174 LEU A N     1 
ATOM   1319 C  CA    . LEU A 1 174 ? -1.331  -14.144 11.798  1.00 44.65  ? 174 LEU A CA    1 
ATOM   1320 C  C     . LEU A 1 174 ? -0.871  -12.844 12.436  1.00 44.49  ? 174 LEU A C     1 
ATOM   1321 O  O     . LEU A 1 174 ? -1.582  -11.827 12.384  1.00 42.29  ? 174 LEU A O     1 
ATOM   1322 C  CB    . LEU A 1 174 ? -1.098  -14.037 10.286  1.00 48.66  ? 174 LEU A CB    1 
ATOM   1323 C  CG    . LEU A 1 174 ? 0.176   -14.595 9.687   1.00 55.88  ? 174 LEU A CG    1 
ATOM   1324 C  CD1   . LEU A 1 174 ? 0.444   -16.048 10.086  1.00 51.74  ? 174 LEU A CD1   1 
ATOM   1325 C  CD2   . LEU A 1 174 ? 0.163   -14.472 8.171   1.00 53.60  ? 174 LEU A CD2   1 
ATOM   1326 N  N     . GLU A 1 175 ? 0.311   -12.821 13.038  1.00 49.67  ? 175 GLU A N     1 
ATOM   1327 C  CA    . GLU A 1 175 ? 0.801   -11.501 13.471  1.00 55.10  ? 175 GLU A CA    1 
ATOM   1328 C  C     . GLU A 1 175 ? 2.284   -11.381 13.127  1.00 55.49  ? 175 GLU A C     1 
ATOM   1329 O  O     . GLU A 1 175 ? 2.912   -12.416 12.882  1.00 54.58  ? 175 GLU A O     1 
ATOM   1330 C  CB    . GLU A 1 175 ? 0.647   -11.262 14.959  1.00 71.37  ? 175 GLU A CB    1 
ATOM   1331 C  CG    . GLU A 1 175 ? -0.126  -12.296 15.744  1.00 85.62  ? 175 GLU A CG    1 
ATOM   1332 C  CD    . GLU A 1 175 ? -1.024  -11.663 16.787  1.00 96.19  ? 175 GLU A CD    1 
ATOM   1333 O  OE1   . GLU A 1 175 ? -0.927  -10.431 16.968  1.00 102.46 ? 175 GLU A OE1   1 
ATOM   1334 O  OE2   . GLU A 1 175 ? -1.829  -12.407 17.409  1.00 103.40 ? 175 GLU A OE2   1 
ATOM   1335 N  N     . PHE A 1 176 ? 2.811   -10.164 13.172  1.00 50.10  ? 176 PHE A N     1 
ATOM   1336 C  CA    . PHE A 1 176 ? 4.260   -10.063 12.963  1.00 50.16  ? 176 PHE A CA    1 
ATOM   1337 C  C     . PHE A 1 176 ? 4.938   -10.203 14.316  1.00 47.91  ? 176 PHE A C     1 
ATOM   1338 O  O     . PHE A 1 176 ? 4.549   -9.463  15.234  1.00 50.81  ? 176 PHE A O     1 
ATOM   1339 C  CB    . PHE A 1 176 ? 4.550   -8.762  12.224  1.00 47.31  ? 176 PHE A CB    1 
ATOM   1340 C  CG    . PHE A 1 176 ? 4.035   -8.666  10.815  1.00 50.08  ? 176 PHE A CG    1 
ATOM   1341 C  CD1   . PHE A 1 176 ? 4.072   -9.730  9.920   1.00 50.53  ? 176 PHE A CD1   1 
ATOM   1342 C  CD2   . PHE A 1 176 ? 3.547   -7.454  10.355  1.00 42.61  ? 176 PHE A CD2   1 
ATOM   1343 C  CE1   . PHE A 1 176 ? 3.640   -9.587  8.616   1.00 54.78  ? 176 PHE A CE1   1 
ATOM   1344 C  CE2   . PHE A 1 176 ? 3.151   -7.314  9.043   1.00 43.60  ? 176 PHE A CE2   1 
ATOM   1345 C  CZ    . PHE A 1 176 ? 3.182   -8.357  8.162   1.00 44.27  ? 176 PHE A CZ    1 
ATOM   1346 N  N     . VAL A 1 177 ? 5.919   -11.092 14.460  1.00 47.50  ? 177 VAL A N     1 
ATOM   1347 C  CA    . VAL A 1 177 ? 6.585   -11.288 15.759  1.00 48.83  ? 177 VAL A CA    1 
ATOM   1348 C  C     . VAL A 1 177 ? 7.671   -10.237 15.981  1.00 51.02  ? 177 VAL A C     1 
ATOM   1349 O  O     . VAL A 1 177 ? 8.088   -9.990  17.105  1.00 54.62  ? 177 VAL A O     1 
ATOM   1350 C  CB    . VAL A 1 177 ? 7.214   -12.672 15.954  1.00 48.32  ? 177 VAL A CB    1 
ATOM   1351 C  CG1   . VAL A 1 177 ? 6.166   -13.761 15.895  1.00 51.36  ? 177 VAL A CG1   1 
ATOM   1352 C  CG2   . VAL A 1 177 ? 8.298   -12.954 14.898  1.00 50.57  ? 177 VAL A CG2   1 
ATOM   1353 N  N     . ALA A 1 178 ? 8.221   -9.675  14.919  1.00 50.91  ? 178 ALA A N     1 
ATOM   1354 C  CA    . ALA A 1 178 ? 9.170   -8.573  15.034  1.00 49.42  ? 178 ALA A CA    1 
ATOM   1355 C  C     . ALA A 1 178 ? 9.023   -7.715  13.782  1.00 47.60  ? 178 ALA A C     1 
ATOM   1356 O  O     . ALA A 1 178 ? 8.647   -8.211  12.730  1.00 46.30  ? 178 ALA A O     1 
ATOM   1357 C  CB    . ALA A 1 178 ? 10.624  -8.970  15.185  1.00 54.93  ? 178 ALA A CB    1 
ATOM   1358 N  N     . MET A 1 179 ? 9.329   -6.452  13.909  1.00 47.31  ? 179 MET A N     1 
ATOM   1359 C  CA    . MET A 1 179 ? 9.227   -5.594  12.713  1.00 50.87  ? 179 MET A CA    1 
ATOM   1360 C  C     . MET A 1 179 ? 10.556  -5.555  11.987  1.00 46.87  ? 179 MET A C     1 
ATOM   1361 O  O     . MET A 1 179 ? 11.630  -5.636  12.608  1.00 46.41  ? 179 MET A O     1 
ATOM   1362 C  CB    . MET A 1 179 ? 8.817   -4.229  13.234  1.00 58.68  ? 179 MET A CB    1 
ATOM   1363 C  CG    . MET A 1 179 ? 8.163   -3.251  12.318  1.00 72.76  ? 179 MET A CG    1 
ATOM   1364 S  SD    . MET A 1 179 ? 6.371   -3.427  12.119  1.00 79.00  ? 179 MET A SD    1 
ATOM   1365 C  CE    . MET A 1 179 ? 5.973   -1.660  12.261  1.00 71.85  ? 179 MET A CE    1 
ATOM   1366 N  N     . PRO A 1 180 ? 10.525  -5.415  10.679  1.00 47.81  ? 180 PRO A N     1 
ATOM   1367 C  CA    . PRO A 1 180 ? 11.764  -5.218  9.906   1.00 48.24  ? 180 PRO A CA    1 
ATOM   1368 C  C     . PRO A 1 180 ? 12.430  -3.884  10.279  1.00 43.14  ? 180 PRO A C     1 
ATOM   1369 O  O     . PRO A 1 180 ? 11.786  -2.970  10.796  1.00 41.42  ? 180 PRO A O     1 
ATOM   1370 C  CB    . PRO A 1 180 ? 11.331  -5.159  8.463   1.00 46.67  ? 180 PRO A CB    1 
ATOM   1371 C  CG    . PRO A 1 180 ? 9.847   -4.942  8.493   1.00 47.19  ? 180 PRO A CG    1 
ATOM   1372 C  CD    . PRO A 1 180 ? 9.322   -5.375  9.825   1.00 46.17  ? 180 PRO A CD    1 
ATOM   1373 N  N     . ALA A 1 181 ? 13.709  -3.722  9.986   1.00 41.88  ? 181 ALA A N     1 
ATOM   1374 C  CA    . ALA A 1 181 ? 14.338  -2.422  10.286  1.00 42.55  ? 181 ALA A CA    1 
ATOM   1375 C  C     . ALA A 1 181 ? 13.733  -1.377  9.352   1.00 40.37  ? 181 ALA A C     1 
ATOM   1376 O  O     . ALA A 1 181 ? 13.701  -1.636  8.148   1.00 34.46  ? 181 ALA A O     1 
ATOM   1377 C  CB    . ALA A 1 181 ? 15.836  -2.526  10.068  1.00 42.96  ? 181 ALA A CB    1 
ATOM   1378 N  N     . LEU A 1 182 ? 13.188  -0.292  9.915   1.00 38.73  ? 182 LEU A N     1 
ATOM   1379 C  CA    . LEU A 1 182 ? 12.671  0.739   9.054   1.00 40.23  ? 182 LEU A CA    1 
ATOM   1380 C  C     . LEU A 1 182 ? 13.518  2.020   9.090   1.00 45.24  ? 182 LEU A C     1 
ATOM   1381 O  O     . LEU A 1 182 ? 14.098  2.337   10.125  1.00 42.30  ? 182 LEU A O     1 
ATOM   1382 C  CB    . LEU A 1 182 ? 11.221  1.074   9.460   1.00 43.29  ? 182 LEU A CB    1 
ATOM   1383 C  CG    . LEU A 1 182 ? 10.145  -0.013  9.354   1.00 43.77  ? 182 LEU A CG    1 
ATOM   1384 C  CD1   . LEU A 1 182 ? 8.782   0.540   9.773   1.00 46.95  ? 182 LEU A CD1   1 
ATOM   1385 C  CD2   . LEU A 1 182 ? 10.003  -0.547  7.945   1.00 37.52  ? 182 LEU A CD2   1 
ATOM   1386 N  N     . ALA A 1 183 ? 13.433  2.828   8.021   1.00 43.81  ? 183 ALA A N     1 
ATOM   1387 C  CA    . ALA A 1 183 ? 13.953  4.179   8.014   1.00 46.94  ? 183 ALA A CA    1 
ATOM   1388 C  C     . ALA A 1 183 ? 13.310  4.987   9.150   1.00 44.61  ? 183 ALA A C     1 
ATOM   1389 O  O     . ALA A 1 183 ? 12.105  5.071   9.335   1.00 38.75  ? 183 ALA A O     1 
ATOM   1390 C  CB    . ALA A 1 183 ? 13.648  4.895   6.697   1.00 42.76  ? 183 ALA A CB    1 
ATOM   1391 N  N     . PRO A 1 184 ? 14.146  5.585   9.979   1.00 49.08  ? 184 PRO A N     1 
ATOM   1392 C  CA    . PRO A 1 184 ? 13.687  6.408   11.086  1.00 50.70  ? 184 PRO A CA    1 
ATOM   1393 C  C     . PRO A 1 184 ? 12.686  7.426   10.585  1.00 48.13  ? 184 PRO A C     1 
ATOM   1394 O  O     . PRO A 1 184 ? 12.833  7.946   9.470   1.00 47.16  ? 184 PRO A O     1 
ATOM   1395 C  CB    . PRO A 1 184 ? 14.976  7.138   11.524  1.00 52.18  ? 184 PRO A CB    1 
ATOM   1396 C  CG    . PRO A 1 184 ? 16.027  6.100   11.227  1.00 53.62  ? 184 PRO A CG    1 
ATOM   1397 C  CD    . PRO A 1 184 ? 15.646  5.585   9.857   1.00 50.74  ? 184 PRO A CD    1 
ATOM   1398 N  N     . PRO A 1 185 ? 11.637  7.679   11.351  1.00 45.01  ? 185 PRO A N     1 
ATOM   1399 C  CA    . PRO A 1 185 ? 10.637  8.666   10.960  1.00 43.17  ? 185 PRO A CA    1 
ATOM   1400 C  C     . PRO A 1 185 ? 11.326  9.977   10.577  1.00 47.34  ? 185 PRO A C     1 
ATOM   1401 O  O     . PRO A 1 185 ? 12.220  10.407  11.314  1.00 51.75  ? 185 PRO A O     1 
ATOM   1402 C  CB    . PRO A 1 185 ? 9.833   8.868   12.239  1.00 44.05  ? 185 PRO A CB    1 
ATOM   1403 C  CG    . PRO A 1 185 ? 9.919   7.544   12.914  1.00 42.87  ? 185 PRO A CG    1 
ATOM   1404 C  CD    . PRO A 1 185 ? 11.327  7.035   12.634  1.00 42.87  ? 185 PRO A CD    1 
ATOM   1405 N  N     . GLU A 1 186 ? 11.027  10.498  9.409   1.00 43.70  ? 186 GLU A N     1 
ATOM   1406 C  CA    . GLU A 1 186 ? 11.487  11.784  8.949   1.00 47.90  ? 186 GLU A CA    1 
ATOM   1407 C  C     . GLU A 1 186 ? 10.498  12.866  9.381   1.00 50.07  ? 186 GLU A C     1 
ATOM   1408 O  O     . GLU A 1 186 ? 10.912  14.024  9.468   1.00 52.70  ? 186 GLU A O     1 
ATOM   1409 C  CB    . GLU A 1 186 ? 11.650  11.880  7.426   1.00 50.17  ? 186 GLU A CB    1 
ATOM   1410 C  CG    . GLU A 1 186 ? 12.830  11.058  6.909   1.00 54.45  ? 186 GLU A CG    1 
ATOM   1411 C  CD    . GLU A 1 186 ? 12.663  10.813  5.417   1.00 64.10  ? 186 GLU A CD    1 
ATOM   1412 O  OE1   . GLU A 1 186 ? 12.311  11.764  4.686   1.00 66.94  ? 186 GLU A OE1   1 
ATOM   1413 O  OE2   . GLU A 1 186 ? 12.886  9.666   4.971   1.00 68.50  ? 186 GLU A OE2   1 
ATOM   1414 N  N     . VAL A 1 187 ? 9.226   12.525  9.588   1.00 47.00  ? 187 VAL A N     1 
ATOM   1415 C  CA    . VAL A 1 187 ? 8.310   13.598  10.064  1.00 52.27  ? 187 VAL A CA    1 
ATOM   1416 C  C     . VAL A 1 187 ? 7.557   13.019  11.245  1.00 52.16  ? 187 VAL A C     1 
ATOM   1417 O  O     . VAL A 1 187 ? 7.518   11.788  11.354  1.00 52.12  ? 187 VAL A O     1 
ATOM   1418 C  CB    . VAL A 1 187 ? 7.391   13.982  8.904   1.00 56.50  ? 187 VAL A CB    1 
ATOM   1419 C  CG1   . VAL A 1 187 ? 6.173   14.782  9.283   1.00 65.13  ? 187 VAL A CG1   1 
ATOM   1420 C  CG2   . VAL A 1 187 ? 8.193   14.790  7.878   1.00 59.73  ? 187 VAL A CG2   1 
ATOM   1421 N  N     . VAL A 1 188 ? 7.060   13.817  12.162  1.00 53.63  ? 188 VAL A N     1 
ATOM   1422 C  CA    . VAL A 1 188 ? 6.268   13.332  13.280  1.00 51.75  ? 188 VAL A CA    1 
ATOM   1423 C  C     . VAL A 1 188 ? 4.826   13.124  12.808  1.00 51.84  ? 188 VAL A C     1 
ATOM   1424 O  O     . VAL A 1 188 ? 4.249   13.946  12.080  1.00 47.04  ? 188 VAL A O     1 
ATOM   1425 C  CB    . VAL A 1 188 ? 6.258   14.350  14.440  1.00 55.90  ? 188 VAL A CB    1 
ATOM   1426 C  CG1   . VAL A 1 188 ? 5.380   13.909  15.603  1.00 53.34  ? 188 VAL A CG1   1 
ATOM   1427 C  CG2   . VAL A 1 188 ? 7.657   14.601  14.954  1.00 50.14  ? 188 VAL A CG2   1 
ATOM   1428 N  N     . MET A 1 189 ? 4.276   11.971  13.212  1.00 49.03  ? 189 MET A N     1 
ATOM   1429 C  CA    . MET A 1 189 ? 2.848   11.740  12.910  1.00 44.90  ? 189 MET A CA    1 
ATOM   1430 C  C     . MET A 1 189 ? 2.163   12.166  14.203  1.00 45.96  ? 189 MET A C     1 
ATOM   1431 O  O     . MET A 1 189 ? 2.447   11.485  15.192  1.00 44.50  ? 189 MET A O     1 
ATOM   1432 C  CB    . MET A 1 189 ? 2.578   10.271  12.651  1.00 43.54  ? 189 MET A CB    1 
ATOM   1433 C  CG    . MET A 1 189 ? 1.093   9.932   12.474  1.00 45.21  ? 189 MET A CG    1 
ATOM   1434 S  SD    . MET A 1 189 ? 0.370   10.869  11.121  1.00 39.68  ? 189 MET A SD    1 
ATOM   1435 C  CE    . MET A 1 189 ? -1.355  10.831  11.564  1.00 44.61  ? 189 MET A CE    1 
ATOM   1436 N  N     . ASP A 1 190 ? 1.417   13.233  14.220  1.00 45.99  ? 190 ASP A N     1 
ATOM   1437 C  CA    . ASP A 1 190 ? 0.772   13.619  15.479  1.00 44.31  ? 190 ASP A CA    1 
ATOM   1438 C  C     . ASP A 1 190 ? -0.139  12.500  15.997  1.00 47.11  ? 190 ASP A C     1 
ATOM   1439 O  O     . ASP A 1 190 ? -1.166  12.159  15.426  1.00 48.43  ? 190 ASP A O     1 
ATOM   1440 C  CB    . ASP A 1 190 ? 0.035   14.915  15.259  1.00 43.26  ? 190 ASP A CB    1 
ATOM   1441 C  CG    . ASP A 1 190 ? -0.681  15.420  16.499  1.00 52.71  ? 190 ASP A CG    1 
ATOM   1442 O  OD1   . ASP A 1 190 ? -0.605  14.911  17.639  1.00 55.68  ? 190 ASP A OD1   1 
ATOM   1443 O  OD2   . ASP A 1 190 ? -1.404  16.436  16.397  1.00 56.41  ? 190 ASP A OD2   1 
ATOM   1444 N  N     . PRO A 1 191 ? 0.189   12.047  17.181  1.00 50.01  ? 191 PRO A N     1 
ATOM   1445 C  CA    . PRO A 1 191 ? -0.558  11.015  17.864  1.00 49.04  ? 191 PRO A CA    1 
ATOM   1446 C  C     . PRO A 1 191 ? -2.039  11.339  18.032  1.00 53.92  ? 191 PRO A C     1 
ATOM   1447 O  O     . PRO A 1 191 ? -2.896  10.437  17.972  1.00 51.68  ? 191 PRO A O     1 
ATOM   1448 C  CB    . PRO A 1 191 ? 0.096   10.951  19.239  1.00 50.61  ? 191 PRO A CB    1 
ATOM   1449 C  CG    . PRO A 1 191 ? 1.462   11.528  19.082  1.00 47.80  ? 191 PRO A CG    1 
ATOM   1450 C  CD    . PRO A 1 191 ? 1.383   12.532  17.977  1.00 48.47  ? 191 PRO A CD    1 
ATOM   1451 N  N     . ALA A 1 192 ? -2.361  12.637  18.191  1.00 52.95  ? 192 ALA A N     1 
ATOM   1452 C  CA    . ALA A 1 192 ? -3.776  12.978  18.315  1.00 54.85  ? 192 ALA A CA    1 
ATOM   1453 C  C     . ALA A 1 192 ? -4.473  12.819  16.977  1.00 57.59  ? 192 ALA A C     1 
ATOM   1454 O  O     . ALA A 1 192 ? -5.603  12.300  16.917  1.00 59.36  ? 192 ALA A O     1 
ATOM   1455 C  CB    . ALA A 1 192 ? -4.004  14.326  18.974  1.00 54.81  ? 192 ALA A CB    1 
ATOM   1456 N  N     . LEU A 1 193 ? -3.826  13.256  15.881  1.00 60.34  ? 193 LEU A N     1 
ATOM   1457 C  CA    . LEU A 1 193 ? -4.447  13.031  14.564  1.00 55.52  ? 193 LEU A CA    1 
ATOM   1458 C  C     . LEU A 1 193 ? -4.652  11.540  14.364  1.00 48.02  ? 193 LEU A C     1 
ATOM   1459 O  O     . LEU A 1 193 ? -5.718  11.099  14.007  1.00 50.83  ? 193 LEU A O     1 
ATOM   1460 C  CB    . LEU A 1 193 ? -3.623  13.584  13.404  1.00 57.30  ? 193 LEU A CB    1 
ATOM   1461 C  CG    . LEU A 1 193 ? -3.791  15.087  13.175  1.00 61.49  ? 193 LEU A CG    1 
ATOM   1462 C  CD1   . LEU A 1 193 ? -2.714  15.576  12.218  1.00 60.53  ? 193 LEU A CD1   1 
ATOM   1463 C  CD2   . LEU A 1 193 ? -5.193  15.411  12.685  1.00 58.21  ? 193 LEU A CD2   1 
ATOM   1464 N  N     . ALA A 1 194 ? -3.634  10.732  14.633  1.00 48.35  ? 194 ALA A N     1 
ATOM   1465 C  CA    . ALA A 1 194 ? -3.783  9.291   14.425  1.00 48.28  ? 194 ALA A CA    1 
ATOM   1466 C  C     . ALA A 1 194 ? -5.029  8.772   15.140  1.00 52.14  ? 194 ALA A C     1 
ATOM   1467 O  O     . ALA A 1 194 ? -5.848  8.075   14.525  1.00 56.85  ? 194 ALA A O     1 
ATOM   1468 C  CB    . ALA A 1 194 ? -2.533  8.560   14.825  1.00 36.90  ? 194 ALA A CB    1 
ATOM   1469 N  N     . ALA A 1 195 ? -5.196  9.106   16.419  1.00 51.93  ? 195 ALA A N     1 
ATOM   1470 C  CA    . ALA A 1 195 ? -6.338  8.677   17.205  1.00 53.72  ? 195 ALA A CA    1 
ATOM   1471 C  C     . ALA A 1 195 ? -7.643  9.167   16.578  1.00 52.67  ? 195 ALA A C     1 
ATOM   1472 O  O     . ALA A 1 195 ? -8.521  8.347   16.322  1.00 52.90  ? 195 ALA A O     1 
ATOM   1473 C  CB    . ALA A 1 195 ? -6.237  9.099   18.670  1.00 58.47  ? 195 ALA A CB    1 
ATOM   1474 N  N     . GLN A 1 196 ? -7.772  10.443  16.266  1.00 52.15  ? 196 GLN A N     1 
ATOM   1475 C  CA    . GLN A 1 196 ? -8.963  10.946  15.607  1.00 52.90  ? 196 GLN A CA    1 
ATOM   1476 C  C     . GLN A 1 196 ? -9.232  10.142  14.330  1.00 57.38  ? 196 GLN A C     1 
ATOM   1477 O  O     . GLN A 1 196 ? -10.342 9.636   14.103  1.00 58.33  ? 196 GLN A O     1 
ATOM   1478 C  CB    . GLN A 1 196 ? -8.786  12.414  15.248  1.00 58.96  ? 196 GLN A CB    1 
ATOM   1479 C  CG    . GLN A 1 196 ? -10.046 13.208  15.019  1.00 74.17  ? 196 GLN A CG    1 
ATOM   1480 C  CD    . GLN A 1 196 ? -9.894  14.299  13.964  1.00 79.97  ? 196 GLN A CD    1 
ATOM   1481 O  OE1   . GLN A 1 196 ? -10.383 14.147  12.836  1.00 81.58  ? 196 GLN A OE1   1 
ATOM   1482 N  NE2   . GLN A 1 196 ? -9.255  15.423  14.286  1.00 82.18  ? 196 GLN A NE2   1 
ATOM   1483 N  N     . TYR A 1 197 ? -8.194  9.994   13.494  1.00 50.66  ? 197 TYR A N     1 
ATOM   1484 C  CA    . TYR A 1 197 ? -8.448  9.402   12.186  1.00 49.64  ? 197 TYR A CA    1 
ATOM   1485 C  C     . TYR A 1 197 ? -8.868  7.945   12.269  1.00 50.22  ? 197 TYR A C     1 
ATOM   1486 O  O     . TYR A 1 197 ? -9.675  7.554   11.421  1.00 46.00  ? 197 TYR A O     1 
ATOM   1487 C  CB    . TYR A 1 197 ? -7.245  9.544   11.271  1.00 47.48  ? 197 TYR A CB    1 
ATOM   1488 C  CG    . TYR A 1 197 ? -6.907  10.947  10.797  1.00 50.15  ? 197 TYR A CG    1 
ATOM   1489 C  CD1   . TYR A 1 197 ? -7.816  11.992  10.657  1.00 49.00  ? 197 TYR A CD1   1 
ATOM   1490 C  CD2   . TYR A 1 197 ? -5.569  11.196  10.479  1.00 46.07  ? 197 TYR A CD2   1 
ATOM   1491 C  CE1   . TYR A 1 197 ? -7.402  13.233  10.211  1.00 54.66  ? 197 TYR A CE1   1 
ATOM   1492 C  CE2   . TYR A 1 197 ? -5.171  12.405  9.981   1.00 47.67  ? 197 TYR A CE2   1 
ATOM   1493 C  CZ    . TYR A 1 197 ? -6.075  13.429  9.850   1.00 52.65  ? 197 TYR A CZ    1 
ATOM   1494 O  OH    . TYR A 1 197 ? -5.617  14.659  9.419   1.00 55.63  ? 197 TYR A OH    1 
ATOM   1495 N  N     . GLU A 1 198 ? -8.290  7.203   13.225  1.00 47.19  ? 198 GLU A N     1 
ATOM   1496 C  CA    . GLU A 1 198 ? -8.610  5.782   13.249  1.00 52.89  ? 198 GLU A CA    1 
ATOM   1497 C  C     . GLU A 1 198 ? -10.075 5.565   13.639  1.00 53.75  ? 198 GLU A C     1 
ATOM   1498 O  O     . GLU A 1 198 ? -10.781 4.645   13.235  1.00 44.57  ? 198 GLU A O     1 
ATOM   1499 C  CB    . GLU A 1 198 ? -7.700  5.034   14.233  1.00 56.77  ? 198 GLU A CB    1 
ATOM   1500 C  CG    . GLU A 1 198 ? -6.272  5.047   13.726  1.00 71.90  ? 198 GLU A CG    1 
ATOM   1501 C  CD    . GLU A 1 198 ? -5.188  4.666   14.695  1.00 73.87  ? 198 GLU A CD    1 
ATOM   1502 O  OE1   . GLU A 1 198 ? -5.495  4.343   15.855  1.00 77.91  ? 198 GLU A OE1   1 
ATOM   1503 O  OE2   . GLU A 1 198 ? -4.001  4.677   14.282  1.00 75.61  ? 198 GLU A OE2   1 
ATOM   1504 N  N     . HIS A 1 199 ? -10.483 6.513   14.488  1.00 55.07  ? 199 HIS A N     1 
ATOM   1505 C  CA    . HIS A 1 199 ? -11.863 6.412   14.961  1.00 59.05  ? 199 HIS A CA    1 
ATOM   1506 C  C     . HIS A 1 199 ? -12.833 6.847   13.869  1.00 55.60  ? 199 HIS A C     1 
ATOM   1507 O  O     . HIS A 1 199 ? -13.878 6.193   13.724  1.00 52.03  ? 199 HIS A O     1 
ATOM   1508 C  CB    . HIS A 1 199 ? -11.982 7.124   16.294  1.00 56.03  ? 199 HIS A CB    1 
ATOM   1509 C  CG    . HIS A 1 199 ? -13.325 7.246   16.923  1.00 56.95  ? 199 HIS A CG    1 
ATOM   1510 N  ND1   . HIS A 1 199 ? -13.991 8.460   16.978  1.00 58.66  ? 199 HIS A ND1   1 
ATOM   1511 C  CD2   . HIS A 1 199 ? -14.132 6.343   17.531  1.00 51.66  ? 199 HIS A CD2   1 
ATOM   1512 C  CE1   . HIS A 1 199 ? -15.135 8.325   17.622  1.00 52.92  ? 199 HIS A CE1   1 
ATOM   1513 N  NE2   . HIS A 1 199 ? -15.246 7.049   17.939  1.00 58.41  ? 199 HIS A NE2   1 
ATOM   1514 N  N     . ASP A 1 200 ? -12.482 7.925   13.178  1.00 56.16  ? 200 ASP A N     1 
ATOM   1515 C  CA    . ASP A 1 200 ? -13.335 8.486   12.138  1.00 58.87  ? 200 ASP A CA    1 
ATOM   1516 C  C     . ASP A 1 200 ? -13.588 7.449   11.034  1.00 56.53  ? 200 ASP A C     1 
ATOM   1517 O  O     . ASP A 1 200 ? -14.552 7.557   10.290  1.00 57.54  ? 200 ASP A O     1 
ATOM   1518 C  CB    . ASP A 1 200 ? -12.708 9.693   11.457  1.00 61.53  ? 200 ASP A CB    1 
ATOM   1519 C  CG    . ASP A 1 200 ? -12.735 10.975  12.242  1.00 64.42  ? 200 ASP A CG    1 
ATOM   1520 O  OD1   . ASP A 1 200 ? -13.279 10.989  13.363  1.00 64.36  ? 200 ASP A OD1   1 
ATOM   1521 O  OD2   . ASP A 1 200 ? -12.158 11.952  11.697  1.00 71.40  ? 200 ASP A OD2   1 
ATOM   1522 N  N     . LEU A 1 201 ? -12.616 6.569   10.864  1.00 54.80  ? 201 LEU A N     1 
ATOM   1523 C  CA    . LEU A 1 201 ? -12.793 5.492   9.892   1.00 54.33  ? 201 LEU A CA    1 
ATOM   1524 C  C     . LEU A 1 201 ? -13.864 4.545   10.451  1.00 54.97  ? 201 LEU A C     1 
ATOM   1525 O  O     . LEU A 1 201 ? -14.762 4.167   9.706   1.00 49.93  ? 201 LEU A O     1 
ATOM   1526 C  CB    . LEU A 1 201 ? -11.501 4.790   9.528   1.00 42.20  ? 201 LEU A CB    1 
ATOM   1527 C  CG    . LEU A 1 201 ? -10.590 5.569   8.562   1.00 50.30  ? 201 LEU A CG    1 
ATOM   1528 C  CD1   . LEU A 1 201 ? -9.169  5.007   8.600   1.00 49.01  ? 201 LEU A CD1   1 
ATOM   1529 C  CD2   . LEU A 1 201 ? -11.097 5.532   7.135   1.00 41.35  ? 201 LEU A CD2   1 
ATOM   1530 N  N     . GLU A 1 202 ? -13.730 4.215   11.740  1.00 56.56  ? 202 GLU A N     1 
ATOM   1531 C  CA    . GLU A 1 202 ? -14.722 3.366   12.403  1.00 59.67  ? 202 GLU A CA    1 
ATOM   1532 C  C     . GLU A 1 202 ? -16.096 4.015   12.459  1.00 55.78  ? 202 GLU A C     1 
ATOM   1533 O  O     . GLU A 1 202 ? -17.124 3.367   12.286  1.00 52.38  ? 202 GLU A O     1 
ATOM   1534 C  CB    . GLU A 1 202 ? -14.236 2.988   13.793  1.00 69.19  ? 202 GLU A CB    1 
ATOM   1535 C  CG    . GLU A 1 202 ? -13.865 1.517   13.921  1.00 82.80  ? 202 GLU A CG    1 
ATOM   1536 C  CD    . GLU A 1 202 ? -12.993 1.301   15.148  1.00 94.00  ? 202 GLU A CD    1 
ATOM   1537 O  OE1   . GLU A 1 202 ? -11.776 1.538   14.979  1.00 100.00 ? 202 GLU A OE1   1 
ATOM   1538 O  OE2   . GLU A 1 202 ? -13.493 0.930   16.240  1.00 99.76  ? 202 GLU A OE2   1 
ATOM   1539 N  N     . VAL A 1 203 ? -16.157 5.336   12.593  1.00 55.58  ? 203 VAL A N     1 
ATOM   1540 C  CA    . VAL A 1 203 ? -17.463 5.990   12.538  1.00 58.64  ? 203 VAL A CA    1 
ATOM   1541 C  C     . VAL A 1 203 ? -17.989 5.930   11.112  1.00 61.61  ? 203 VAL A C     1 
ATOM   1542 O  O     . VAL A 1 203 ? -19.182 5.706   10.923  1.00 62.17  ? 203 VAL A O     1 
ATOM   1543 C  CB    . VAL A 1 203 ? -17.369 7.420   13.081  1.00 58.23  ? 203 VAL A CB    1 
ATOM   1544 C  CG1   . VAL A 1 203 ? -18.655 8.187   12.921  1.00 53.35  ? 203 VAL A CG1   1 
ATOM   1545 C  CG2   . VAL A 1 203 ? -16.985 7.373   14.565  1.00 61.64  ? 203 VAL A CG2   1 
ATOM   1546 N  N     . ALA A 1 204 ? -17.154 6.113   10.090  1.00 62.55  ? 204 ALA A N     1 
ATOM   1547 C  CA    . ALA A 1 204 ? -17.630 6.098   8.711   1.00 65.03  ? 204 ALA A CA    1 
ATOM   1548 C  C     . ALA A 1 204 ? -18.114 4.711   8.288   1.00 65.74  ? 204 ALA A C     1 
ATOM   1549 O  O     . ALA A 1 204 ? -19.114 4.600   7.579   1.00 63.71  ? 204 ALA A O     1 
ATOM   1550 C  CB    . ALA A 1 204 ? -16.588 6.622   7.738   1.00 66.13  ? 204 ALA A CB    1 
ATOM   1551 N  N     . GLN A 1 205 ? -17.440 3.682   8.765   1.00 67.14  ? 205 GLN A N     1 
ATOM   1552 C  CA    . GLN A 1 205 ? -17.799 2.302   8.501   1.00 71.63  ? 205 GLN A CA    1 
ATOM   1553 C  C     . GLN A 1 205 ? -19.175 1.959   9.054   1.00 73.68  ? 205 GLN A C     1 
ATOM   1554 O  O     . GLN A 1 205 ? -19.793 1.056   8.474   1.00 75.47  ? 205 GLN A O     1 
ATOM   1555 C  CB    . GLN A 1 205 ? -16.752 1.350   9.084   1.00 72.45  ? 205 GLN A CB    1 
ATOM   1556 C  CG    . GLN A 1 205 ? -16.876 -0.106  8.726   1.00 80.12  ? 205 GLN A CG    1 
ATOM   1557 C  CD    . GLN A 1 205 ? -15.936 -1.085  9.393   1.00 85.52  ? 205 GLN A CD    1 
ATOM   1558 O  OE1   . GLN A 1 205 ? -15.070 -0.757  10.213  1.00 85.69  ? 205 GLN A OE1   1 
ATOM   1559 N  NE2   . GLN A 1 205 ? -16.088 -2.368  9.033   1.00 85.74  ? 205 GLN A NE2   1 
ATOM   1560 N  N     . THR A 1 206 ? -19.638 2.602   10.133  1.00 77.14  ? 206 THR A N     1 
ATOM   1561 C  CA    . THR A 1 206 ? -20.938 2.216   10.682  1.00 80.20  ? 206 THR A CA    1 
ATOM   1562 C  C     . THR A 1 206 ? -22.085 2.912   9.968   1.00 81.82  ? 206 THR A C     1 
ATOM   1563 O  O     . THR A 1 206 ? -23.257 2.736   10.274  1.00 80.53  ? 206 THR A O     1 
ATOM   1564 C  CB    . THR A 1 206 ? -21.103 2.190   12.199  1.00 80.36  ? 206 THR A CB    1 
ATOM   1565 O  OG1   . THR A 1 206 ? -21.247 3.476   12.791  1.00 83.28  ? 206 THR A OG1   1 
ATOM   1566 C  CG2   . THR A 1 206 ? -19.944 1.480   12.889  1.00 76.10  ? 206 THR A CG2   1 
ATOM   1567 N  N     . THR A 1 207 ? -21.767 3.620   8.895   1.00 85.68  ? 207 THR A N     1 
ATOM   1568 C  CA    . THR A 1 207 ? -22.773 4.219   8.011   1.00 87.11  ? 207 THR A CA    1 
ATOM   1569 C  C     . THR A 1 207 ? -22.626 3.434   6.704   1.00 88.81  ? 207 THR A C     1 
ATOM   1570 O  O     . THR A 1 207 ? -22.048 3.837   5.705   1.00 89.57  ? 207 THR A O     1 
ATOM   1571 C  CB    . THR A 1 207 ? -22.584 5.717   7.819   1.00 89.67  ? 207 THR A CB    1 
ATOM   1572 O  OG1   . THR A 1 207 ? -22.358 6.356   9.095   1.00 91.34  ? 207 THR A OG1   1 
ATOM   1573 C  CG2   . THR A 1 207 ? -23.818 6.311   7.163   1.00 90.11  ? 207 THR A CG2   1 
ATOM   1574 N  N     . ALA A 1 208 ? -22.974 2.160   6.832   1.00 91.51  ? 208 ALA A N     1 
ATOM   1575 C  CA    . ALA A 1 208 ? -22.877 1.150   5.798   1.00 94.15  ? 208 ALA A CA    1 
ATOM   1576 C  C     . ALA A 1 208 ? -23.677 -0.078  6.258   1.00 96.52  ? 208 ALA A C     1 
ATOM   1577 O  O     . ALA A 1 208 ? -23.964 -0.147  7.461   1.00 99.45  ? 208 ALA A O     1 
ATOM   1578 C  CB    . ALA A 1 208 ? -21.430 0.728   5.559   1.00 93.89  ? 208 ALA A CB    1 
HETATM 1579 MG MG    . MG  B 2 .   ? 7.751   6.458   -7.643  1.00 43.78  ? 221 MG  A MG    1 
HETATM 1580 P  PB    . GDP C 3 .   ? 5.466   8.381   -6.224  1.00 40.15  ? 220 GDP A PB    1 
HETATM 1581 O  O1B   . GDP C 3 .   ? 6.261   7.111   -6.376  1.00 39.84  ? 220 GDP A O1B   1 
HETATM 1582 O  O2B   . GDP C 3 .   ? 5.585   9.164   -7.479  1.00 41.76  ? 220 GDP A O2B   1 
HETATM 1583 O  O3B   . GDP C 3 .   ? 4.047   8.016   -6.099  1.00 40.04  ? 220 GDP A O3B   1 
HETATM 1584 O  O3A   . GDP C 3 .   ? 5.987   9.165   -4.920  1.00 41.38  ? 220 GDP A O3A   1 
HETATM 1585 P  PA    . GDP C 3 .   ? 7.224   9.730   -4.206  1.00 42.97  ? 220 GDP A PA    1 
HETATM 1586 O  O1A   . GDP C 3 .   ? 7.584   8.731   -3.133  1.00 46.13  ? 220 GDP A O1A   1 
HETATM 1587 O  O2A   . GDP C 3 .   ? 8.269   9.962   -5.207  1.00 40.11  ? 220 GDP A O2A   1 
HETATM 1588 O  "O5'" . GDP C 3 .   ? 6.706   11.010  -3.435  1.00 41.13  ? 220 GDP A "O5'" 1 
HETATM 1589 C  "C5'" . GDP C 3 .   ? 6.168   12.157  -4.035  1.00 39.61  ? 220 GDP A "C5'" 1 
HETATM 1590 C  "C4'" . GDP C 3 .   ? 6.309   13.383  -3.148  1.00 43.23  ? 220 GDP A "C4'" 1 
HETATM 1591 O  "O4'" . GDP C 3 .   ? 5.394   13.160  -2.009  1.00 44.89  ? 220 GDP A "O4'" 1 
HETATM 1592 C  "C3'" . GDP C 3 .   ? 7.650   13.707  -2.510  1.00 46.94  ? 220 GDP A "C3'" 1 
HETATM 1593 O  "O3'" . GDP C 3 .   ? 7.750   15.106  -2.207  1.00 49.92  ? 220 GDP A "O3'" 1 
HETATM 1594 C  "C2'" . GDP C 3 .   ? 7.519   12.974  -1.173  1.00 47.72  ? 220 GDP A "C2'" 1 
HETATM 1595 O  "O2'" . GDP C 3 .   ? 8.516   13.324  -0.247  1.00 40.37  ? 220 GDP A "O2'" 1 
HETATM 1596 C  "C1'" . GDP C 3 .   ? 6.044   13.362  -0.783  1.00 41.86  ? 220 GDP A "C1'" 1 
HETATM 1597 N  N9    . GDP C 3 .   ? 5.537   12.407  0.224   1.00 47.83  ? 220 GDP A N9    1 
HETATM 1598 C  C8    . GDP C 3 .   ? 5.359   11.052  0.002   1.00 48.78  ? 220 GDP A C8    1 
HETATM 1599 N  N7    . GDP C 3 .   ? 4.903   10.394  1.041   1.00 49.90  ? 220 GDP A N7    1 
HETATM 1600 C  C5    . GDP C 3 .   ? 4.814   11.346  2.028   1.00 45.94  ? 220 GDP A C5    1 
HETATM 1601 C  C6    . GDP C 3 .   ? 4.368   11.180  3.365   1.00 42.23  ? 220 GDP A C6    1 
HETATM 1602 O  O6    . GDP C 3 .   ? 4.232   10.181  4.033   1.00 45.65  ? 220 GDP A O6    1 
HETATM 1603 N  N1    . GDP C 3 .   ? 4.458   12.403  4.044   1.00 45.53  ? 220 GDP A N1    1 
HETATM 1604 C  C2    . GDP C 3 .   ? 4.850   13.585  3.450   1.00 44.54  ? 220 GDP A C2    1 
HETATM 1605 N  N2    . GDP C 3 .   ? 4.860   14.581  4.305   1.00 46.88  ? 220 GDP A N2    1 
HETATM 1606 N  N3    . GDP C 3 .   ? 5.238   13.738  2.186   1.00 46.12  ? 220 GDP A N3    1 
HETATM 1607 C  C4    . GDP C 3 .   ? 5.204   12.577  1.523   1.00 43.66  ? 220 GDP A C4    1 
HETATM 1608 O  O     . HOH D 4 .   ? 14.326  -6.730  8.133   1.00 53.50  ? 222 HOH A O     1 
HETATM 1609 O  O     . HOH D 4 .   ? 14.750  -3.858  6.602   1.00 52.08  ? 223 HOH A O     1 
HETATM 1610 O  O     . HOH D 4 .   ? 14.458  -8.349  2.825   1.00 49.18  ? 224 HOH A O     1 
HETATM 1611 O  O     . HOH D 4 .   ? -10.237 11.323  7.845   1.00 41.49  ? 225 HOH A O     1 
HETATM 1612 O  O     . HOH D 4 .   ? -1.109  16.012  -5.332  1.00 53.47  ? 226 HOH A O     1 
HETATM 1613 O  O     . HOH D 4 .   ? 12.178  -1.224  0.307   1.00 39.57  ? 227 HOH A O     1 
HETATM 1614 O  O     . HOH D 4 .   ? 3.565   4.446   6.760   1.00 44.95  ? 228 HOH A O     1 
HETATM 1615 O  O     . HOH D 4 .   ? -3.630  -5.070  9.147   1.00 43.57  ? 229 HOH A O     1 
HETATM 1616 O  O     . HOH D 4 .   ? -9.324  18.192  -6.684  1.00 47.11  ? 230 HOH A O     1 
HETATM 1617 O  O     . HOH D 4 .   ? 4.790   -0.289  -17.354 1.00 43.65  ? 231 HOH A O     1 
HETATM 1618 O  O     . HOH D 4 .   ? -3.757  7.347   -6.976  1.00 44.95  ? 232 HOH A O     1 
HETATM 1619 O  O     . HOH D 4 .   ? -12.969 10.806  16.340  1.00 65.40  ? 233 HOH A O     1 
HETATM 1620 O  O     . HOH D 4 .   ? -14.829 -0.391  -15.004 1.00 58.05  ? 234 HOH A O     1 
HETATM 1621 O  O     . HOH D 4 .   ? 11.140  6.670   2.363   1.00 38.74  ? 235 HOH A O     1 
HETATM 1622 O  O     . HOH D 4 .   ? 6.047   -10.919 -13.258 1.00 53.97  ? 236 HOH A O     1 
HETATM 1623 O  O     . HOH D 4 .   ? -5.044  4.236   -15.225 1.00 58.94  ? 237 HOH A O     1 
HETATM 1624 O  O     . HOH D 4 .   ? -8.395  5.563   17.738  1.00 42.60  ? 238 HOH A O     1 
HETATM 1625 O  O     . HOH D 4 .   ? 12.059  1.990   -6.129  1.00 47.69  ? 239 HOH A O     1 
HETATM 1626 O  O     . HOH D 4 .   ? -12.972 -0.629  -11.082 1.00 56.92  ? 240 HOH A O     1 
HETATM 1627 O  O     . HOH D 4 .   ? 4.858   1.972   -7.400  1.00 48.02  ? 241 HOH A O     1 
HETATM 1628 O  O     . HOH D 4 .   ? -5.040  19.697  -5.891  1.00 47.50  ? 242 HOH A O     1 
HETATM 1629 O  O     . HOH D 4 .   ? 9.231   -8.672  10.193  1.00 49.23  ? 243 HOH A O     1 
HETATM 1630 O  O     . HOH D 4 .   ? -14.335 5.299   4.896   1.00 44.50  ? 244 HOH A O     1 
HETATM 1631 O  O     . HOH D 4 .   ? -6.052  6.240   10.642  1.00 50.60  ? 245 HOH A O     1 
HETATM 1632 O  O     . HOH D 4 .   ? -2.503  0.721   -15.722 1.00 53.71  ? 246 HOH A O     1 
HETATM 1633 O  O     . HOH D 4 .   ? -2.322  -17.599 -1.270  1.00 51.69  ? 247 HOH A O     1 
HETATM 1634 O  O     . HOH D 4 .   ? 7.095   -9.632  -18.530 1.00 49.86  ? 248 HOH A O     1 
HETATM 1635 O  O     . HOH D 4 .   ? -17.396 1.696   -8.030  1.00 52.26  ? 249 HOH A O     1 
HETATM 1636 O  O     . HOH D 4 .   ? -9.066  8.583   8.495   1.00 44.32  ? 250 HOH A O     1 
HETATM 1637 O  O     . HOH D 4 .   ? 8.257   -10.833 -8.539  1.00 44.86  ? 251 HOH A O     1 
HETATM 1638 O  O     . HOH D 4 .   ? 5.782   9.747   14.253  1.00 49.75  ? 252 HOH A O     1 
HETATM 1639 O  O     . HOH D 4 .   ? 14.460  -8.007  5.904   1.00 52.35  ? 253 HOH A O     1 
HETATM 1640 O  O     . HOH D 4 .   ? 18.809  -9.743  2.720   1.00 51.24  ? 254 HOH A O     1 
HETATM 1641 O  O     . HOH D 4 .   ? -15.930 9.668   9.742   1.00 55.58  ? 255 HOH A O     1 
HETATM 1642 O  O     . HOH D 4 .   ? -15.048 11.443  -2.481  1.00 55.76  ? 256 HOH A O     1 
HETATM 1643 O  O     . HOH D 4 .   ? -7.875  -12.130 7.100   1.00 56.69  ? 257 HOH A O     1 
HETATM 1644 O  O     . HOH D 4 .   ? -0.113  13.506  -7.916  1.00 57.13  ? 258 HOH A O     1 
HETATM 1645 O  O     . HOH D 4 .   ? -2.484  -2.850  -18.492 1.00 65.40  ? 259 HOH A O     1 
HETATM 1646 O  O     . HOH D 4 .   ? 1.707   -18.586 17.042  1.00 44.13  ? 260 HOH A O     1 
HETATM 1647 O  O     . HOH D 4 .   ? 11.662  -8.320  8.484   1.00 46.47  ? 261 HOH A O     1 
HETATM 1648 O  O     . HOH D 4 .   ? 0.670   3.487   -10.847 1.00 45.26  ? 262 HOH A O     1 
HETATM 1649 O  O     . HOH D 4 .   ? 3.310   -3.472  15.070  1.00 67.26  ? 263 HOH A O     1 
HETATM 1650 O  O     . HOH D 4 .   ? 2.457   13.380  -11.001 1.00 66.65  ? 264 HOH A O     1 
HETATM 1651 O  O     . HOH D 4 .   ? 0.061   9.534   -12.640 1.00 55.68  ? 265 HOH A O     1 
HETATM 1652 O  O     . HOH D 4 .   ? -12.779 15.108  -0.416  1.00 47.10  ? 266 HOH A O     1 
HETATM 1653 O  O     . HOH D 4 .   ? -6.953  16.857  -6.331  1.00 53.03  ? 267 HOH A O     1 
HETATM 1654 O  O     . HOH D 4 .   ? 17.773  5.499   4.423   1.00 63.20  ? 268 HOH A O     1 
HETATM 1655 O  O     . HOH D 4 .   ? 2.167   2.608   13.140  1.00 56.52  ? 269 HOH A O     1 
HETATM 1656 O  O     . HOH D 4 .   ? -5.221  21.115  -2.924  1.00 68.63  ? 270 HOH A O     1 
HETATM 1657 O  O     . HOH D 4 .   ? 1.733   15.079  11.714  1.00 59.21  ? 271 HOH A O     1 
HETATM 1658 O  O     . HOH D 4 .   ? -3.165  -14.394 -4.824  1.00 50.38  ? 272 HOH A O     1 
HETATM 1659 O  O     . HOH D 4 .   ? 5.627   -14.876 -7.046  1.00 56.90  ? 273 HOH A O     1 
HETATM 1660 O  O     . HOH D 4 .   ? 3.186   -17.903 -4.044  1.00 60.97  ? 274 HOH A O     1 
HETATM 1661 O  O     . HOH D 4 .   ? -7.461  6.214   -16.677 1.00 50.17  ? 275 HOH A O     1 
HETATM 1662 O  O     . HOH D 4 .   ? -1.839  10.369  -16.691 1.00 63.09  ? 276 HOH A O     1 
HETATM 1663 O  O     . HOH D 4 .   ? 7.204   11.184  -7.659  1.00 57.92  ? 277 HOH A O     1 
HETATM 1664 O  O     . HOH D 4 .   ? -9.435  -7.316  -1.819  1.00 53.64  ? 278 HOH A O     1 
HETATM 1665 O  O     . HOH D 4 .   ? -17.475 13.245  -1.138  1.00 69.58  ? 279 HOH A O     1 
HETATM 1666 O  O     . HOH D 4 .   ? 6.626   7.471   -9.098  1.00 34.41  ? 280 HOH A O     1 
HETATM 1667 O  O     . HOH D 4 .   ? 8.806   8.483   -7.270  1.00 40.59  ? 281 HOH A O     1 
HETATM 1668 O  O     . HOH D 4 .   ? 9.056   5.798   -8.889  1.00 37.82  ? 282 HOH A O     1 
HETATM 1669 O  O     . HOH D 4 .   ? 6.718   4.819   -7.878  1.00 33.36  ? 283 HOH A O     1 
# 
